data_4H29
# 
_entry.id   4H29 
# 
_audit_conform.dict_name       mmcif_pdbx.dic 
_audit_conform.dict_version    5.387 
_audit_conform.dict_location   http://mmcif.pdb.org/dictionaries/ascii/mmcif_pdbx.dic 
# 
loop_
_database_2.database_id 
_database_2.database_code 
_database_2.pdbx_database_accession 
_database_2.pdbx_DOI 
PDB   4H29         pdb_00004h29 10.2210/pdb4h29/pdb 
NDB   NA2037       ?            ?                   
RCSB  RCSB074927   ?            ?                   
WWPDB D_1000074927 ?            ?                   
# 
loop_
_pdbx_audit_revision_history.ordinal 
_pdbx_audit_revision_history.data_content_type 
_pdbx_audit_revision_history.major_revision 
_pdbx_audit_revision_history.minor_revision 
_pdbx_audit_revision_history.revision_date 
1 'Structure model' 1 0 2013-07-31 
2 'Structure model' 1 1 2014-01-08 
3 'Structure model' 1 2 2024-02-28 
# 
_pdbx_audit_revision_details.ordinal             1 
_pdbx_audit_revision_details.revision_ordinal    1 
_pdbx_audit_revision_details.data_content_type   'Structure model' 
_pdbx_audit_revision_details.provider            repository 
_pdbx_audit_revision_details.type                'Initial release' 
_pdbx_audit_revision_details.description         ? 
_pdbx_audit_revision_details.details             ? 
# 
loop_
_pdbx_audit_revision_group.ordinal 
_pdbx_audit_revision_group.revision_ordinal 
_pdbx_audit_revision_group.data_content_type 
_pdbx_audit_revision_group.group 
1 2 'Structure model' 'Database references'  
2 3 'Structure model' 'Data collection'      
3 3 'Structure model' 'Database references'  
4 3 'Structure model' 'Derived calculations' 
# 
loop_
_pdbx_audit_revision_category.ordinal 
_pdbx_audit_revision_category.revision_ordinal 
_pdbx_audit_revision_category.data_content_type 
_pdbx_audit_revision_category.category 
1 3 'Structure model' chem_comp_atom         
2 3 'Structure model' chem_comp_bond         
3 3 'Structure model' database_2             
4 3 'Structure model' pdbx_struct_conn_angle 
5 3 'Structure model' struct_conn            
6 3 'Structure model' struct_site            
# 
loop_
_pdbx_audit_revision_item.ordinal 
_pdbx_audit_revision_item.revision_ordinal 
_pdbx_audit_revision_item.data_content_type 
_pdbx_audit_revision_item.item 
1  3 'Structure model' '_database_2.pdbx_DOI'                        
2  3 'Structure model' '_database_2.pdbx_database_accession'         
3  3 'Structure model' '_pdbx_struct_conn_angle.ptnr1_auth_asym_id'  
4  3 'Structure model' '_pdbx_struct_conn_angle.ptnr1_auth_seq_id'   
5  3 'Structure model' '_pdbx_struct_conn_angle.ptnr1_label_asym_id' 
6  3 'Structure model' '_pdbx_struct_conn_angle.ptnr1_label_seq_id'  
7  3 'Structure model' '_pdbx_struct_conn_angle.ptnr2_auth_seq_id'   
8  3 'Structure model' '_pdbx_struct_conn_angle.ptnr2_label_asym_id' 
9  3 'Structure model' '_pdbx_struct_conn_angle.ptnr3_auth_asym_id'  
10 3 'Structure model' '_pdbx_struct_conn_angle.ptnr3_auth_seq_id'   
11 3 'Structure model' '_pdbx_struct_conn_angle.ptnr3_label_asym_id' 
12 3 'Structure model' '_pdbx_struct_conn_angle.ptnr3_label_seq_id'  
13 3 'Structure model' '_pdbx_struct_conn_angle.value'               
14 3 'Structure model' '_struct_conn.pdbx_dist_value'                
15 3 'Structure model' '_struct_conn.ptnr1_auth_asym_id'             
16 3 'Structure model' '_struct_conn.ptnr1_auth_comp_id'             
17 3 'Structure model' '_struct_conn.ptnr1_auth_seq_id'              
18 3 'Structure model' '_struct_conn.ptnr1_label_asym_id'            
19 3 'Structure model' '_struct_conn.ptnr1_label_atom_id'            
20 3 'Structure model' '_struct_conn.ptnr1_label_comp_id'            
21 3 'Structure model' '_struct_conn.ptnr1_label_seq_id'             
22 3 'Structure model' '_struct_conn.ptnr2_auth_asym_id'             
23 3 'Structure model' '_struct_conn.ptnr2_auth_comp_id'             
24 3 'Structure model' '_struct_conn.ptnr2_auth_seq_id'              
25 3 'Structure model' '_struct_conn.ptnr2_label_asym_id'            
26 3 'Structure model' '_struct_conn.ptnr2_label_atom_id'            
27 3 'Structure model' '_struct_conn.ptnr2_label_comp_id'            
28 3 'Structure model' '_struct_conn.ptnr2_label_seq_id'             
29 3 'Structure model' '_struct_site.pdbx_auth_asym_id'              
30 3 'Structure model' '_struct_site.pdbx_auth_comp_id'              
31 3 'Structure model' '_struct_site.pdbx_auth_seq_id'               
# 
_pdbx_database_status.status_code                     REL 
_pdbx_database_status.entry_id                        4H29 
_pdbx_database_status.recvd_initial_deposition_date   2012-09-12 
_pdbx_database_status.deposit_site                    RCSB 
_pdbx_database_status.process_site                    RCSB 
_pdbx_database_status.status_code_sf                  REL 
_pdbx_database_status.status_code_mr                  ? 
_pdbx_database_status.SG_entry                        ? 
_pdbx_database_status.status_code_cs                  ? 
_pdbx_database_status.methods_development_category    ? 
_pdbx_database_status.pdb_format_compatible           Y 
_pdbx_database_status.status_code_nmr_data            ? 
# 
loop_
_audit_author.name 
_audit_author.pdbx_ordinal 
'Wei, D.'       1 
'Parkinson, G.' 2 
'Neidle, S.'    3 
# 
_citation.id                        primary 
_citation.title                     
'Crystal Structure of a Promoter Sequence in the B-raf Gene Reveals an Intertwined Dimer Quadruplex.' 
_citation.journal_abbrev            J.Am.Chem.Soc. 
_citation.journal_volume            135 
_citation.page_first                19319 
_citation.page_last                 19329 
_citation.year                      2013 
_citation.journal_id_ASTM           JACSAT 
_citation.country                   US 
_citation.journal_id_ISSN           0002-7863 
_citation.journal_id_CSD            0004 
_citation.book_publisher            ? 
_citation.pdbx_database_id_PubMed   24295054 
_citation.pdbx_database_id_DOI      10.1021/ja4101358 
# 
loop_
_citation_author.citation_id 
_citation_author.name 
_citation_author.ordinal 
_citation_author.identifier_ORCID 
primary 'Wei, D.'         1 ? 
primary 'Todd, A.K.'      2 ? 
primary 'Zloh, M.'        3 ? 
primary 'Gunaratnam, M.'  4 ? 
primary 'Parkinson, G.N.' 5 ? 
primary 'Neidle, S.'      6 ? 
# 
loop_
_entity.id 
_entity.type 
_entity.src_method 
_entity.pdbx_description 
_entity.formula_weight 
_entity.pdbx_number_of_molecules 
_entity.pdbx_ec 
_entity.pdbx_mutation 
_entity.pdbx_fragment 
_entity.details 
1 polymer     syn 
;DNA (5'-D(*GP*GP*GP*CP*GP*GP*GP*GP*AP*GP*GP*GP*GP*GP*AP*AP*GP*GP*GP*A)-3')
;
6435.140 2  ? ? ? 'B-raf quadruplex DNA' 
2 non-polymer syn 'POTASSIUM ION'                                                              39.098   6  ? ? ? ? 
3 water       nat water                                                                        18.015   32 ? ? ? ? 
# 
_entity_poly.entity_id                      1 
_entity_poly.type                           polydeoxyribonucleotide 
_entity_poly.nstd_linkage                   no 
_entity_poly.nstd_monomer                   no 
_entity_poly.pdbx_seq_one_letter_code       '(DG)(DG)(DG)(DC)(DG)(DG)(DG)(DG)(DA)(DG)(DG)(DG)(DG)(DG)(DA)(DA)(DG)(DG)(DG)(DA)' 
_entity_poly.pdbx_seq_one_letter_code_can   GGGCGGGGAGGGGGAAGGGA 
_entity_poly.pdbx_strand_id                 A,B 
_entity_poly.pdbx_target_identifier         ? 
# 
loop_
_pdbx_entity_nonpoly.entity_id 
_pdbx_entity_nonpoly.name 
_pdbx_entity_nonpoly.comp_id 
2 'POTASSIUM ION' K   
3 water           HOH 
# 
loop_
_entity_poly_seq.entity_id 
_entity_poly_seq.num 
_entity_poly_seq.mon_id 
_entity_poly_seq.hetero 
1 1  DG n 
1 2  DG n 
1 3  DG n 
1 4  DC n 
1 5  DG n 
1 6  DG n 
1 7  DG n 
1 8  DG n 
1 9  DA n 
1 10 DG n 
1 11 DG n 
1 12 DG n 
1 13 DG n 
1 14 DG n 
1 15 DA n 
1 16 DA n 
1 17 DG n 
1 18 DG n 
1 19 DG n 
1 20 DA n 
# 
_pdbx_entity_src_syn.entity_id              1 
_pdbx_entity_src_syn.pdbx_src_id            1 
_pdbx_entity_src_syn.pdbx_alt_source_flag   sample 
_pdbx_entity_src_syn.pdbx_beg_seq_num       ? 
_pdbx_entity_src_syn.pdbx_end_seq_num       ? 
_pdbx_entity_src_syn.organism_scientific    'Homo sapiens' 
_pdbx_entity_src_syn.organism_common_name   ? 
_pdbx_entity_src_syn.ncbi_taxonomy_id       9606 
_pdbx_entity_src_syn.details                'This sequence occurs naturally in humans' 
# 
loop_
_chem_comp.id 
_chem_comp.type 
_chem_comp.mon_nstd_flag 
_chem_comp.name 
_chem_comp.pdbx_synonyms 
_chem_comp.formula 
_chem_comp.formula_weight 
DA  'DNA linking' y "2'-DEOXYADENOSINE-5'-MONOPHOSPHATE" ? 'C10 H14 N5 O6 P' 331.222 
DC  'DNA linking' y "2'-DEOXYCYTIDINE-5'-MONOPHOSPHATE"  ? 'C9 H14 N3 O7 P'  307.197 
DG  'DNA linking' y "2'-DEOXYGUANOSINE-5'-MONOPHOSPHATE" ? 'C10 H14 N5 O7 P' 347.221 
HOH non-polymer   . WATER                                ? 'H2 O'            18.015  
K   non-polymer   . 'POTASSIUM ION'                      ? 'K 1'             39.098  
# 
loop_
_pdbx_poly_seq_scheme.asym_id 
_pdbx_poly_seq_scheme.entity_id 
_pdbx_poly_seq_scheme.seq_id 
_pdbx_poly_seq_scheme.mon_id 
_pdbx_poly_seq_scheme.ndb_seq_num 
_pdbx_poly_seq_scheme.pdb_seq_num 
_pdbx_poly_seq_scheme.auth_seq_num 
_pdbx_poly_seq_scheme.pdb_mon_id 
_pdbx_poly_seq_scheme.auth_mon_id 
_pdbx_poly_seq_scheme.pdb_strand_id 
_pdbx_poly_seq_scheme.pdb_ins_code 
_pdbx_poly_seq_scheme.hetero 
A 1 1  DG 1  1  1  DG DG A . n 
A 1 2  DG 2  2  2  DG DG A . n 
A 1 3  DG 3  3  3  DG DG A . n 
A 1 4  DC 4  4  4  DC DC A . n 
A 1 5  DG 5  5  5  DG DG A . n 
A 1 6  DG 6  6  6  DG DG A . n 
A 1 7  DG 7  7  7  DG DG A . n 
A 1 8  DG 8  8  8  DG DG A . n 
A 1 9  DA 9  9  9  DA DA A . n 
A 1 10 DG 10 10 10 DG DG A . n 
A 1 11 DG 11 11 11 DG DG A . n 
A 1 12 DG 12 12 12 DG DG A . n 
A 1 13 DG 13 13 13 DG DG A . n 
A 1 14 DG 14 14 14 DG DG A . n 
A 1 15 DA 15 15 15 DA DA A . n 
A 1 16 DA 16 16 16 DA DA A . n 
A 1 17 DG 17 17 17 DG DG A . n 
A 1 18 DG 18 18 18 DG DG A . n 
A 1 19 DG 19 19 19 DG DG A . n 
A 1 20 DA 20 20 20 DA DA A . n 
B 1 1  DG 1  1  1  DG DG B . n 
B 1 2  DG 2  2  2  DG DG B . n 
B 1 3  DG 3  3  3  DG DG B . n 
B 1 4  DC 4  4  4  DC DC B . n 
B 1 5  DG 5  5  5  DG DG B . n 
B 1 6  DG 6  6  6  DG DG B . n 
B 1 7  DG 7  7  7  DG DG B . n 
B 1 8  DG 8  8  8  DG DG B . n 
B 1 9  DA 9  9  9  DA DA B . n 
B 1 10 DG 10 10 10 DG DG B . n 
B 1 11 DG 11 11 11 DG DG B . n 
B 1 12 DG 12 12 12 DG DG B . n 
B 1 13 DG 13 13 13 DG DG B . n 
B 1 14 DG 14 14 14 DG DG B . n 
B 1 15 DA 15 15 15 DA DA B . n 
B 1 16 DA 16 16 16 DA DA B . n 
B 1 17 DG 17 17 17 DG DG B . n 
B 1 18 DG 18 18 18 DG DG B . n 
B 1 19 DG 19 19 19 DG DG B . n 
B 1 20 DA 20 20 20 DA DA B . n 
# 
loop_
_pdbx_nonpoly_scheme.asym_id 
_pdbx_nonpoly_scheme.entity_id 
_pdbx_nonpoly_scheme.mon_id 
_pdbx_nonpoly_scheme.ndb_seq_num 
_pdbx_nonpoly_scheme.pdb_seq_num 
_pdbx_nonpoly_scheme.auth_seq_num 
_pdbx_nonpoly_scheme.pdb_mon_id 
_pdbx_nonpoly_scheme.auth_mon_id 
_pdbx_nonpoly_scheme.pdb_strand_id 
_pdbx_nonpoly_scheme.pdb_ins_code 
C 2 K   1  101 1  K   K   A . 
D 2 K   1  102 2  K   K   A . 
E 2 K   1  103 3  K   K   A . 
F 2 K   1  104 4  K   K   A . 
G 2 K   1  101 5  K   K   B . 
H 2 K   1  102 6  K   K   B . 
I 3 HOH 1  201 3  HOH HOH A . 
I 3 HOH 2  202 4  HOH HOH A . 
I 3 HOH 3  203 5  HOH HOH A . 
I 3 HOH 4  204 6  HOH HOH A . 
I 3 HOH 5  205 7  HOH HOH A . 
I 3 HOH 6  206 8  HOH HOH A . 
I 3 HOH 7  207 9  HOH HOH A . 
I 3 HOH 8  208 11 HOH HOH A . 
I 3 HOH 9  209 12 HOH HOH A . 
I 3 HOH 10 210 13 HOH HOH A . 
I 3 HOH 11 211 15 HOH HOH A . 
I 3 HOH 12 212 16 HOH HOH A . 
I 3 HOH 13 213 19 HOH HOH A . 
I 3 HOH 14 214 20 HOH HOH A . 
I 3 HOH 15 215 23 HOH HOH A . 
I 3 HOH 16 216 24 HOH HOH A . 
I 3 HOH 17 217 25 HOH HOH A . 
I 3 HOH 18 218 27 HOH HOH A . 
I 3 HOH 19 219 30 HOH HOH A . 
I 3 HOH 20 220 32 HOH HOH A . 
I 3 HOH 21 221 33 HOH HOH A . 
J 3 HOH 1  201 1  HOH HOH B . 
J 3 HOH 2  202 2  HOH HOH B . 
J 3 HOH 3  203 14 HOH HOH B . 
J 3 HOH 4  204 17 HOH HOH B . 
J 3 HOH 5  205 18 HOH HOH B . 
J 3 HOH 6  206 21 HOH HOH B . 
J 3 HOH 7  207 22 HOH HOH B . 
J 3 HOH 8  208 26 HOH HOH B . 
J 3 HOH 9  209 28 HOH HOH B . 
J 3 HOH 10 210 29 HOH HOH B . 
J 3 HOH 11 211 31 HOH HOH B . 
# 
loop_
_software.name 
_software.classification 
_software.version 
_software.citation_id 
_software.pdbx_ordinal 
xia2   'data scaling'   .        ? 1 
PHASES phasing          .        ? 2 
REFMAC refinement       5.5.0109 ? 3 
xia2   'data reduction' .        ? 4 
SCALA  'data scaling'   .        ? 5 
# 
_cell.entry_id           4H29 
_cell.length_a           33.460 
_cell.length_b           47.680 
_cell.length_c           137.320 
_cell.angle_alpha        90.00 
_cell.angle_beta         90.00 
_cell.angle_gamma        90.00 
_cell.Z_PDB              16 
_cell.pdbx_unique_axis   ? 
_cell.length_a_esd       ? 
_cell.length_b_esd       ? 
_cell.length_c_esd       ? 
_cell.angle_alpha_esd    ? 
_cell.angle_beta_esd     ? 
_cell.angle_gamma_esd    ? 
# 
_symmetry.entry_id                         4H29 
_symmetry.space_group_name_H-M             'C 2 2 21' 
_symmetry.pdbx_full_space_group_name_H-M   ? 
_symmetry.cell_setting                     ? 
_symmetry.Int_Tables_number                20 
_symmetry.space_group_name_Hall            ? 
# 
_exptl.entry_id          4H29 
_exptl.method            'X-RAY DIFFRACTION' 
_exptl.crystals_number   1 
# 
_exptl_crystal.id                    1 
_exptl_crystal.density_meas          ? 
_exptl_crystal.density_Matthews      2.13 
_exptl_crystal.density_percent_sol   42.19 
_exptl_crystal.description           ? 
_exptl_crystal.F_000                 ? 
_exptl_crystal.preparation           ? 
# 
_exptl_crystal_grow.crystal_id      1 
_exptl_crystal_grow.method          'VAPOR DIFFUSION, HANGING DROP' 
_exptl_crystal_grow.temp            293 
_exptl_crystal_grow.temp_details    ? 
_exptl_crystal_grow.pH              6.5 
_exptl_crystal_grow.pdbx_details    
;10% MPD, 10 mM magnesium chloride, 100 mM sodium chloride, 50 mM sodium cacodylate at pH 6.5, VAPOR DIFFUSION, HANGING DROP, temperature 293K
;
_exptl_crystal_grow.pdbx_pH_range   ? 
# 
_diffrn.id                     1 
_diffrn.ambient_temp           100 
_diffrn.ambient_temp_details   ? 
_diffrn.crystal_id             1 
# 
_diffrn_detector.diffrn_id              1 
_diffrn_detector.detector               PIXEL 
_diffrn_detector.type                   'PSI PILATUS 6M' 
_diffrn_detector.pdbx_collection_date   2012-07-28 
_diffrn_detector.details                ? 
# 
_diffrn_radiation.diffrn_id                        1 
_diffrn_radiation.wavelength_id                    1 
_diffrn_radiation.pdbx_monochromatic_or_laue_m_l   M 
_diffrn_radiation.monochromator                    ? 
_diffrn_radiation.pdbx_diffrn_protocol             'SINGLE WAVELENGTH' 
_diffrn_radiation.pdbx_scattering_type             x-ray 
# 
_diffrn_radiation_wavelength.id           1 
_diffrn_radiation_wavelength.wavelength   0.9686 
_diffrn_radiation_wavelength.wt           1.0 
# 
_diffrn_source.diffrn_id                   1 
_diffrn_source.source                      SYNCHROTRON 
_diffrn_source.type                        'DIAMOND BEAMLINE I24' 
_diffrn_source.pdbx_synchrotron_site       Diamond 
_diffrn_source.pdbx_synchrotron_beamline   I24 
_diffrn_source.pdbx_wavelength             ? 
_diffrn_source.pdbx_wavelength_list        0.9686 
# 
_reflns.entry_id                     4H29 
_reflns.observed_criterion_sigma_I   1 
_reflns.observed_criterion_sigma_F   1 
_reflns.d_resolution_low             25.44 
_reflns.d_resolution_high            1.99 
_reflns.number_obs                   7754 
_reflns.number_all                   ? 
_reflns.percent_possible_obs         ? 
_reflns.pdbx_Rmerge_I_obs            0.074 
_reflns.pdbx_Rsym_value              ? 
_reflns.pdbx_netI_over_sigmaI        ? 
_reflns.B_iso_Wilson_estimate        46.7 
_reflns.pdbx_redundancy              4.0 
_reflns.R_free_details               ? 
_reflns.limit_h_max                  ? 
_reflns.limit_h_min                  ? 
_reflns.limit_k_max                  ? 
_reflns.limit_k_min                  ? 
_reflns.limit_l_max                  ? 
_reflns.limit_l_min                  ? 
_reflns.observed_criterion_F_max     ? 
_reflns.observed_criterion_F_min     ? 
_reflns.pdbx_chi_squared             ? 
_reflns.pdbx_scaling_rejects         ? 
_reflns.pdbx_ordinal                 1 
_reflns.pdbx_diffrn_id               1 
# 
loop_
_reflns_shell.d_res_high 
_reflns_shell.d_res_low 
_reflns_shell.percent_possible_all 
_reflns_shell.Rmerge_I_obs 
_reflns_shell.pdbx_Rsym_value 
_reflns_shell.meanI_over_sigI_obs 
_reflns_shell.pdbx_redundancy 
_reflns_shell.percent_possible_obs 
_reflns_shell.number_unique_all 
_reflns_shell.number_measured_all 
_reflns_shell.number_measured_obs 
_reflns_shell.number_unique_obs 
_reflns_shell.pdbx_chi_squared 
_reflns_shell.pdbx_ordinal 
_reflns_shell.pdbx_diffrn_id 
1.99 2.04  ? 0.641 ? 1.8  4.1 ? 2285 ? ? ? ? 1 1 
8.9  25.44 ? 0.048 ? 20.7 3.3 ? 332  ? ? ? ? 2 1 
# 
_refine.entry_id                                 4H29 
_refine.ls_number_reflns_obs                     7374 
_refine.ls_number_reflns_all                     7754 
_refine.pdbx_ls_sigma_I                          ? 
_refine.pdbx_ls_sigma_F                          . 
_refine.pdbx_data_cutoff_high_absF               ? 
_refine.pdbx_data_cutoff_low_absF                ? 
_refine.pdbx_data_cutoff_high_rms_absF           ? 
_refine.ls_d_res_low                             25.44 
_refine.ls_d_res_high                            1.991 
_refine.ls_percent_reflns_obs                    99.68 
_refine.ls_R_factor_obs                          0.21412 
_refine.ls_R_factor_all                          ? 
_refine.ls_R_factor_R_work                       0.21272 
_refine.ls_R_factor_R_free                       0.24167 
_refine.ls_R_factor_R_free_error                 ? 
_refine.ls_R_factor_R_free_error_details         ? 
_refine.ls_percent_reflns_R_free                 4.6 
_refine.ls_number_reflns_R_free                  355 
_refine.ls_number_parameters                     ? 
_refine.ls_number_restraints                     ? 
_refine.occupancy_min                            ? 
_refine.occupancy_max                            ? 
_refine.correlation_coeff_Fo_to_Fc               0.963 
_refine.correlation_coeff_Fo_to_Fc_free          0.957 
_refine.B_iso_mean                               50.432 
_refine.aniso_B[1][1]                            0.01 
_refine.aniso_B[2][2]                            -0.02 
_refine.aniso_B[3][3]                            0.02 
_refine.aniso_B[1][2]                            0.00 
_refine.aniso_B[1][3]                            0.00 
_refine.aniso_B[2][3]                            0.00 
_refine.solvent_model_details                    MASK 
_refine.solvent_model_param_ksol                 ? 
_refine.solvent_model_param_bsol                 ? 
_refine.pdbx_solvent_vdw_probe_radii             1.40 
_refine.pdbx_solvent_ion_probe_radii             0.80 
_refine.pdbx_solvent_shrinkage_radii             0.80 
_refine.pdbx_ls_cross_valid_method               THROUGHOUT 
_refine.details                                  'HYDROGENS HAVE BEEN ADDED IN THE RIDING POSITIONS' 
_refine.pdbx_starting_model                      ? 
_refine.pdbx_method_to_determine_struct          'MOLECULAR REPLACEMENT' 
_refine.pdbx_isotropic_thermal_model             ? 
_refine.pdbx_stereochemistry_target_values       'MAXIMUM LIKELIHOOD' 
_refine.pdbx_stereochem_target_val_spec_case     ? 
_refine.pdbx_R_Free_selection_details            RANDOM 
_refine.pdbx_overall_ESU_R                       0.210 
_refine.pdbx_overall_ESU_R_Free                  0.171 
_refine.overall_SU_ML                            0.130 
_refine.pdbx_overall_phase_error                 ? 
_refine.overall_SU_B                             4.863 
_refine.overall_SU_R_Cruickshank_DPI             ? 
_refine.ls_redundancy_reflns_obs                 ? 
_refine.B_iso_min                                ? 
_refine.B_iso_max                                ? 
_refine.overall_SU_R_free                        ? 
_refine.ls_wR_factor_R_free                      ? 
_refine.ls_wR_factor_R_work                      ? 
_refine.overall_FOM_free_R_set                   ? 
_refine.overall_FOM_work_R_set                   ? 
_refine.pdbx_diffrn_id                           1 
_refine.pdbx_refine_id                           'X-RAY DIFFRACTION' 
_refine.pdbx_TLS_residual_ADP_flag               ? 
_refine.pdbx_overall_SU_R_free_Cruickshank_DPI   ? 
_refine.pdbx_overall_SU_R_Blow_DPI               ? 
_refine.pdbx_overall_SU_R_free_Blow_DPI          ? 
# 
_refine_hist.pdbx_refine_id                   'X-RAY DIFFRACTION' 
_refine_hist.cycle_id                         LAST 
_refine_hist.pdbx_number_atoms_protein        0 
_refine_hist.pdbx_number_atoms_nucleic_acid   860 
_refine_hist.pdbx_number_atoms_ligand         6 
_refine_hist.number_atoms_solvent             32 
_refine_hist.number_atoms_total               898 
_refine_hist.d_res_high                       1.991 
_refine_hist.d_res_low                        25.44 
# 
loop_
_refine_ls_restr.type 
_refine_ls_restr.dev_ideal 
_refine_ls_restr.dev_ideal_target 
_refine_ls_restr.weight 
_refine_ls_restr.number 
_refine_ls_restr.pdbx_restraint_function 
_refine_ls_restr.pdbx_refine_id 
r_bond_refined_d             0.008 0.021 ? 976  ? 'X-RAY DIFFRACTION' 
r_bond_other_d               ?     ?     ? ?    ? 'X-RAY DIFFRACTION' 
r_angle_refined_deg          0.860 3.000 ? 1514 ? 'X-RAY DIFFRACTION' 
r_angle_other_deg            ?     ?     ? ?    ? 'X-RAY DIFFRACTION' 
r_dihedral_angle_1_deg       ?     ?     ? ?    ? 'X-RAY DIFFRACTION' 
r_dihedral_angle_2_deg       ?     ?     ? ?    ? 'X-RAY DIFFRACTION' 
r_dihedral_angle_3_deg       ?     ?     ? ?    ? 'X-RAY DIFFRACTION' 
r_dihedral_angle_4_deg       ?     ?     ? ?    ? 'X-RAY DIFFRACTION' 
r_chiral_restr               0.059 0.200 ? 158  ? 'X-RAY DIFFRACTION' 
r_gen_planes_refined         0.015 0.020 ? 466  ? 'X-RAY DIFFRACTION' 
r_gen_planes_other           ?     ?     ? ?    ? 'X-RAY DIFFRACTION' 
r_nbd_refined                ?     ?     ? ?    ? 'X-RAY DIFFRACTION' 
r_nbd_other                  ?     ?     ? ?    ? 'X-RAY DIFFRACTION' 
r_nbtor_refined              ?     ?     ? ?    ? 'X-RAY DIFFRACTION' 
r_nbtor_other                ?     ?     ? ?    ? 'X-RAY DIFFRACTION' 
r_xyhbond_nbd_refined        ?     ?     ? ?    ? 'X-RAY DIFFRACTION' 
r_xyhbond_nbd_other          ?     ?     ? ?    ? 'X-RAY DIFFRACTION' 
r_metal_ion_refined          ?     ?     ? ?    ? 'X-RAY DIFFRACTION' 
r_metal_ion_other            ?     ?     ? ?    ? 'X-RAY DIFFRACTION' 
r_symmetry_vdw_refined       ?     ?     ? ?    ? 'X-RAY DIFFRACTION' 
r_symmetry_vdw_other         ?     ?     ? ?    ? 'X-RAY DIFFRACTION' 
r_symmetry_hbond_refined     ?     ?     ? ?    ? 'X-RAY DIFFRACTION' 
r_symmetry_hbond_other       ?     ?     ? ?    ? 'X-RAY DIFFRACTION' 
r_symmetry_metal_ion_refined ?     ?     ? ?    ? 'X-RAY DIFFRACTION' 
r_symmetry_metal_ion_other   ?     ?     ? ?    ? 'X-RAY DIFFRACTION' 
r_mcbond_it                  ?     ?     ? ?    ? 'X-RAY DIFFRACTION' 
r_mcbond_other               ?     ?     ? ?    ? 'X-RAY DIFFRACTION' 
r_mcangle_it                 ?     ?     ? ?    ? 'X-RAY DIFFRACTION' 
r_scbond_it                  4.789 3.000 ? 976  ? 'X-RAY DIFFRACTION' 
r_scangle_it                 6.668 4.500 ? 1514 ? 'X-RAY DIFFRACTION' 
r_rigid_bond_restr           ?     ?     ? ?    ? 'X-RAY DIFFRACTION' 
r_sphericity_free            ?     ?     ? ?    ? 'X-RAY DIFFRACTION' 
r_sphericity_bonded          ?     ?     ? ?    ? 'X-RAY DIFFRACTION' 
# 
_refine_ls_shell.pdbx_total_number_of_bins_used   20 
_refine_ls_shell.d_res_high                       1.991 
_refine_ls_shell.d_res_low                        2.042 
_refine_ls_shell.number_reflns_R_work             524 
_refine_ls_shell.R_factor_R_work                  0.438 
_refine_ls_shell.percent_reflns_obs               100.00 
_refine_ls_shell.R_factor_R_free                  0.431 
_refine_ls_shell.R_factor_R_free_error            ? 
_refine_ls_shell.percent_reflns_R_free            ? 
_refine_ls_shell.number_reflns_R_free             26 
_refine_ls_shell.number_reflns_all                ? 
_refine_ls_shell.R_factor_all                     ? 
_refine_ls_shell.number_reflns_obs                ? 
_refine_ls_shell.redundancy_reflns_obs            ? 
_refine_ls_shell.pdbx_refine_id                   'X-RAY DIFFRACTION' 
# 
_struct.entry_id                  4H29 
_struct.title                     'B-raf dimer DNA quadruplex' 
_struct.pdbx_model_details        ? 
_struct.pdbx_CASP_flag            ? 
_struct.pdbx_model_type_details   ? 
# 
_struct_keywords.entry_id        4H29 
_struct_keywords.pdbx_keywords   DNA 
_struct_keywords.text            'B-raf quadruplex DNA, DNA' 
# 
loop_
_struct_asym.id 
_struct_asym.pdbx_blank_PDB_chainid_flag 
_struct_asym.pdbx_modified 
_struct_asym.entity_id 
_struct_asym.details 
A N N 1 ? 
B N N 1 ? 
C N N 2 ? 
D N N 2 ? 
E N N 2 ? 
F N N 2 ? 
G N N 2 ? 
H N N 2 ? 
I N N 3 ? 
J N N 3 ? 
# 
_struct_ref.id                         1 
_struct_ref.db_name                    PDB 
_struct_ref.db_code                    4H29 
_struct_ref.pdbx_db_accession          4H29 
_struct_ref.entity_id                  1 
_struct_ref.pdbx_align_begin           ? 
_struct_ref.pdbx_seq_one_letter_code   ? 
_struct_ref.pdbx_db_isoform            ? 
# 
loop_
_struct_ref_seq.align_id 
_struct_ref_seq.ref_id 
_struct_ref_seq.pdbx_PDB_id_code 
_struct_ref_seq.pdbx_strand_id 
_struct_ref_seq.seq_align_beg 
_struct_ref_seq.pdbx_seq_align_beg_ins_code 
_struct_ref_seq.seq_align_end 
_struct_ref_seq.pdbx_seq_align_end_ins_code 
_struct_ref_seq.pdbx_db_accession 
_struct_ref_seq.db_align_beg 
_struct_ref_seq.pdbx_db_align_beg_ins_code 
_struct_ref_seq.db_align_end 
_struct_ref_seq.pdbx_db_align_end_ins_code 
_struct_ref_seq.pdbx_auth_seq_align_beg 
_struct_ref_seq.pdbx_auth_seq_align_end 
1 1 4H29 A 1 ? 20 ? 4H29 1 ? 20 ? 1 20 
2 1 4H29 B 1 ? 20 ? 4H29 1 ? 20 ? 1 20 
# 
_pdbx_struct_assembly.id                   1 
_pdbx_struct_assembly.details              author_and_software_defined_assembly 
_pdbx_struct_assembly.method_details       PISA 
_pdbx_struct_assembly.oligomeric_details   dimeric 
_pdbx_struct_assembly.oligomeric_count     2 
# 
loop_
_pdbx_struct_assembly_prop.biol_id 
_pdbx_struct_assembly_prop.type 
_pdbx_struct_assembly_prop.value 
_pdbx_struct_assembly_prop.details 
1 'ABSA (A^2)' 1990 ? 
1 MORE         -3   ? 
1 'SSA (A^2)'  6500 ? 
# 
_pdbx_struct_assembly_gen.assembly_id       1 
_pdbx_struct_assembly_gen.oper_expression   1 
_pdbx_struct_assembly_gen.asym_id_list      A,B,C,D,E,F,G,H,I,J 
# 
_pdbx_struct_oper_list.id                   1 
_pdbx_struct_oper_list.type                 'identity operation' 
_pdbx_struct_oper_list.name                 1_555 
_pdbx_struct_oper_list.symmetry_operation   x,y,z 
_pdbx_struct_oper_list.matrix[1][1]         1.0000000000 
_pdbx_struct_oper_list.matrix[1][2]         0.0000000000 
_pdbx_struct_oper_list.matrix[1][3]         0.0000000000 
_pdbx_struct_oper_list.vector[1]            0.0000000000 
_pdbx_struct_oper_list.matrix[2][1]         0.0000000000 
_pdbx_struct_oper_list.matrix[2][2]         1.0000000000 
_pdbx_struct_oper_list.matrix[2][3]         0.0000000000 
_pdbx_struct_oper_list.vector[2]            0.0000000000 
_pdbx_struct_oper_list.matrix[3][1]         0.0000000000 
_pdbx_struct_oper_list.matrix[3][2]         0.0000000000 
_pdbx_struct_oper_list.matrix[3][3]         1.0000000000 
_pdbx_struct_oper_list.vector[3]            0.0000000000 
# 
_struct_biol.id        1 
_struct_biol.details   ? 
# 
loop_
_struct_conn.id 
_struct_conn.conn_type_id 
_struct_conn.pdbx_leaving_atom_flag 
_struct_conn.pdbx_PDB_id 
_struct_conn.ptnr1_label_asym_id 
_struct_conn.ptnr1_label_comp_id 
_struct_conn.ptnr1_label_seq_id 
_struct_conn.ptnr1_label_atom_id 
_struct_conn.pdbx_ptnr1_label_alt_id 
_struct_conn.pdbx_ptnr1_PDB_ins_code 
_struct_conn.pdbx_ptnr1_standard_comp_id 
_struct_conn.ptnr1_symmetry 
_struct_conn.ptnr2_label_asym_id 
_struct_conn.ptnr2_label_comp_id 
_struct_conn.ptnr2_label_seq_id 
_struct_conn.ptnr2_label_atom_id 
_struct_conn.pdbx_ptnr2_label_alt_id 
_struct_conn.pdbx_ptnr2_PDB_ins_code 
_struct_conn.ptnr1_auth_asym_id 
_struct_conn.ptnr1_auth_comp_id 
_struct_conn.ptnr1_auth_seq_id 
_struct_conn.ptnr2_auth_asym_id 
_struct_conn.ptnr2_auth_comp_id 
_struct_conn.ptnr2_auth_seq_id 
_struct_conn.ptnr2_symmetry 
_struct_conn.pdbx_ptnr3_label_atom_id 
_struct_conn.pdbx_ptnr3_label_seq_id 
_struct_conn.pdbx_ptnr3_label_comp_id 
_struct_conn.pdbx_ptnr3_label_asym_id 
_struct_conn.pdbx_ptnr3_label_alt_id 
_struct_conn.pdbx_ptnr3_PDB_ins_code 
_struct_conn.details 
_struct_conn.pdbx_dist_value 
_struct_conn.pdbx_value_order 
_struct_conn.pdbx_role 
metalc1  metalc ? ? A DG 1  O6 ? ? ? 1_555 G K  .  K  ? ? A DG 1   B K  101 1_555 ? ? ? ? ? ? ?                       2.751 ? ? 
metalc2  metalc ? ? A DG 1  O6 ? ? ? 1_555 H K  .  K  ? ? A DG 1   B K  102 1_555 ? ? ? ? ? ? ?                       2.954 ? ? 
metalc3  metalc ? ? A DG 2  O6 ? ? ? 1_555 H K  .  K  ? ? A DG 2   B K  102 1_555 ? ? ? ? ? ? ?                       2.645 ? ? 
metalc4  metalc ? ? A DG 5  O6 ? ? ? 1_555 H K  .  K  ? ? A DG 5   B K  102 1_555 ? ? ? ? ? ? ?                       2.486 ? ? 
metalc5  metalc ? ? A DG 6  O6 ? ? ? 1_555 G K  .  K  ? ? A DG 6   B K  101 1_555 ? ? ? ? ? ? ?                       2.708 ? ? 
metalc6  metalc ? ? A DG 6  O6 ? ? ? 1_555 H K  .  K  ? ? A DG 6   B K  102 1_555 ? ? ? ? ? ? ?                       3.059 ? ? 
metalc7  metalc ? ? A DG 7  O6 ? ? ? 1_555 F K  .  K  ? ? A DG 7   A K  104 1_555 ? ? ? ? ? ? ?                       2.696 ? ? 
metalc8  metalc ? ? A DG 7  O6 ? ? ? 1_555 G K  .  K  ? ? A DG 7   B K  101 1_555 ? ? ? ? ? ? ?                       2.898 ? ? 
metalc9  metalc ? ? A DG 8  O6 ? ? ? 1_555 C K  .  K  ? ? A DG 8   A K  101 1_555 ? ? ? ? ? ? ?                       2.864 ? ? 
metalc10 metalc ? ? A DG 8  O6 ? ? ? 1_555 F K  .  K  ? ? A DG 8   A K  104 1_555 ? ? ? ? ? ? ?                       2.867 ? ? 
metalc11 metalc ? ? A DG 10 O6 ? ? ? 1_555 F K  .  K  ? ? A DG 10  A K  104 1_555 ? ? ? ? ? ? ?                       3.064 ? ? 
metalc12 metalc ? ? A DG 10 O6 ? ? ? 1_555 G K  .  K  ? ? A DG 10  B K  101 1_555 ? ? ? ? ? ? ?                       2.847 ? ? 
metalc13 metalc ? ? A DG 11 O6 ? ? ? 1_555 C K  .  K  ? ? A DG 11  A K  101 1_555 ? ? ? ? ? ? ?                       2.825 ? ? 
metalc14 metalc ? ? A DG 11 O6 ? ? ? 1_555 F K  .  K  ? ? A DG 11  A K  104 1_555 ? ? ? ? ? ? ?                       2.868 ? ? 
metalc15 metalc ? ? A DG 12 O6 ? ? ? 1_555 C K  .  K  ? ? A DG 12  A K  101 1_555 ? ? ? ? ? ? ?                       2.769 ? ? 
metalc16 metalc ? ? A DG 12 O6 ? ? ? 1_555 D K  .  K  ? ? A DG 12  A K  102 1_555 ? ? ? ? ? ? ?                       2.840 ? ? 
metalc17 metalc ? ? A DG 13 O6 ? ? ? 1_555 D K  .  K  ? ? A DG 13  A K  102 1_555 ? ? ? ? ? ? ?                       2.741 ? ? 
metalc18 metalc ? ? A DG 13 O6 ? ? ? 1_555 E K  .  K  ? ? A DG 13  A K  103 1_555 ? ? ? ? ? ? ?                       2.882 ? ? 
metalc19 metalc ? ? A DG 14 O6 ? ? ? 1_555 E K  .  K  ? ? A DG 14  A K  103 1_555 ? ? ? ? ? ? ?                       2.629 ? ? 
metalc20 metalc ? ? A DG 17 O6 ? ? ? 1_555 C K  .  K  ? ? A DG 17  A K  101 1_555 ? ? ? ? ? ? ?                       2.729 ? ? 
metalc21 metalc ? ? A DG 17 O6 ? ? ? 1_555 D K  .  K  ? ? A DG 17  A K  102 1_555 ? ? ? ? ? ? ?                       2.885 ? ? 
metalc22 metalc ? ? A DG 18 O6 ? ? ? 1_555 D K  .  K  ? ? A DG 18  A K  102 1_555 ? ? ? ? ? ? ?                       2.861 ? ? 
metalc23 metalc ? ? A DG 18 O6 ? ? ? 1_555 E K  .  K  ? ? A DG 18  A K  103 1_555 ? ? ? ? ? ? ?                       3.021 ? ? 
metalc24 metalc ? ? A DG 19 O6 ? ? ? 1_555 E K  .  K  ? ? A DG 19  A K  103 1_555 ? ? ? ? ? ? ?                       2.736 ? ? 
metalc25 metalc ? ? C K  .  K  ? ? ? 1_555 B DG 8  O6 ? ? A K  101 B DG 8   1_555 ? ? ? ? ? ? ?                       2.737 ? ? 
metalc26 metalc ? ? C K  .  K  ? ? ? 1_555 B DG 11 O6 ? ? A K  101 B DG 11  1_555 ? ? ? ? ? ? ?                       2.779 ? ? 
metalc27 metalc ? ? C K  .  K  ? ? ? 1_555 B DG 12 O6 ? ? A K  101 B DG 12  1_555 ? ? ? ? ? ? ?                       2.804 ? ? 
metalc28 metalc ? ? C K  .  K  ? ? ? 1_555 B DG 17 O6 ? ? A K  101 B DG 17  1_555 ? ? ? ? ? ? ?                       2.816 ? ? 
metalc29 metalc ? ? D K  .  K  ? ? ? 1_555 B DG 12 O6 ? ? A K  102 B DG 12  1_555 ? ? ? ? ? ? ?                       2.749 ? ? 
metalc30 metalc ? ? D K  .  K  ? ? ? 1_555 B DG 13 O6 ? ? A K  102 B DG 13  1_555 ? ? ? ? ? ? ?                       2.854 ? ? 
metalc31 metalc ? ? D K  .  K  ? ? ? 1_555 B DG 17 O6 ? ? A K  102 B DG 17  1_555 ? ? ? ? ? ? ?                       2.895 ? ? 
metalc32 metalc ? ? D K  .  K  ? ? ? 1_555 B DG 18 O6 ? ? A K  102 B DG 18  1_555 ? ? ? ? ? ? ?                       2.801 ? ? 
metalc33 metalc ? ? E K  .  K  ? ? ? 1_555 B DG 13 O6 ? ? A K  103 B DG 13  1_555 ? ? ? ? ? ? ?                       2.887 ? ? 
metalc34 metalc ? ? E K  .  K  ? ? ? 1_555 B DG 14 O6 ? ? A K  103 B DG 14  1_555 ? ? ? ? ? ? ?                       2.694 ? ? 
metalc35 metalc ? ? E K  .  K  ? ? ? 1_555 B DG 18 O6 ? ? A K  103 B DG 18  1_555 ? ? ? ? ? ? ?                       3.018 ? ? 
metalc36 metalc ? ? E K  .  K  ? ? ? 1_555 B DG 19 O6 ? ? A K  103 B DG 19  1_555 ? ? ? ? ? ? ?                       2.535 ? ? 
metalc37 metalc ? ? F K  .  K  ? ? ? 1_555 B DG 7  O6 ? ? A K  104 B DG 7   1_555 ? ? ? ? ? ? ?                       2.765 ? ? 
metalc38 metalc ? ? F K  .  K  ? ? ? 1_555 B DG 8  O6 ? ? A K  104 B DG 8   1_555 ? ? ? ? ? ? ?                       2.864 ? ? 
metalc39 metalc ? ? F K  .  K  ? ? ? 1_555 B DG 10 O6 ? ? A K  104 B DG 10  1_555 ? ? ? ? ? ? ?                       2.802 ? ? 
metalc40 metalc ? ? F K  .  K  ? ? ? 1_555 B DG 11 O6 ? ? A K  104 B DG 11  1_555 ? ? ? ? ? ? ?                       2.818 ? ? 
metalc41 metalc ? ? B DG 1  O6 ? ? ? 1_555 G K  .  K  ? ? B DG 1   B K  101 1_555 ? ? ? ? ? ? ?                       2.696 ? ? 
metalc42 metalc ? ? B DG 1  O6 ? ? ? 1_555 H K  .  K  ? ? B DG 1   B K  102 1_555 ? ? ? ? ? ? ?                       2.958 ? ? 
metalc43 metalc ? ? B DG 2  O6 ? ? ? 1_555 H K  .  K  ? ? B DG 2   B K  102 1_555 ? ? ? ? ? ? ?                       2.706 ? ? 
metalc44 metalc ? ? B DG 5  O6 ? ? ? 1_555 H K  .  K  ? ? B DG 5   B K  102 1_555 ? ? ? ? ? ? ?                       2.416 ? ? 
metalc45 metalc ? ? B DG 6  O6 ? ? ? 1_555 G K  .  K  ? ? B DG 6   B K  101 1_555 ? ? ? ? ? ? ?                       2.520 ? ? 
metalc46 metalc ? ? B DG 6  O6 ? ? ? 1_555 H K  .  K  ? ? B DG 6   B K  102 1_555 ? ? ? ? ? ? ?                       2.976 ? ? 
metalc47 metalc ? ? B DG 7  O6 ? ? ? 1_555 G K  .  K  ? ? B DG 7   B K  101 1_555 ? ? ? ? ? ? ?                       2.908 ? ? 
metalc48 metalc ? ? B DG 10 O6 ? ? ? 1_555 G K  .  K  ? ? B DG 10  B K  101 1_555 ? ? ? ? ? ? ?                       2.785 ? ? 
hydrog1  hydrog ? ? A DG 1  N7 ? ? ? 1_555 A DG 6  N2 ? ? A DG 1   A DG 6   1_555 ? ? ? ? ? ? TYPE_6_PAIR             ?     ? ? 
hydrog2  hydrog ? ? A DG 1  O6 ? ? ? 1_555 A DG 6  N1 ? ? A DG 1   A DG 6   1_555 ? ? ? ? ? ? TYPE_6_PAIR             ?     ? ? 
hydrog3  hydrog ? ? A DG 1  N1 ? ? ? 1_555 B DG 6  O6 ? ? A DG 1   B DG 6   1_555 ? ? ? ? ? ? TYPE_6_PAIR             ?     ? ? 
hydrog4  hydrog ? ? A DG 1  N2 ? ? ? 1_555 B DG 6  N7 ? ? A DG 1   B DG 6   1_555 ? ? ? ? ? ? TYPE_6_PAIR             ?     ? ? 
hydrog5  hydrog ? ? A DG 2  N1 ? ? ? 1_555 A DG 5  O6 ? ? A DG 2   A DG 5   1_555 ? ? ? ? ? ? TYPE_6_PAIR             ?     ? ? 
hydrog6  hydrog ? ? A DG 2  N2 ? ? ? 1_555 A DG 5  N7 ? ? A DG 2   A DG 5   1_555 ? ? ? ? ? ? TYPE_6_PAIR             ?     ? ? 
hydrog7  hydrog ? ? A DG 2  N7 ? ? ? 1_555 B DG 5  N2 ? ? A DG 2   B DG 5   1_555 ? ? ? ? ? ? TYPE_6_PAIR             ?     ? ? 
hydrog8  hydrog ? ? A DG 2  O6 ? ? ? 1_555 B DG 5  N1 ? ? A DG 2   B DG 5   1_555 ? ? ? ? ? ? TYPE_6_PAIR             ?     ? ? 
hydrog9  hydrog ? ? A DG 3  N3 ? ? ? 1_555 A DC 4  N4 ? ? A DG 3   A DC 4   1_555 ? ? ? ? ? ? 'DG-DC PAIR'            ?     ? ? 
hydrog10 hydrog ? ? A DG 3  N2 ? ? ? 1_555 B DC 4  O2 ? ? A DG 3   B DC 4   1_555 ? ? ? ? ? ? 'DG-DC PAIR'            ?     ? ? 
hydrog11 hydrog ? ? A DC 4  N3 ? ? ? 1_555 B DG 3  N2 ? ? A DC 4   B DG 3   1_555 ? ? ? ? ? ? 'REVERSED WATSON-CRICK' ?     ? ? 
hydrog12 hydrog ? ? A DC 4  O2 ? ? ? 1_555 B DG 3  N1 ? ? A DC 4   B DG 3   1_555 ? ? ? ? ? ? 'REVERSED WATSON-CRICK' ?     ? ? 
hydrog13 hydrog ? ? A DG 5  N1 ? ? ? 1_555 B DG 2  O6 ? ? A DG 5   B DG 2   1_555 ? ? ? ? ? ? TYPE_6_PAIR             ?     ? ? 
hydrog14 hydrog ? ? A DG 5  N2 ? ? ? 1_555 B DG 2  N7 ? ? A DG 5   B DG 2   1_555 ? ? ? ? ? ? TYPE_6_PAIR             ?     ? ? 
hydrog15 hydrog ? ? A DG 6  N7 ? ? ? 1_555 B DG 1  N2 ? ? A DG 6   B DG 1   1_555 ? ? ? ? ? ? TYPE_6_PAIR             ?     ? ? 
hydrog16 hydrog ? ? A DG 6  O6 ? ? ? 1_555 B DG 1  N1 ? ? A DG 6   B DG 1   1_555 ? ? ? ? ? ? TYPE_6_PAIR             ?     ? ? 
hydrog17 hydrog ? ? A DG 7  N2 ? ? ? 1_555 A DA 9  N1 ? ? A DG 7   A DA 9   1_555 ? ? ? ? ? ? 'DG-DA MISPAIR'         ?     ? ? 
hydrog18 hydrog ? ? A DG 7  N1 ? ? ? 1_555 A DG 10 O6 ? ? A DG 7   A DG 10  1_555 ? ? ? ? ? ? TYPE_6_PAIR             ?     ? ? 
hydrog19 hydrog ? ? A DG 7  N2 ? ? ? 1_555 A DG 10 N7 ? ? A DG 7   A DG 10  1_555 ? ? ? ? ? ? TYPE_6_PAIR             ?     ? ? 
hydrog20 hydrog ? ? A DG 7  N7 ? ? ? 1_555 B DG 10 N2 ? ? A DG 7   B DG 10  1_555 ? ? ? ? ? ? TYPE_6_PAIR             ?     ? ? 
hydrog21 hydrog ? ? A DG 7  O6 ? ? ? 1_555 B DG 10 N1 ? ? A DG 7   B DG 10  1_555 ? ? ? ? ? ? TYPE_6_PAIR             ?     ? ? 
hydrog22 hydrog ? ? A DG 8  N1 ? ? ? 1_555 A DG 11 O6 ? ? A DG 8   A DG 11  1_555 ? ? ? ? ? ? TYPE_6_PAIR             ?     ? ? 
hydrog23 hydrog ? ? A DG 8  N2 ? ? ? 1_555 A DG 11 N7 ? ? A DG 8   A DG 11  1_555 ? ? ? ? ? ? TYPE_6_PAIR             ?     ? ? 
hydrog24 hydrog ? ? A DG 8  N7 ? ? ? 1_555 B DG 11 N2 ? ? A DG 8   B DG 11  1_555 ? ? ? ? ? ? TYPE_6_PAIR             ?     ? ? 
hydrog25 hydrog ? ? A DG 8  O6 ? ? ? 1_555 B DG 11 N1 ? ? A DG 8   B DG 11  1_555 ? ? ? ? ? ? TYPE_6_PAIR             ?     ? ? 
hydrog26 hydrog ? ? A DG 10 N1 ? ? ? 1_555 B DG 7  O6 ? ? A DG 10  B DG 7   1_555 ? ? ? ? ? ? TYPE_6_PAIR             ?     ? ? 
hydrog27 hydrog ? ? A DG 10 N2 ? ? ? 1_555 B DG 7  N7 ? ? A DG 10  B DG 7   1_555 ? ? ? ? ? ? TYPE_6_PAIR             ?     ? ? 
hydrog28 hydrog ? ? A DG 11 N1 ? ? ? 1_555 B DG 8  O6 ? ? A DG 11  B DG 8   1_555 ? ? ? ? ? ? TYPE_6_PAIR             ?     ? ? 
hydrog29 hydrog ? ? A DG 11 N2 ? ? ? 1_555 B DG 8  N7 ? ? A DG 11  B DG 8   1_555 ? ? ? ? ? ? TYPE_6_PAIR             ?     ? ? 
hydrog30 hydrog ? ? A DG 12 N1 ? ? ? 1_555 A DG 17 O6 ? ? A DG 12  A DG 17  1_555 ? ? ? ? ? ? TYPE_6_PAIR             ?     ? ? 
hydrog31 hydrog ? ? A DG 12 N2 ? ? ? 1_555 A DG 17 N7 ? ? A DG 12  A DG 17  1_555 ? ? ? ? ? ? TYPE_6_PAIR             ?     ? ? 
hydrog32 hydrog ? ? A DG 12 N7 ? ? ? 1_555 B DG 17 N2 ? ? A DG 12  B DG 17  1_555 ? ? ? ? ? ? TYPE_6_PAIR             ?     ? ? 
hydrog33 hydrog ? ? A DG 12 O6 ? ? ? 1_555 B DG 17 N1 ? ? A DG 12  B DG 17  1_555 ? ? ? ? ? ? TYPE_6_PAIR             ?     ? ? 
hydrog34 hydrog ? ? A DG 13 N1 ? ? ? 1_555 A DG 18 O6 ? ? A DG 13  A DG 18  1_555 ? ? ? ? ? ? TYPE_6_PAIR             ?     ? ? 
hydrog35 hydrog ? ? A DG 13 N2 ? ? ? 1_555 A DG 18 N7 ? ? A DG 13  A DG 18  1_555 ? ? ? ? ? ? TYPE_6_PAIR             ?     ? ? 
hydrog36 hydrog ? ? A DG 13 N7 ? ? ? 1_555 B DG 18 N2 ? ? A DG 13  B DG 18  1_555 ? ? ? ? ? ? TYPE_6_PAIR             ?     ? ? 
hydrog37 hydrog ? ? A DG 13 O6 ? ? ? 1_555 B DG 18 N1 ? ? A DG 13  B DG 18  1_555 ? ? ? ? ? ? TYPE_6_PAIR             ?     ? ? 
hydrog38 hydrog ? ? A DG 14 N1 ? ? ? 1_555 A DG 19 O6 ? ? A DG 14  A DG 19  1_555 ? ? ? ? ? ? TYPE_6_PAIR             ?     ? ? 
hydrog39 hydrog ? ? A DG 14 N2 ? ? ? 1_555 A DG 19 N7 ? ? A DG 14  A DG 19  1_555 ? ? ? ? ? ? TYPE_6_PAIR             ?     ? ? 
hydrog40 hydrog ? ? A DG 14 N7 ? ? ? 1_555 B DG 19 N2 ? ? A DG 14  B DG 19  1_555 ? ? ? ? ? ? TYPE_6_PAIR             ?     ? ? 
hydrog41 hydrog ? ? A DG 14 O6 ? ? ? 1_555 B DG 19 N1 ? ? A DG 14  B DG 19  1_555 ? ? ? ? ? ? TYPE_6_PAIR             ?     ? ? 
hydrog42 hydrog ? ? A DG 17 N1 ? ? ? 1_555 B DG 12 O6 ? ? A DG 17  B DG 12  1_555 ? ? ? ? ? ? TYPE_6_PAIR             ?     ? ? 
hydrog43 hydrog ? ? A DG 17 N2 ? ? ? 1_555 B DG 12 N7 ? ? A DG 17  B DG 12  1_555 ? ? ? ? ? ? TYPE_6_PAIR             ?     ? ? 
hydrog44 hydrog ? ? A DG 18 N1 ? ? ? 1_555 B DG 13 O6 ? ? A DG 18  B DG 13  1_555 ? ? ? ? ? ? TYPE_6_PAIR             ?     ? ? 
hydrog45 hydrog ? ? A DG 18 N2 ? ? ? 1_555 B DG 13 N7 ? ? A DG 18  B DG 13  1_555 ? ? ? ? ? ? TYPE_6_PAIR             ?     ? ? 
hydrog46 hydrog ? ? A DG 19 N1 ? ? ? 1_555 B DG 14 O6 ? ? A DG 19  B DG 14  1_555 ? ? ? ? ? ? TYPE_6_PAIR             ?     ? ? 
hydrog47 hydrog ? ? A DG 19 N2 ? ? ? 1_555 B DG 14 N7 ? ? A DG 19  B DG 14  1_555 ? ? ? ? ? ? TYPE_6_PAIR             ?     ? ? 
hydrog48 hydrog ? ? B DG 1  N7 ? ? ? 1_555 B DG 6  N2 ? ? B DG 1   B DG 6   1_555 ? ? ? ? ? ? TYPE_6_PAIR             ?     ? ? 
hydrog49 hydrog ? ? B DG 1  O6 ? ? ? 1_555 B DG 6  N1 ? ? B DG 1   B DG 6   1_555 ? ? ? ? ? ? TYPE_6_PAIR             ?     ? ? 
hydrog50 hydrog ? ? B DG 2  N1 ? ? ? 1_555 B DG 5  O6 ? ? B DG 2   B DG 5   1_555 ? ? ? ? ? ? TYPE_6_PAIR             ?     ? ? 
hydrog51 hydrog ? ? B DG 2  N2 ? ? ? 1_555 B DG 5  N7 ? ? B DG 2   B DG 5   1_555 ? ? ? ? ? ? TYPE_6_PAIR             ?     ? ? 
hydrog52 hydrog ? ? B DG 3  N2 ? ? ? 1_555 B DG 5  O6 ? ? B DG 3   B DG 5   1_555 ? ? ? ? ? ? 'DG-DG MISPAIR'         ?     ? ? 
hydrog53 hydrog ? ? B DG 7  N2 ? ? ? 1_555 B DA 9  N1 ? ? B DG 7   B DA 9   1_555 ? ? ? ? ? ? 'DG-DA MISPAIR'         ?     ? ? 
hydrog54 hydrog ? ? B DG 7  N1 ? ? ? 1_555 B DG 10 O6 ? ? B DG 7   B DG 10  1_555 ? ? ? ? ? ? TYPE_6_PAIR             ?     ? ? 
hydrog55 hydrog ? ? B DG 7  N2 ? ? ? 1_555 B DG 10 N7 ? ? B DG 7   B DG 10  1_555 ? ? ? ? ? ? TYPE_6_PAIR             ?     ? ? 
hydrog56 hydrog ? ? B DG 8  N1 ? ? ? 1_555 B DG 11 O6 ? ? B DG 8   B DG 11  1_555 ? ? ? ? ? ? TYPE_6_PAIR             ?     ? ? 
hydrog57 hydrog ? ? B DG 8  N2 ? ? ? 1_555 B DG 11 N7 ? ? B DG 8   B DG 11  1_555 ? ? ? ? ? ? TYPE_6_PAIR             ?     ? ? 
hydrog58 hydrog ? ? B DG 12 N1 ? ? ? 1_555 B DG 17 O6 ? ? B DG 12  B DG 17  1_555 ? ? ? ? ? ? TYPE_6_PAIR             ?     ? ? 
hydrog59 hydrog ? ? B DG 12 N2 ? ? ? 1_555 B DG 17 N7 ? ? B DG 12  B DG 17  1_555 ? ? ? ? ? ? TYPE_6_PAIR             ?     ? ? 
hydrog60 hydrog ? ? B DG 13 N1 ? ? ? 1_555 B DG 18 O6 ? ? B DG 13  B DG 18  1_555 ? ? ? ? ? ? TYPE_6_PAIR             ?     ? ? 
hydrog61 hydrog ? ? B DG 13 N2 ? ? ? 1_555 B DG 18 N7 ? ? B DG 13  B DG 18  1_555 ? ? ? ? ? ? TYPE_6_PAIR             ?     ? ? 
hydrog62 hydrog ? ? B DG 14 N1 ? ? ? 1_555 B DG 19 O6 ? ? B DG 14  B DG 19  1_555 ? ? ? ? ? ? TYPE_6_PAIR             ?     ? ? 
hydrog63 hydrog ? ? B DG 14 N2 ? ? ? 1_555 B DG 19 N7 ? ? B DG 14  B DG 19  1_555 ? ? ? ? ? ? TYPE_6_PAIR             ?     ? ? 
# 
loop_
_struct_conn_type.id 
_struct_conn_type.criteria 
_struct_conn_type.reference 
metalc ? ? 
hydrog ? ? 
# 
loop_
_pdbx_struct_conn_angle.id 
_pdbx_struct_conn_angle.ptnr1_label_atom_id 
_pdbx_struct_conn_angle.ptnr1_label_alt_id 
_pdbx_struct_conn_angle.ptnr1_label_asym_id 
_pdbx_struct_conn_angle.ptnr1_label_comp_id 
_pdbx_struct_conn_angle.ptnr1_label_seq_id 
_pdbx_struct_conn_angle.ptnr1_auth_atom_id 
_pdbx_struct_conn_angle.ptnr1_auth_asym_id 
_pdbx_struct_conn_angle.ptnr1_auth_comp_id 
_pdbx_struct_conn_angle.ptnr1_auth_seq_id 
_pdbx_struct_conn_angle.ptnr1_PDB_ins_code 
_pdbx_struct_conn_angle.ptnr1_symmetry 
_pdbx_struct_conn_angle.ptnr2_label_atom_id 
_pdbx_struct_conn_angle.ptnr2_label_alt_id 
_pdbx_struct_conn_angle.ptnr2_label_asym_id 
_pdbx_struct_conn_angle.ptnr2_label_comp_id 
_pdbx_struct_conn_angle.ptnr2_label_seq_id 
_pdbx_struct_conn_angle.ptnr2_auth_atom_id 
_pdbx_struct_conn_angle.ptnr2_auth_asym_id 
_pdbx_struct_conn_angle.ptnr2_auth_comp_id 
_pdbx_struct_conn_angle.ptnr2_auth_seq_id 
_pdbx_struct_conn_angle.ptnr2_PDB_ins_code 
_pdbx_struct_conn_angle.ptnr2_symmetry 
_pdbx_struct_conn_angle.ptnr3_label_atom_id 
_pdbx_struct_conn_angle.ptnr3_label_alt_id 
_pdbx_struct_conn_angle.ptnr3_label_asym_id 
_pdbx_struct_conn_angle.ptnr3_label_comp_id 
_pdbx_struct_conn_angle.ptnr3_label_seq_id 
_pdbx_struct_conn_angle.ptnr3_auth_atom_id 
_pdbx_struct_conn_angle.ptnr3_auth_asym_id 
_pdbx_struct_conn_angle.ptnr3_auth_comp_id 
_pdbx_struct_conn_angle.ptnr3_auth_seq_id 
_pdbx_struct_conn_angle.ptnr3_PDB_ins_code 
_pdbx_struct_conn_angle.ptnr3_symmetry 
_pdbx_struct_conn_angle.value 
_pdbx_struct_conn_angle.value_esd 
1   O6 ? A DG 1  ? A DG 1  ? 1_555 K ? G K . ? B K 101 ? 1_555 O6 ? A DG 6  ? A DG 6  ? 1_555 72.9  ? 
2   O6 ? A DG 1  ? A DG 1  ? 1_555 K ? G K . ? B K 101 ? 1_555 O6 ? A DG 7  ? A DG 7  ? 1_555 92.6  ? 
3   O6 ? A DG 6  ? A DG 6  ? 1_555 K ? G K . ? B K 101 ? 1_555 O6 ? A DG 7  ? A DG 7  ? 1_555 80.7  ? 
4   O6 ? A DG 1  ? A DG 1  ? 1_555 K ? G K . ? B K 101 ? 1_555 O6 ? A DG 10 ? A DG 10 ? 1_555 75.0  ? 
5   O6 ? A DG 6  ? A DG 6  ? 1_555 K ? G K . ? B K 101 ? 1_555 O6 ? A DG 10 ? A DG 10 ? 1_555 133.1 ? 
6   O6 ? A DG 7  ? A DG 7  ? 1_555 K ? G K . ? B K 101 ? 1_555 O6 ? A DG 10 ? A DG 10 ? 1_555 67.4  ? 
7   O6 ? A DG 1  ? A DG 1  ? 1_555 K ? G K . ? B K 101 ? 1_555 O6 ? B DG 1  ? B DG 1  ? 1_555 111.0 ? 
8   O6 ? A DG 6  ? A DG 6  ? 1_555 K ? G K . ? B K 101 ? 1_555 O6 ? B DG 1  ? B DG 1  ? 1_555 71.1  ? 
9   O6 ? A DG 7  ? A DG 7  ? 1_555 K ? G K . ? B K 101 ? 1_555 O6 ? B DG 1  ? B DG 1  ? 1_555 134.9 ? 
10  O6 ? A DG 10 ? A DG 10 ? 1_555 K ? G K . ? B K 101 ? 1_555 O6 ? B DG 1  ? B DG 1  ? 1_555 154.2 ? 
11  O6 ? A DG 1  ? A DG 1  ? 1_555 K ? G K . ? B K 101 ? 1_555 O6 ? B DG 6  ? B DG 6  ? 1_555 74.4  ? 
12  O6 ? A DG 6  ? A DG 6  ? 1_555 K ? G K . ? B K 101 ? 1_555 O6 ? B DG 6  ? B DG 6  ? 1_555 114.8 ? 
13  O6 ? A DG 7  ? A DG 7  ? 1_555 K ? G K . ? B K 101 ? 1_555 O6 ? B DG 6  ? B DG 6  ? 1_555 154.5 ? 
14  O6 ? A DG 10 ? A DG 10 ? 1_555 K ? G K . ? B K 101 ? 1_555 O6 ? B DG 6  ? B DG 6  ? 1_555 87.9  ? 
15  O6 ? B DG 1  ? B DG 1  ? 1_555 K ? G K . ? B K 101 ? 1_555 O6 ? B DG 6  ? B DG 6  ? 1_555 70.6  ? 
16  O6 ? A DG 1  ? A DG 1  ? 1_555 K ? G K . ? B K 101 ? 1_555 O6 ? B DG 7  ? B DG 7  ? 1_555 136.1 ? 
17  O6 ? A DG 6  ? A DG 6  ? 1_555 K ? G K . ? B K 101 ? 1_555 O6 ? B DG 7  ? B DG 7  ? 1_555 150.6 ? 
18  O6 ? A DG 7  ? A DG 7  ? 1_555 K ? G K . ? B K 101 ? 1_555 O6 ? B DG 7  ? B DG 7  ? 1_555 99.1  ? 
19  O6 ? A DG 10 ? A DG 10 ? 1_555 K ? G K . ? B K 101 ? 1_555 O6 ? B DG 7  ? B DG 7  ? 1_555 71.1  ? 
20  O6 ? B DG 1  ? B DG 1  ? 1_555 K ? G K . ? B K 101 ? 1_555 O6 ? B DG 7  ? B DG 7  ? 1_555 89.8  ? 
21  O6 ? B DG 6  ? B DG 6  ? 1_555 K ? G K . ? B K 101 ? 1_555 O6 ? B DG 7  ? B DG 7  ? 1_555 77.3  ? 
22  O6 ? A DG 1  ? A DG 1  ? 1_555 K ? G K . ? B K 101 ? 1_555 O6 ? B DG 10 ? B DG 10 ? 1_555 153.7 ? 
23  O6 ? A DG 6  ? A DG 6  ? 1_555 K ? G K . ? B K 101 ? 1_555 O6 ? B DG 10 ? B DG 10 ? 1_555 87.6  ? 
24  O6 ? A DG 7  ? A DG 7  ? 1_555 K ? G K . ? B K 101 ? 1_555 O6 ? B DG 10 ? B DG 10 ? 1_555 66.4  ? 
25  O6 ? A DG 10 ? A DG 10 ? 1_555 K ? G K . ? B K 101 ? 1_555 O6 ? B DG 10 ? B DG 10 ? 1_555 108.4 ? 
26  O6 ? B DG 1  ? B DG 1  ? 1_555 K ? G K . ? B K 101 ? 1_555 O6 ? B DG 10 ? B DG 10 ? 1_555 77.7  ? 
27  O6 ? B DG 6  ? B DG 6  ? 1_555 K ? G K . ? B K 101 ? 1_555 O6 ? B DG 10 ? B DG 10 ? 1_555 131.0 ? 
28  O6 ? B DG 7  ? B DG 7  ? 1_555 K ? G K . ? B K 101 ? 1_555 O6 ? B DG 10 ? B DG 10 ? 1_555 66.1  ? 
29  O6 ? A DG 1  ? A DG 1  ? 1_555 K ? H K . ? B K 102 ? 1_555 O6 ? A DG 2  ? A DG 2  ? 1_555 73.1  ? 
30  O6 ? A DG 1  ? A DG 1  ? 1_555 K ? H K . ? B K 102 ? 1_555 O6 ? A DG 5  ? A DG 5  ? 1_555 103.8 ? 
31  O6 ? A DG 2  ? A DG 2  ? 1_555 K ? H K . ? B K 102 ? 1_555 O6 ? A DG 5  ? A DG 5  ? 1_555 78.8  ? 
32  O6 ? A DG 1  ? A DG 1  ? 1_555 K ? H K . ? B K 102 ? 1_555 O6 ? A DG 6  ? A DG 6  ? 1_555 65.3  ? 
33  O6 ? A DG 2  ? A DG 2  ? 1_555 K ? H K . ? B K 102 ? 1_555 O6 ? A DG 6  ? A DG 6  ? 1_555 119.4 ? 
34  O6 ? A DG 5  ? A DG 5  ? 1_555 K ? H K . ? B K 102 ? 1_555 O6 ? A DG 6  ? A DG 6  ? 1_555 71.1  ? 
35  O6 ? A DG 1  ? A DG 1  ? 1_555 K ? H K . ? B K 102 ? 1_555 O6 ? B DG 1  ? B DG 1  ? 1_555 98.8  ? 
36  O6 ? A DG 2  ? A DG 2  ? 1_555 K ? H K . ? B K 102 ? 1_555 O6 ? B DG 1  ? B DG 1  ? 1_555 167.8 ? 
37  O6 ? A DG 5  ? A DG 5  ? 1_555 K ? H K . ? B K 102 ? 1_555 O6 ? B DG 1  ? B DG 1  ? 1_555 112.5 ? 
38  O6 ? A DG 6  ? A DG 6  ? 1_555 K ? H K . ? B K 102 ? 1_555 O6 ? B DG 1  ? B DG 1  ? 1_555 62.9  ? 
39  O6 ? A DG 1  ? A DG 1  ? 1_555 K ? H K . ? B K 102 ? 1_555 O6 ? B DG 2  ? B DG 2  ? 1_555 165.6 ? 
40  O6 ? A DG 2  ? A DG 2  ? 1_555 K ? H K . ? B K 102 ? 1_555 O6 ? B DG 2  ? B DG 2  ? 1_555 117.4 ? 
41  O6 ? A DG 5  ? A DG 5  ? 1_555 K ? H K . ? B K 102 ? 1_555 O6 ? B DG 2  ? B DG 2  ? 1_555 70.6  ? 
42  O6 ? A DG 6  ? A DG 6  ? 1_555 K ? H K . ? B K 102 ? 1_555 O6 ? B DG 2  ? B DG 2  ? 1_555 100.4 ? 
43  O6 ? B DG 1  ? B DG 1  ? 1_555 K ? H K . ? B K 102 ? 1_555 O6 ? B DG 2  ? B DG 2  ? 1_555 72.3  ? 
44  O6 ? A DG 1  ? A DG 1  ? 1_555 K ? H K . ? B K 102 ? 1_555 O6 ? B DG 5  ? B DG 5  ? 1_555 115.4 ? 
45  O6 ? A DG 2  ? A DG 2  ? 1_555 K ? H K . ? B K 102 ? 1_555 O6 ? B DG 5  ? B DG 5  ? 1_555 72.8  ? 
46  O6 ? A DG 5  ? A DG 5  ? 1_555 K ? H K . ? B K 102 ? 1_555 O6 ? B DG 5  ? B DG 5  ? 1_555 120.7 ? 
47  O6 ? A DG 6  ? A DG 6  ? 1_555 K ? H K . ? B K 102 ? 1_555 O6 ? B DG 5  ? B DG 5  ? 1_555 165.8 ? 
48  O6 ? B DG 1  ? B DG 1  ? 1_555 K ? H K . ? B K 102 ? 1_555 O6 ? B DG 5  ? B DG 5  ? 1_555 103.6 ? 
49  O6 ? B DG 2  ? B DG 2  ? 1_555 K ? H K . ? B K 102 ? 1_555 O6 ? B DG 5  ? B DG 5  ? 1_555 78.2  ? 
50  O6 ? A DG 1  ? A DG 1  ? 1_555 K ? H K . ? B K 102 ? 1_555 O6 ? B DG 6  ? B DG 6  ? 1_555 65.1  ? 
51  O6 ? A DG 2  ? A DG 2  ? 1_555 K ? H K . ? B K 102 ? 1_555 O6 ? B DG 6  ? B DG 6  ? 1_555 106.7 ? 
52  O6 ? A DG 5  ? A DG 5  ? 1_555 K ? H K . ? B K 102 ? 1_555 O6 ? B DG 6  ? B DG 6  ? 1_555 164.4 ? 
53  O6 ? A DG 6  ? A DG 6  ? 1_555 K ? H K . ? B K 102 ? 1_555 O6 ? B DG 6  ? B DG 6  ? 1_555 93.8  ? 
54  O6 ? B DG 1  ? B DG 1  ? 1_555 K ? H K . ? B K 102 ? 1_555 O6 ? B DG 6  ? B DG 6  ? 1_555 61.2  ? 
55  O6 ? B DG 2  ? B DG 2  ? 1_555 K ? H K . ? B K 102 ? 1_555 O6 ? B DG 6  ? B DG 6  ? 1_555 117.3 ? 
56  O6 ? B DG 5  ? B DG 5  ? 1_555 K ? H K . ? B K 102 ? 1_555 O6 ? B DG 6  ? B DG 6  ? 1_555 74.8  ? 
57  O6 ? A DG 7  ? A DG 7  ? 1_555 K ? F K . ? A K 104 ? 1_555 O6 ? A DG 8  ? A DG 8  ? 1_555 77.3  ? 
58  O6 ? A DG 7  ? A DG 7  ? 1_555 K ? F K . ? A K 104 ? 1_555 O6 ? A DG 10 ? A DG 10 ? 1_555 66.8  ? 
59  O6 ? A DG 8  ? A DG 8  ? 1_555 K ? F K . ? A K 104 ? 1_555 O6 ? A DG 10 ? A DG 10 ? 1_555 90.4  ? 
60  O6 ? A DG 7  ? A DG 7  ? 1_555 K ? F K . ? A K 104 ? 1_555 O6 ? A DG 11 ? A DG 11 ? 1_555 132.5 ? 
61  O6 ? A DG 8  ? A DG 8  ? 1_555 K ? F K . ? A K 104 ? 1_555 O6 ? A DG 11 ? A DG 11 ? 1_555 69.1  ? 
62  O6 ? A DG 10 ? A DG 10 ? 1_555 K ? F K . ? A K 104 ? 1_555 O6 ? A DG 11 ? A DG 11 ? 1_555 80.5  ? 
63  O6 ? A DG 7  ? A DG 7  ? 1_555 K ? F K . ? A K 104 ? 1_555 O6 ? B DG 7  ? B DG 7  ? 1_555 108.0 ? 
64  O6 ? A DG 8  ? A DG 8  ? 1_555 K ? F K . ? A K 104 ? 1_555 O6 ? B DG 7  ? B DG 7  ? 1_555 154.2 ? 
65  O6 ? A DG 10 ? A DG 10 ? 1_555 K ? F K . ? A K 104 ? 1_555 O6 ? B DG 7  ? B DG 7  ? 1_555 69.8  ? 
66  O6 ? A DG 11 ? A DG 11 ? 1_555 K ? F K . ? A K 104 ? 1_555 O6 ? B DG 7  ? B DG 7  ? 1_555 90.7  ? 
67  O6 ? A DG 7  ? A DG 7  ? 1_555 K ? F K . ? A K 104 ? 1_555 O6 ? B DG 8  ? B DG 8  ? 1_555 154.8 ? 
68  O6 ? A DG 8  ? A DG 8  ? 1_555 K ? F K . ? A K 104 ? 1_555 O6 ? B DG 8  ? B DG 8  ? 1_555 105.5 ? 
69  O6 ? A DG 10 ? A DG 10 ? 1_555 K ? F K . ? A K 104 ? 1_555 O6 ? B DG 8  ? B DG 8  ? 1_555 137.1 ? 
70  O6 ? A DG 11 ? A DG 11 ? 1_555 K ? F K . ? A K 104 ? 1_555 O6 ? B DG 8  ? B DG 8  ? 1_555 69.2  ? 
71  O6 ? B DG 7  ? B DG 7  ? 1_555 K ? F K . ? A K 104 ? 1_555 O6 ? B DG 8  ? B DG 8  ? 1_555 80.6  ? 
72  O6 ? A DG 7  ? A DG 7  ? 1_555 K ? F K . ? A K 104 ? 1_555 O6 ? B DG 10 ? B DG 10 ? 1_555 68.9  ? 
73  O6 ? A DG 8  ? A DG 8  ? 1_555 K ? F K . ? A K 104 ? 1_555 O6 ? B DG 10 ? B DG 10 ? 1_555 135.0 ? 
74  O6 ? A DG 10 ? A DG 10 ? 1_555 K ? F K . ? A K 104 ? 1_555 O6 ? B DG 10 ? B DG 10 ? 1_555 102.2 ? 
75  O6 ? A DG 11 ? A DG 11 ? 1_555 K ? F K . ? A K 104 ? 1_555 O6 ? B DG 10 ? B DG 10 ? 1_555 155.1 ? 
76  O6 ? B DG 7  ? B DG 7  ? 1_555 K ? F K . ? A K 104 ? 1_555 O6 ? B DG 10 ? B DG 10 ? 1_555 67.8  ? 
77  O6 ? B DG 8  ? B DG 8  ? 1_555 K ? F K . ? A K 104 ? 1_555 O6 ? B DG 10 ? B DG 10 ? 1_555 94.1  ? 
78  O6 ? A DG 7  ? A DG 7  ? 1_555 K ? F K . ? A K 104 ? 1_555 O6 ? B DG 11 ? B DG 11 ? 1_555 90.7  ? 
79  O6 ? A DG 8  ? A DG 8  ? 1_555 K ? F K . ? A K 104 ? 1_555 O6 ? B DG 11 ? B DG 11 ? 1_555 67.6  ? 
80  O6 ? A DG 10 ? A DG 10 ? 1_555 K ? F K . ? A K 104 ? 1_555 O6 ? B DG 11 ? B DG 11 ? 1_555 152.0 ? 
81  O6 ? A DG 11 ? A DG 11 ? 1_555 K ? F K . ? A K 104 ? 1_555 O6 ? B DG 11 ? B DG 11 ? 1_555 105.8 ? 
82  O6 ? B DG 7  ? B DG 7  ? 1_555 K ? F K . ? A K 104 ? 1_555 O6 ? B DG 11 ? B DG 11 ? 1_555 135.9 ? 
83  O6 ? B DG 8  ? B DG 8  ? 1_555 K ? F K . ? A K 104 ? 1_555 O6 ? B DG 11 ? B DG 11 ? 1_555 68.4  ? 
84  O6 ? B DG 10 ? B DG 10 ? 1_555 K ? F K . ? A K 104 ? 1_555 O6 ? B DG 11 ? B DG 11 ? 1_555 83.6  ? 
85  O6 ? A DG 8  ? A DG 8  ? 1_555 K ? C K . ? A K 101 ? 1_555 O6 ? A DG 11 ? A DG 11 ? 1_555 69.8  ? 
86  O6 ? A DG 8  ? A DG 8  ? 1_555 K ? C K . ? A K 101 ? 1_555 O6 ? A DG 12 ? A DG 12 ? 1_555 131.6 ? 
87  O6 ? A DG 11 ? A DG 11 ? 1_555 K ? C K . ? A K 101 ? 1_555 O6 ? A DG 12 ? A DG 12 ? 1_555 76.9  ? 
88  O6 ? A DG 8  ? A DG 8  ? 1_555 K ? C K . ? A K 101 ? 1_555 O6 ? A DG 17 ? A DG 17 ? 1_555 158.2 ? 
89  O6 ? A DG 11 ? A DG 11 ? 1_555 K ? C K . ? A K 101 ? 1_555 O6 ? A DG 17 ? A DG 17 ? 1_555 129.4 ? 
90  O6 ? A DG 12 ? A DG 12 ? 1_555 K ? C K . ? A K 101 ? 1_555 O6 ? A DG 17 ? A DG 17 ? 1_555 68.8  ? 
91  O6 ? A DG 8  ? A DG 8  ? 1_555 K ? C K . ? A K 101 ? 1_555 O6 ? B DG 8  ? B DG 8  ? 1_555 109.0 ? 
92  O6 ? A DG 11 ? A DG 11 ? 1_555 K ? C K . ? A K 101 ? 1_555 O6 ? B DG 8  ? B DG 8  ? 1_555 71.6  ? 
93  O6 ? A DG 12 ? A DG 12 ? 1_555 K ? C K . ? A K 101 ? 1_555 O6 ? B DG 8  ? B DG 8  ? 1_555 91.9  ? 
94  O6 ? A DG 17 ? A DG 17 ? 1_555 K ? C K . ? A K 101 ? 1_555 O6 ? B DG 8  ? B DG 8  ? 1_555 73.5  ? 
95  O6 ? A DG 8  ? A DG 8  ? 1_555 K ? C K . ? A K 101 ? 1_555 O6 ? B DG 11 ? B DG 11 ? 1_555 68.2  ? 
96  O6 ? A DG 11 ? A DG 11 ? 1_555 K ? C K . ? A K 101 ? 1_555 O6 ? B DG 11 ? B DG 11 ? 1_555 108.0 ? 
97  O6 ? A DG 12 ? A DG 12 ? 1_555 K ? C K . ? A K 101 ? 1_555 O6 ? B DG 11 ? B DG 11 ? 1_555 158.4 ? 
98  O6 ? A DG 17 ? A DG 17 ? 1_555 K ? C K . ? A K 101 ? 1_555 O6 ? B DG 11 ? B DG 11 ? 1_555 93.4  ? 
99  O6 ? B DG 8  ? B DG 8  ? 1_555 K ? C K . ? A K 101 ? 1_555 O6 ? B DG 11 ? B DG 11 ? 1_555 70.7  ? 
100 O6 ? A DG 8  ? A DG 8  ? 1_555 K ? C K . ? A K 101 ? 1_555 O6 ? B DG 12 ? B DG 12 ? 1_555 93.2  ? 
101 O6 ? A DG 11 ? A DG 11 ? 1_555 K ? C K . ? A K 101 ? 1_555 O6 ? B DG 12 ? B DG 12 ? 1_555 158.1 ? 
102 O6 ? A DG 12 ? A DG 12 ? 1_555 K ? C K . ? A K 101 ? 1_555 O6 ? B DG 12 ? B DG 12 ? 1_555 107.0 ? 
103 O6 ? A DG 17 ? A DG 17 ? 1_555 K ? C K . ? A K 101 ? 1_555 O6 ? B DG 12 ? B DG 12 ? 1_555 70.3  ? 
104 O6 ? B DG 8  ? B DG 8  ? 1_555 K ? C K . ? A K 101 ? 1_555 O6 ? B DG 12 ? B DG 12 ? 1_555 128.8 ? 
105 O6 ? B DG 11 ? B DG 11 ? 1_555 K ? C K . ? A K 101 ? 1_555 O6 ? B DG 12 ? B DG 12 ? 1_555 76.5  ? 
106 O6 ? A DG 8  ? A DG 8  ? 1_555 K ? C K . ? A K 101 ? 1_555 O6 ? B DG 17 ? B DG 17 ? 1_555 73.7  ? 
107 O6 ? A DG 11 ? A DG 11 ? 1_555 K ? C K . ? A K 101 ? 1_555 O6 ? B DG 17 ? B DG 17 ? 1_555 92.5  ? 
108 O6 ? A DG 12 ? A DG 12 ? 1_555 K ? C K . ? A K 101 ? 1_555 O6 ? B DG 17 ? B DG 17 ? 1_555 73.8  ? 
109 O6 ? A DG 17 ? A DG 17 ? 1_555 K ? C K . ? A K 101 ? 1_555 O6 ? B DG 17 ? B DG 17 ? 1_555 111.4 ? 
110 O6 ? B DG 8  ? B DG 8  ? 1_555 K ? C K . ? A K 101 ? 1_555 O6 ? B DG 17 ? B DG 17 ? 1_555 160.9 ? 
111 O6 ? B DG 11 ? B DG 11 ? 1_555 K ? C K . ? A K 101 ? 1_555 O6 ? B DG 17 ? B DG 17 ? 1_555 125.9 ? 
112 O6 ? B DG 12 ? B DG 12 ? 1_555 K ? C K . ? A K 101 ? 1_555 O6 ? B DG 17 ? B DG 17 ? 1_555 68.8  ? 
113 O6 ? A DG 12 ? A DG 12 ? 1_555 K ? D K . ? A K 102 ? 1_555 O6 ? A DG 13 ? A DG 13 ? 1_555 79.8  ? 
114 O6 ? A DG 12 ? A DG 12 ? 1_555 K ? D K . ? A K 102 ? 1_555 O6 ? A DG 17 ? A DG 17 ? 1_555 65.7  ? 
115 O6 ? A DG 13 ? A DG 13 ? 1_555 K ? D K . ? A K 102 ? 1_555 O6 ? A DG 17 ? A DG 17 ? 1_555 90.1  ? 
116 O6 ? A DG 12 ? A DG 12 ? 1_555 K ? D K . ? A K 102 ? 1_555 O6 ? A DG 18 ? A DG 18 ? 1_555 128.0 ? 
117 O6 ? A DG 13 ? A DG 13 ? 1_555 K ? D K . ? A K 102 ? 1_555 O6 ? A DG 18 ? A DG 18 ? 1_555 64.3  ? 
118 O6 ? A DG 17 ? A DG 17 ? 1_555 K ? D K . ? A K 102 ? 1_555 O6 ? A DG 18 ? A DG 18 ? 1_555 77.4  ? 
119 O6 ? A DG 12 ? A DG 12 ? 1_555 K ? D K . ? A K 102 ? 1_555 O6 ? B DG 12 ? B DG 12 ? 1_555 106.6 ? 
120 O6 ? A DG 13 ? A DG 13 ? 1_555 K ? D K . ? A K 102 ? 1_555 O6 ? B DG 12 ? B DG 12 ? 1_555 151.6 ? 
121 O6 ? A DG 17 ? A DG 17 ? 1_555 K ? D K . ? A K 102 ? 1_555 O6 ? B DG 12 ? B DG 12 ? 1_555 68.9  ? 
122 O6 ? A DG 18 ? A DG 18 ? 1_555 K ? D K . ? A K 102 ? 1_555 O6 ? B DG 12 ? B DG 12 ? 1_555 91.8  ? 
123 O6 ? A DG 12 ? A DG 12 ? 1_555 K ? D K . ? A K 102 ? 1_555 O6 ? B DG 13 ? B DG 13 ? 1_555 155.8 ? 
124 O6 ? A DG 13 ? A DG 13 ? 1_555 K ? D K . ? A K 102 ? 1_555 O6 ? B DG 13 ? B DG 13 ? 1_555 104.4 ? 
125 O6 ? A DG 17 ? A DG 17 ? 1_555 K ? D K . ? A K 102 ? 1_555 O6 ? B DG 13 ? B DG 13 ? 1_555 137.0 ? 
126 O6 ? A DG 18 ? A DG 18 ? 1_555 K ? D K . ? A K 102 ? 1_555 O6 ? B DG 13 ? B DG 13 ? 1_555 73.3  ? 
127 O6 ? B DG 12 ? B DG 12 ? 1_555 K ? D K . ? A K 102 ? 1_555 O6 ? B DG 13 ? B DG 13 ? 1_555 81.2  ? 
128 O6 ? A DG 12 ? A DG 12 ? 1_555 K ? D K . ? A K 102 ? 1_555 O6 ? B DG 17 ? B DG 17 ? 1_555 71.5  ? 
129 O6 ? A DG 13 ? A DG 13 ? 1_555 K ? D K . ? A K 102 ? 1_555 O6 ? B DG 17 ? B DG 17 ? 1_555 137.9 ? 
130 O6 ? A DG 17 ? A DG 17 ? 1_555 K ? D K . ? A K 102 ? 1_555 O6 ? B DG 17 ? B DG 17 ? 1_555 104.8 ? 
131 O6 ? A DG 18 ? A DG 18 ? 1_555 K ? D K . ? A K 102 ? 1_555 O6 ? B DG 17 ? B DG 17 ? 1_555 156.8 ? 
132 O6 ? B DG 12 ? B DG 12 ? 1_555 K ? D K . ? A K 102 ? 1_555 O6 ? B DG 17 ? B DG 17 ? 1_555 68.4  ? 
133 O6 ? B DG 13 ? B DG 13 ? 1_555 K ? D K . ? A K 102 ? 1_555 O6 ? B DG 17 ? B DG 17 ? 1_555 91.2  ? 
134 O6 ? A DG 12 ? A DG 12 ? 1_555 K ? D K . ? A K 102 ? 1_555 O6 ? B DG 18 ? B DG 18 ? 1_555 93.9  ? 
135 O6 ? A DG 13 ? A DG 13 ? 1_555 K ? D K . ? A K 102 ? 1_555 O6 ? B DG 18 ? B DG 18 ? 1_555 74.2  ? 
136 O6 ? A DG 17 ? A DG 17 ? 1_555 K ? D K . ? A K 102 ? 1_555 O6 ? B DG 18 ? B DG 18 ? 1_555 156.5 ? 
137 O6 ? A DG 18 ? A DG 18 ? 1_555 K ? D K . ? A K 102 ? 1_555 O6 ? B DG 18 ? B DG 18 ? 1_555 109.8 ? 
138 O6 ? B DG 12 ? B DG 12 ? 1_555 K ? D K . ? A K 102 ? 1_555 O6 ? B DG 18 ? B DG 18 ? 1_555 131.2 ? 
139 O6 ? B DG 13 ? B DG 13 ? 1_555 K ? D K . ? A K 102 ? 1_555 O6 ? B DG 18 ? B DG 18 ? 1_555 65.3  ? 
140 O6 ? B DG 17 ? B DG 17 ? 1_555 K ? D K . ? A K 102 ? 1_555 O6 ? B DG 18 ? B DG 18 ? 1_555 77.6  ? 
141 O6 ? A DG 13 ? A DG 13 ? 1_555 K ? E K . ? A K 103 ? 1_555 O6 ? A DG 14 ? A DG 14 ? 1_555 75.6  ? 
142 O6 ? A DG 13 ? A DG 13 ? 1_555 K ? E K . ? A K 103 ? 1_555 O6 ? A DG 18 ? A DG 18 ? 1_555 60.7  ? 
143 O6 ? A DG 14 ? A DG 14 ? 1_555 K ? E K . ? A K 103 ? 1_555 O6 ? A DG 18 ? A DG 18 ? 1_555 90.2  ? 
144 O6 ? A DG 13 ? A DG 13 ? 1_555 K ? E K . ? A K 103 ? 1_555 O6 ? A DG 19 ? A DG 19 ? 1_555 125.7 ? 
145 O6 ? A DG 14 ? A DG 14 ? 1_555 K ? E K . ? A K 103 ? 1_555 O6 ? A DG 19 ? A DG 19 ? 1_555 75.3  ? 
146 O6 ? A DG 18 ? A DG 18 ? 1_555 K ? E K . ? A K 103 ? 1_555 O6 ? A DG 19 ? A DG 19 ? 1_555 74.7  ? 
147 O6 ? A DG 13 ? A DG 13 ? 1_555 K ? E K . ? A K 103 ? 1_555 O6 ? B DG 13 ? B DG 13 ? 1_555 100.1 ? 
148 O6 ? A DG 14 ? A DG 14 ? 1_555 K ? E K . ? A K 103 ? 1_555 O6 ? B DG 13 ? B DG 13 ? 1_555 159.3 ? 
149 O6 ? A DG 18 ? A DG 18 ? 1_555 K ? E K . ? A K 103 ? 1_555 O6 ? B DG 13 ? B DG 13 ? 1_555 70.5  ? 
150 O6 ? A DG 19 ? A DG 19 ? 1_555 K ? E K . ? A K 103 ? 1_555 O6 ? B DG 13 ? B DG 13 ? 1_555 91.9  ? 
151 O6 ? A DG 13 ? A DG 13 ? 1_555 K ? E K . ? A K 103 ? 1_555 O6 ? B DG 14 ? B DG 14 ? 1_555 155.1 ? 
152 O6 ? A DG 14 ? A DG 14 ? 1_555 K ? E K . ? A K 103 ? 1_555 O6 ? B DG 14 ? B DG 14 ? 1_555 124.0 ? 
153 O6 ? A DG 18 ? A DG 18 ? 1_555 K ? E K . ? A K 103 ? 1_555 O6 ? B DG 14 ? B DG 14 ? 1_555 127.4 ? 
154 O6 ? A DG 19 ? A DG 19 ? 1_555 K ? E K . ? A K 103 ? 1_555 O6 ? B DG 14 ? B DG 14 ? 1_555 77.4  ? 
155 O6 ? B DG 13 ? B DG 13 ? 1_555 K ? E K . ? A K 103 ? 1_555 O6 ? B DG 14 ? B DG 14 ? 1_555 66.9  ? 
156 O6 ? A DG 13 ? A DG 13 ? 1_555 K ? E K . ? A K 103 ? 1_555 O6 ? B DG 18 ? B DG 18 ? 1_555 69.0  ? 
157 O6 ? A DG 14 ? A DG 14 ? 1_555 K ? E K . ? A K 103 ? 1_555 O6 ? B DG 18 ? B DG 18 ? 1_555 131.3 ? 
158 O6 ? A DG 18 ? A DG 18 ? 1_555 K ? E K . ? A K 103 ? 1_555 O6 ? B DG 18 ? B DG 18 ? 1_555 100.1 ? 
159 O6 ? A DG 19 ? A DG 19 ? 1_555 K ? E K . ? A K 103 ? 1_555 O6 ? B DG 18 ? B DG 18 ? 1_555 153.4 ? 
160 O6 ? B DG 13 ? B DG 13 ? 1_555 K ? E K . ? A K 103 ? 1_555 O6 ? B DG 18 ? B DG 18 ? 1_555 62.2  ? 
161 O6 ? B DG 14 ? B DG 14 ? 1_555 K ? E K . ? A K 103 ? 1_555 O6 ? B DG 18 ? B DG 18 ? 1_555 86.1  ? 
162 O6 ? A DG 13 ? A DG 13 ? 1_555 K ? E K . ? A K 103 ? 1_555 O6 ? B DG 19 ? B DG 19 ? 1_555 93.2  ? 
163 O6 ? A DG 14 ? A DG 14 ? 1_555 K ? E K . ? A K 103 ? 1_555 O6 ? B DG 19 ? B DG 19 ? 1_555 77.1  ? 
164 O6 ? A DG 18 ? A DG 18 ? 1_555 K ? E K . ? A K 103 ? 1_555 O6 ? B DG 19 ? B DG 19 ? 1_555 153.3 ? 
165 O6 ? A DG 19 ? A DG 19 ? 1_555 K ? E K . ? A K 103 ? 1_555 O6 ? B DG 19 ? B DG 19 ? 1_555 122.9 ? 
166 O6 ? B DG 13 ? B DG 13 ? 1_555 K ? E K . ? A K 103 ? 1_555 O6 ? B DG 19 ? B DG 19 ? 1_555 123.6 ? 
167 O6 ? B DG 14 ? B DG 14 ? 1_555 K ? E K . ? A K 103 ? 1_555 O6 ? B DG 19 ? B DG 19 ? 1_555 78.4  ? 
168 O6 ? B DG 18 ? B DG 18 ? 1_555 K ? E K . ? A K 103 ? 1_555 O6 ? B DG 19 ? B DG 19 ? 1_555 72.7  ? 
# 
loop_
_struct_site.id 
_struct_site.pdbx_evidence_code 
_struct_site.pdbx_auth_asym_id 
_struct_site.pdbx_auth_comp_id 
_struct_site.pdbx_auth_seq_id 
_struct_site.pdbx_auth_ins_code 
_struct_site.pdbx_num_residues 
_struct_site.details 
AC1 Software A K 101 ? 10 'BINDING SITE FOR RESIDUE K A 101' 
AC2 Software A K 102 ? 10 'BINDING SITE FOR RESIDUE K A 102' 
AC3 Software A K 103 ? 9  'BINDING SITE FOR RESIDUE K A 103' 
AC4 Software A K 104 ? 10 'BINDING SITE FOR RESIDUE K A 104' 
AC5 Software B K 101 ? 10 'BINDING SITE FOR RESIDUE K B 101' 
AC6 Software B K 102 ? 9  'BINDING SITE FOR RESIDUE K B 102' 
# 
loop_
_struct_site_gen.id 
_struct_site_gen.site_id 
_struct_site_gen.pdbx_num_res 
_struct_site_gen.label_comp_id 
_struct_site_gen.label_asym_id 
_struct_site_gen.label_seq_id 
_struct_site_gen.pdbx_auth_ins_code 
_struct_site_gen.auth_comp_id 
_struct_site_gen.auth_asym_id 
_struct_site_gen.auth_seq_id 
_struct_site_gen.label_atom_id 
_struct_site_gen.label_alt_id 
_struct_site_gen.symmetry 
_struct_site_gen.details 
1  AC1 10 DG A 8  ? DG A 8   . ? 1_555 ? 
2  AC1 10 DG A 11 ? DG A 11  . ? 1_555 ? 
3  AC1 10 DG A 12 ? DG A 12  . ? 1_555 ? 
4  AC1 10 DG A 17 ? DG A 17  . ? 1_555 ? 
5  AC1 10 K  D .  ? K  A 102 . ? 1_555 ? 
6  AC1 10 K  F .  ? K  A 104 . ? 1_555 ? 
7  AC1 10 DG B 8  ? DG B 8   . ? 1_555 ? 
8  AC1 10 DG B 11 ? DG B 11  . ? 1_555 ? 
9  AC1 10 DG B 12 ? DG B 12  . ? 1_555 ? 
10 AC1 10 DG B 17 ? DG B 17  . ? 1_555 ? 
11 AC2 10 DG A 12 ? DG A 12  . ? 1_555 ? 
12 AC2 10 DG A 13 ? DG A 13  . ? 1_555 ? 
13 AC2 10 DG A 17 ? DG A 17  . ? 1_555 ? 
14 AC2 10 DG A 18 ? DG A 18  . ? 1_555 ? 
15 AC2 10 K  C .  ? K  A 101 . ? 1_555 ? 
16 AC2 10 K  E .  ? K  A 103 . ? 1_555 ? 
17 AC2 10 DG B 12 ? DG B 12  . ? 1_555 ? 
18 AC2 10 DG B 13 ? DG B 13  . ? 1_555 ? 
19 AC2 10 DG B 17 ? DG B 17  . ? 1_555 ? 
20 AC2 10 DG B 18 ? DG B 18  . ? 1_555 ? 
21 AC3 9  DG A 13 ? DG A 13  . ? 1_555 ? 
22 AC3 9  DG A 14 ? DG A 14  . ? 1_555 ? 
23 AC3 9  DG A 18 ? DG A 18  . ? 1_555 ? 
24 AC3 9  DG A 19 ? DG A 19  . ? 1_555 ? 
25 AC3 9  K  D .  ? K  A 102 . ? 1_555 ? 
26 AC3 9  DG B 13 ? DG B 13  . ? 1_555 ? 
27 AC3 9  DG B 14 ? DG B 14  . ? 1_555 ? 
28 AC3 9  DG B 18 ? DG B 18  . ? 1_555 ? 
29 AC3 9  DG B 19 ? DG B 19  . ? 1_555 ? 
30 AC4 10 DG A 7  ? DG A 7   . ? 1_555 ? 
31 AC4 10 DG A 8  ? DG A 8   . ? 1_555 ? 
32 AC4 10 DG A 10 ? DG A 10  . ? 1_555 ? 
33 AC4 10 DG A 11 ? DG A 11  . ? 1_555 ? 
34 AC4 10 K  C .  ? K  A 101 . ? 1_555 ? 
35 AC4 10 DG B 7  ? DG B 7   . ? 1_555 ? 
36 AC4 10 DG B 8  ? DG B 8   . ? 1_555 ? 
37 AC4 10 DG B 10 ? DG B 10  . ? 1_555 ? 
38 AC4 10 DG B 11 ? DG B 11  . ? 1_555 ? 
39 AC4 10 K  G .  ? K  B 101 . ? 1_555 ? 
40 AC5 10 DG A 1  ? DG A 1   . ? 1_555 ? 
41 AC5 10 DG A 6  ? DG A 6   . ? 1_555 ? 
42 AC5 10 DG A 7  ? DG A 7   . ? 1_555 ? 
43 AC5 10 DG A 10 ? DG A 10  . ? 1_555 ? 
44 AC5 10 K  F .  ? K  A 104 . ? 1_555 ? 
45 AC5 10 DG B 1  ? DG B 1   . ? 1_555 ? 
46 AC5 10 DG B 6  ? DG B 6   . ? 1_555 ? 
47 AC5 10 DG B 7  ? DG B 7   . ? 1_555 ? 
48 AC5 10 DG B 10 ? DG B 10  . ? 1_555 ? 
49 AC5 10 K  H .  ? K  B 102 . ? 1_555 ? 
50 AC6 9  DG A 1  ? DG A 1   . ? 1_555 ? 
51 AC6 9  DG A 2  ? DG A 2   . ? 1_555 ? 
52 AC6 9  DG A 5  ? DG A 5   . ? 1_555 ? 
53 AC6 9  DG A 6  ? DG A 6   . ? 1_555 ? 
54 AC6 9  DG B 1  ? DG B 1   . ? 1_555 ? 
55 AC6 9  DG B 2  ? DG B 2   . ? 1_555 ? 
56 AC6 9  DG B 5  ? DG B 5   . ? 1_555 ? 
57 AC6 9  DG B 6  ? DG B 6   . ? 1_555 ? 
58 AC6 9  K  G .  ? K  B 101 . ? 1_555 ? 
# 
_pdbx_struct_special_symmetry.id              1 
_pdbx_struct_special_symmetry.PDB_model_num   1 
_pdbx_struct_special_symmetry.auth_asym_id    A 
_pdbx_struct_special_symmetry.auth_comp_id    HOH 
_pdbx_struct_special_symmetry.auth_seq_id     216 
_pdbx_struct_special_symmetry.PDB_ins_code    ? 
_pdbx_struct_special_symmetry.label_asym_id   I 
_pdbx_struct_special_symmetry.label_comp_id   HOH 
_pdbx_struct_special_symmetry.label_seq_id    . 
# 
loop_
_chem_comp_atom.comp_id 
_chem_comp_atom.atom_id 
_chem_comp_atom.type_symbol 
_chem_comp_atom.pdbx_aromatic_flag 
_chem_comp_atom.pdbx_stereo_config 
_chem_comp_atom.pdbx_ordinal 
DA  OP3    O N N 1   
DA  P      P N N 2   
DA  OP1    O N N 3   
DA  OP2    O N N 4   
DA  "O5'"  O N N 5   
DA  "C5'"  C N N 6   
DA  "C4'"  C N R 7   
DA  "O4'"  O N N 8   
DA  "C3'"  C N S 9   
DA  "O3'"  O N N 10  
DA  "C2'"  C N N 11  
DA  "C1'"  C N R 12  
DA  N9     N Y N 13  
DA  C8     C Y N 14  
DA  N7     N Y N 15  
DA  C5     C Y N 16  
DA  C6     C Y N 17  
DA  N6     N N N 18  
DA  N1     N Y N 19  
DA  C2     C Y N 20  
DA  N3     N Y N 21  
DA  C4     C Y N 22  
DA  HOP3   H N N 23  
DA  HOP2   H N N 24  
DA  "H5'"  H N N 25  
DA  "H5''" H N N 26  
DA  "H4'"  H N N 27  
DA  "H3'"  H N N 28  
DA  "HO3'" H N N 29  
DA  "H2'"  H N N 30  
DA  "H2''" H N N 31  
DA  "H1'"  H N N 32  
DA  H8     H N N 33  
DA  H61    H N N 34  
DA  H62    H N N 35  
DA  H2     H N N 36  
DC  OP3    O N N 37  
DC  P      P N N 38  
DC  OP1    O N N 39  
DC  OP2    O N N 40  
DC  "O5'"  O N N 41  
DC  "C5'"  C N N 42  
DC  "C4'"  C N R 43  
DC  "O4'"  O N N 44  
DC  "C3'"  C N S 45  
DC  "O3'"  O N N 46  
DC  "C2'"  C N N 47  
DC  "C1'"  C N R 48  
DC  N1     N N N 49  
DC  C2     C N N 50  
DC  O2     O N N 51  
DC  N3     N N N 52  
DC  C4     C N N 53  
DC  N4     N N N 54  
DC  C5     C N N 55  
DC  C6     C N N 56  
DC  HOP3   H N N 57  
DC  HOP2   H N N 58  
DC  "H5'"  H N N 59  
DC  "H5''" H N N 60  
DC  "H4'"  H N N 61  
DC  "H3'"  H N N 62  
DC  "HO3'" H N N 63  
DC  "H2'"  H N N 64  
DC  "H2''" H N N 65  
DC  "H1'"  H N N 66  
DC  H41    H N N 67  
DC  H42    H N N 68  
DC  H5     H N N 69  
DC  H6     H N N 70  
DG  OP3    O N N 71  
DG  P      P N N 72  
DG  OP1    O N N 73  
DG  OP2    O N N 74  
DG  "O5'"  O N N 75  
DG  "C5'"  C N N 76  
DG  "C4'"  C N R 77  
DG  "O4'"  O N N 78  
DG  "C3'"  C N S 79  
DG  "O3'"  O N N 80  
DG  "C2'"  C N N 81  
DG  "C1'"  C N R 82  
DG  N9     N Y N 83  
DG  C8     C Y N 84  
DG  N7     N Y N 85  
DG  C5     C Y N 86  
DG  C6     C N N 87  
DG  O6     O N N 88  
DG  N1     N N N 89  
DG  C2     C N N 90  
DG  N2     N N N 91  
DG  N3     N N N 92  
DG  C4     C Y N 93  
DG  HOP3   H N N 94  
DG  HOP2   H N N 95  
DG  "H5'"  H N N 96  
DG  "H5''" H N N 97  
DG  "H4'"  H N N 98  
DG  "H3'"  H N N 99  
DG  "HO3'" H N N 100 
DG  "H2'"  H N N 101 
DG  "H2''" H N N 102 
DG  "H1'"  H N N 103 
DG  H8     H N N 104 
DG  H1     H N N 105 
DG  H21    H N N 106 
DG  H22    H N N 107 
HOH O      O N N 108 
HOH H1     H N N 109 
HOH H2     H N N 110 
K   K      K N N 111 
# 
loop_
_chem_comp_bond.comp_id 
_chem_comp_bond.atom_id_1 
_chem_comp_bond.atom_id_2 
_chem_comp_bond.value_order 
_chem_comp_bond.pdbx_aromatic_flag 
_chem_comp_bond.pdbx_stereo_config 
_chem_comp_bond.pdbx_ordinal 
DA  OP3   P      sing N N 1   
DA  OP3   HOP3   sing N N 2   
DA  P     OP1    doub N N 3   
DA  P     OP2    sing N N 4   
DA  P     "O5'"  sing N N 5   
DA  OP2   HOP2   sing N N 6   
DA  "O5'" "C5'"  sing N N 7   
DA  "C5'" "C4'"  sing N N 8   
DA  "C5'" "H5'"  sing N N 9   
DA  "C5'" "H5''" sing N N 10  
DA  "C4'" "O4'"  sing N N 11  
DA  "C4'" "C3'"  sing N N 12  
DA  "C4'" "H4'"  sing N N 13  
DA  "O4'" "C1'"  sing N N 14  
DA  "C3'" "O3'"  sing N N 15  
DA  "C3'" "C2'"  sing N N 16  
DA  "C3'" "H3'"  sing N N 17  
DA  "O3'" "HO3'" sing N N 18  
DA  "C2'" "C1'"  sing N N 19  
DA  "C2'" "H2'"  sing N N 20  
DA  "C2'" "H2''" sing N N 21  
DA  "C1'" N9     sing N N 22  
DA  "C1'" "H1'"  sing N N 23  
DA  N9    C8     sing Y N 24  
DA  N9    C4     sing Y N 25  
DA  C8    N7     doub Y N 26  
DA  C8    H8     sing N N 27  
DA  N7    C5     sing Y N 28  
DA  C5    C6     sing Y N 29  
DA  C5    C4     doub Y N 30  
DA  C6    N6     sing N N 31  
DA  C6    N1     doub Y N 32  
DA  N6    H61    sing N N 33  
DA  N6    H62    sing N N 34  
DA  N1    C2     sing Y N 35  
DA  C2    N3     doub Y N 36  
DA  C2    H2     sing N N 37  
DA  N3    C4     sing Y N 38  
DC  OP3   P      sing N N 39  
DC  OP3   HOP3   sing N N 40  
DC  P     OP1    doub N N 41  
DC  P     OP2    sing N N 42  
DC  P     "O5'"  sing N N 43  
DC  OP2   HOP2   sing N N 44  
DC  "O5'" "C5'"  sing N N 45  
DC  "C5'" "C4'"  sing N N 46  
DC  "C5'" "H5'"  sing N N 47  
DC  "C5'" "H5''" sing N N 48  
DC  "C4'" "O4'"  sing N N 49  
DC  "C4'" "C3'"  sing N N 50  
DC  "C4'" "H4'"  sing N N 51  
DC  "O4'" "C1'"  sing N N 52  
DC  "C3'" "O3'"  sing N N 53  
DC  "C3'" "C2'"  sing N N 54  
DC  "C3'" "H3'"  sing N N 55  
DC  "O3'" "HO3'" sing N N 56  
DC  "C2'" "C1'"  sing N N 57  
DC  "C2'" "H2'"  sing N N 58  
DC  "C2'" "H2''" sing N N 59  
DC  "C1'" N1     sing N N 60  
DC  "C1'" "H1'"  sing N N 61  
DC  N1    C2     sing N N 62  
DC  N1    C6     sing N N 63  
DC  C2    O2     doub N N 64  
DC  C2    N3     sing N N 65  
DC  N3    C4     doub N N 66  
DC  C4    N4     sing N N 67  
DC  C4    C5     sing N N 68  
DC  N4    H41    sing N N 69  
DC  N4    H42    sing N N 70  
DC  C5    C6     doub N N 71  
DC  C5    H5     sing N N 72  
DC  C6    H6     sing N N 73  
DG  OP3   P      sing N N 74  
DG  OP3   HOP3   sing N N 75  
DG  P     OP1    doub N N 76  
DG  P     OP2    sing N N 77  
DG  P     "O5'"  sing N N 78  
DG  OP2   HOP2   sing N N 79  
DG  "O5'" "C5'"  sing N N 80  
DG  "C5'" "C4'"  sing N N 81  
DG  "C5'" "H5'"  sing N N 82  
DG  "C5'" "H5''" sing N N 83  
DG  "C4'" "O4'"  sing N N 84  
DG  "C4'" "C3'"  sing N N 85  
DG  "C4'" "H4'"  sing N N 86  
DG  "O4'" "C1'"  sing N N 87  
DG  "C3'" "O3'"  sing N N 88  
DG  "C3'" "C2'"  sing N N 89  
DG  "C3'" "H3'"  sing N N 90  
DG  "O3'" "HO3'" sing N N 91  
DG  "C2'" "C1'"  sing N N 92  
DG  "C2'" "H2'"  sing N N 93  
DG  "C2'" "H2''" sing N N 94  
DG  "C1'" N9     sing N N 95  
DG  "C1'" "H1'"  sing N N 96  
DG  N9    C8     sing Y N 97  
DG  N9    C4     sing Y N 98  
DG  C8    N7     doub Y N 99  
DG  C8    H8     sing N N 100 
DG  N7    C5     sing Y N 101 
DG  C5    C6     sing N N 102 
DG  C5    C4     doub Y N 103 
DG  C6    O6     doub N N 104 
DG  C6    N1     sing N N 105 
DG  N1    C2     sing N N 106 
DG  N1    H1     sing N N 107 
DG  C2    N2     sing N N 108 
DG  C2    N3     doub N N 109 
DG  N2    H21    sing N N 110 
DG  N2    H22    sing N N 111 
DG  N3    C4     sing N N 112 
HOH O     H1     sing N N 113 
HOH O     H2     sing N N 114 
# 
_ndb_struct_conf_na.entry_id   4H29 
_ndb_struct_conf_na.feature    'quadruple helix' 
# 
_atom_sites.entry_id                    4H29 
_atom_sites.fract_transf_matrix[1][1]   -0.01637164 
_atom_sites.fract_transf_matrix[1][2]   -0.02197858 
_atom_sites.fract_transf_matrix[1][3]   0.01191991 
_atom_sites.fract_transf_matrix[2][1]   -0.00889783 
_atom_sites.fract_transf_matrix[2][2]   -0.00349621 
_atom_sites.fract_transf_matrix[2][3]   -0.01866740 
_atom_sites.fract_transf_matrix[3][1]   0.00525073 
_atom_sites.fract_transf_matrix[3][2]   -0.00478277 
_atom_sites.fract_transf_matrix[3][3]   -0.00160700 
_atom_sites.fract_transf_vector[1]      0.368685 
_atom_sites.fract_transf_vector[2]      -0.015870 
_atom_sites.fract_transf_vector[3]      -0.113927 
# 
loop_
_atom_type.symbol 
C 
K 
N 
O 
P 
# 
loop_
_atom_site.group_PDB 
_atom_site.id 
_atom_site.type_symbol 
_atom_site.label_atom_id 
_atom_site.label_alt_id 
_atom_site.label_comp_id 
_atom_site.label_asym_id 
_atom_site.label_entity_id 
_atom_site.label_seq_id 
_atom_site.pdbx_PDB_ins_code 
_atom_site.Cartn_x 
_atom_site.Cartn_y 
_atom_site.Cartn_z 
_atom_site.occupancy 
_atom_site.B_iso_or_equiv 
_atom_site.pdbx_formal_charge 
_atom_site.auth_seq_id 
_atom_site.auth_comp_id 
_atom_site.auth_asym_id 
_atom_site.auth_atom_id 
_atom_site.pdbx_PDB_model_num 
ATOM   1   O "O5'" . DG  A 1 1  ? -1.752  10.839  4.215   1.00 64.84  ? 1   DG  A "O5'" 1 
ATOM   2   C "C5'" . DG  A 1 1  ? -0.698  11.461  3.510   1.00 59.40  ? 1   DG  A "C5'" 1 
ATOM   3   C "C4'" . DG  A 1 1  ? -1.203  12.019  2.195   1.00 57.45  ? 1   DG  A "C4'" 1 
ATOM   4   O "O4'" . DG  A 1 1  ? -1.573  10.931  1.320   1.00 47.48  ? 1   DG  A "O4'" 1 
ATOM   5   C "C3'" . DG  A 1 1  ? -2.435  12.915  2.296   1.00 62.81  ? 1   DG  A "C3'" 1 
ATOM   6   O "O3'" . DG  A 1 1  ? -2.255  14.059  1.476   1.00 67.10  ? 1   DG  A "O3'" 1 
ATOM   7   C "C2'" . DG  A 1 1  ? -3.570  12.027  1.780   1.00 54.09  ? 1   DG  A "C2'" 1 
ATOM   8   C "C1'" . DG  A 1 1  ? -2.833  11.188  0.753   1.00 50.70  ? 1   DG  A "C1'" 1 
ATOM   9   N N9    . DG  A 1 1  ? -3.472  9.907   0.447   1.00 46.81  ? 1   DG  A N9    1 
ATOM   10  C C8    . DG  A 1 1  ? -4.013  9.526   -0.760  1.00 44.83  ? 1   DG  A C8    1 
ATOM   11  N N7    . DG  A 1 1  ? -4.506  8.318   -0.754  1.00 39.51  ? 1   DG  A N7    1 
ATOM   12  C C5    . DG  A 1 1  ? -4.287  7.868   0.545   1.00 37.77  ? 1   DG  A C5    1 
ATOM   13  C C6    . DG  A 1 1  ? -4.613  6.631   1.145   1.00 37.71  ? 1   DG  A C6    1 
ATOM   14  O O6    . DG  A 1 1  ? -5.163  5.634   0.628   1.00 41.41  ? 1   DG  A O6    1 
ATOM   15  N N1    . DG  A 1 1  ? -4.202  6.583   2.475   1.00 39.67  ? 1   DG  A N1    1 
ATOM   16  C C2    . DG  A 1 1  ? -3.577  7.605   3.144   1.00 39.44  ? 1   DG  A C2    1 
ATOM   17  N N2    . DG  A 1 1  ? -3.272  7.372   4.430   1.00 41.42  ? 1   DG  A N2    1 
ATOM   18  N N3    . DG  A 1 1  ? -3.255  8.768   2.592   1.00 43.19  ? 1   DG  A N3    1 
ATOM   19  C C4    . DG  A 1 1  ? -3.639  8.830   1.293   1.00 43.50  ? 1   DG  A C4    1 
ATOM   20  P P     . DG  A 1 2  ? -3.220  15.323  1.640   1.00 70.56  ? 2   DG  A P     1 
ATOM   21  O OP1   . DG  A 1 2  ? -2.497  16.510  1.134   1.00 73.50  ? 2   DG  A OP1   1 
ATOM   22  O OP2   . DG  A 1 2  ? -3.752  15.316  3.022   1.00 76.72  ? 2   DG  A OP2   1 
ATOM   23  O "O5'" . DG  A 1 2  ? -4.430  14.988  0.646   1.00 70.68  ? 2   DG  A "O5'" 1 
ATOM   24  C "C5'" . DG  A 1 2  ? -4.225  15.028  -0.757  1.00 69.34  ? 2   DG  A "C5'" 1 
ATOM   25  C "C4'" . DG  A 1 2  ? -5.357  14.323  -1.477  1.00 69.51  ? 2   DG  A "C4'" 1 
ATOM   26  O "O4'" . DG  A 1 2  ? -5.462  12.953  -1.004  1.00 64.78  ? 2   DG  A "O4'" 1 
ATOM   27  C "C3'" . DG  A 1 2  ? -6.744  14.943  -1.283  1.00 68.08  ? 2   DG  A "C3'" 1 
ATOM   28  O "O3'" . DG  A 1 2  ? -7.396  15.031  -2.547  1.00 76.59  ? 2   DG  A "O3'" 1 
ATOM   29  C "C2'" . DG  A 1 2  ? -7.446  13.932  -0.373  1.00 65.67  ? 2   DG  A "C2'" 1 
ATOM   30  C "C1'" . DG  A 1 2  ? -6.824  12.638  -0.871  1.00 61.06  ? 2   DG  A "C1'" 1 
ATOM   31  N N9    . DG  A 1 2  ? -6.972  11.495  0.036   1.00 54.50  ? 2   DG  A N9    1 
ATOM   32  C C8    . DG  A 1 2  ? -6.710  11.459  1.389   1.00 44.30  ? 2   DG  A C8    1 
ATOM   33  N N7    . DG  A 1 2  ? -6.945  10.293  1.935   1.00 42.71  ? 2   DG  A N7    1 
ATOM   34  C C5    . DG  A 1 2  ? -7.374  9.498   0.869   1.00 51.03  ? 2   DG  A C5    1 
ATOM   35  C C6    . DG  A 1 2  ? -7.773  8.132   0.838   1.00 50.35  ? 2   DG  A C6    1 
ATOM   36  O O6    . DG  A 1 2  ? -7.823  7.308   1.773   1.00 53.88  ? 2   DG  A O6    1 
ATOM   37  N N1    . DG  A 1 2  ? -8.142  7.738   -0.450  1.00 47.98  ? 2   DG  A N1    1 
ATOM   38  C C2    . DG  A 1 2  ? -8.135  8.552   -1.558  1.00 48.97  ? 2   DG  A C2    1 
ATOM   39  N N2    . DG  A 1 2  ? -8.513  7.986   -2.716  1.00 45.73  ? 2   DG  A N2    1 
ATOM   40  N N3    . DG  A 1 2  ? -7.771  9.826   -1.541  1.00 51.52  ? 2   DG  A N3    1 
ATOM   41  C C4    . DG  A 1 2  ? -7.410  10.233  -0.300  1.00 49.79  ? 2   DG  A C4    1 
ATOM   42  P P     . DG  A 1 3  ? -8.821  15.753  -2.685  1.00 82.95  ? 3   DG  A P     1 
ATOM   43  O OP1   . DG  A 1 3  ? -9.029  16.060  -4.117  1.00 80.16  ? 3   DG  A OP1   1 
ATOM   44  O OP2   . DG  A 1 3  ? -8.873  16.841  -1.676  1.00 79.32  ? 3   DG  A OP2   1 
ATOM   45  O "O5'" . DG  A 1 3  ? -9.868  14.613  -2.231  1.00 83.39  ? 3   DG  A "O5'" 1 
ATOM   46  C "C5'" . DG  A 1 3  ? -10.387 13.667  -3.173  1.00 80.73  ? 3   DG  A "C5'" 1 
ATOM   47  C "C4'" . DG  A 1 3  ? -11.125 12.530  -2.469  1.00 79.94  ? 3   DG  A "C4'" 1 
ATOM   48  O "O4'" . DG  A 1 3  ? -10.582 12.325  -1.138  1.00 76.99  ? 3   DG  A "O4'" 1 
ATOM   49  C "C3'" . DG  A 1 3  ? -12.624 12.740  -2.267  1.00 81.27  ? 3   DG  A "C3'" 1 
ATOM   50  O "O3'" . DG  A 1 3  ? -13.304 11.481  -2.364  1.00 86.07  ? 3   DG  A "O3'" 1 
ATOM   51  C "C2'" . DG  A 1 3  ? -12.692 13.303  -0.848  1.00 77.92  ? 3   DG  A "C2'" 1 
ATOM   52  C "C1'" . DG  A 1 3  ? -11.604 12.487  -0.168  1.00 73.03  ? 3   DG  A "C1'" 1 
ATOM   53  N N9    . DG  A 1 3  ? -11.008 13.131  0.993   1.00 66.80  ? 3   DG  A N9    1 
ATOM   54  C C8    . DG  A 1 3  ? -10.753 14.471  1.159   1.00 66.80  ? 3   DG  A C8    1 
ATOM   55  N N7    . DG  A 1 3  ? -10.154 14.751  2.284   1.00 66.26  ? 3   DG  A N7    1 
ATOM   56  C C5    . DG  A 1 3  ? -10.002 13.515  2.906   1.00 65.76  ? 3   DG  A C5    1 
ATOM   57  C C6    . DG  A 1 3  ? -9.420  13.185  4.157   1.00 65.97  ? 3   DG  A C6    1 
ATOM   58  O O6    . DG  A 1 3  ? -8.909  13.952  4.988   1.00 67.06  ? 3   DG  A O6    1 
ATOM   59  N N1    . DG  A 1 3  ? -9.466  11.811  4.408   1.00 62.81  ? 3   DG  A N1    1 
ATOM   60  C C2    . DG  A 1 3  ? -10.005 10.873  3.559   1.00 64.49  ? 3   DG  A C2    1 
ATOM   61  N N2    . DG  A 1 3  ? -9.949  9.595   3.967   1.00 58.42  ? 3   DG  A N2    1 
ATOM   62  N N3    . DG  A 1 3  ? -10.556 11.167  2.382   1.00 68.74  ? 3   DG  A N3    1 
ATOM   63  C C4    . DG  A 1 3  ? -10.514 12.505  2.120   1.00 68.12  ? 3   DG  A C4    1 
ATOM   64  P P     . DC  A 1 4  ? -14.076 11.090  -3.717  1.00 90.80  ? 4   DC  A P     1 
ATOM   65  O OP1   . DC  A 1 4  ? -14.096 12.293  -4.586  1.00 88.93  ? 4   DC  A OP1   1 
ATOM   66  O OP2   . DC  A 1 4  ? -15.343 10.421  -3.347  1.00 91.57  ? 4   DC  A OP2   1 
ATOM   67  O "O5'" . DC  A 1 4  ? -13.133 9.982   -4.390  1.00 91.37  ? 4   DC  A "O5'" 1 
ATOM   68  C "C5'" . DC  A 1 4  ? -13.481 9.426   -5.662  1.00 86.72  ? 4   DC  A "C5'" 1 
ATOM   69  C "C4'" . DC  A 1 4  ? -13.381 7.914   -5.631  1.00 83.58  ? 4   DC  A "C4'" 1 
ATOM   70  O "O4'" . DC  A 1 4  ? -12.461 7.522   -4.579  1.00 76.59  ? 4   DC  A "O4'" 1 
ATOM   71  C "C3'" . DC  A 1 4  ? -14.683 7.192   -5.308  1.00 86.88  ? 4   DC  A "C3'" 1 
ATOM   72  O "O3'" . DC  A 1 4  ? -14.644 5.872   -5.872  1.00 92.75  ? 4   DC  A "O3'" 1 
ATOM   73  C "C2'" . DC  A 1 4  ? -14.644 7.157   -3.782  1.00 80.22  ? 4   DC  A "C2'" 1 
ATOM   74  C "C1'" . DC  A 1 4  ? -13.168 6.857   -3.548  1.00 74.54  ? 4   DC  A "C1'" 1 
ATOM   75  N N1    . DC  A 1 4  ? -12.635 7.318   -2.222  1.00 69.05  ? 4   DC  A N1    1 
ATOM   76  C C2    . DC  A 1 4  ? -12.892 6.563   -1.068  1.00 68.78  ? 4   DC  A C2    1 
ATOM   77  O O2    . DC  A 1 4  ? -13.584 5.534   -1.162  1.00 67.99  ? 4   DC  A O2    1 
ATOM   78  N N3    . DC  A 1 4  ? -12.378 6.987   0.123   1.00 63.29  ? 4   DC  A N3    1 
ATOM   79  C C4    . DC  A 1 4  ? -11.642 8.103   0.178   1.00 60.07  ? 4   DC  A C4    1 
ATOM   80  N N4    . DC  A 1 4  ? -11.153 8.483   1.370   1.00 63.31  ? 4   DC  A N4    1 
ATOM   81  C C5    . DC  A 1 4  ? -11.361 8.871   -0.988  1.00 61.69  ? 4   DC  A C5    1 
ATOM   82  C C6    . DC  A 1 4  ? -11.870 8.447   -2.153  1.00 63.12  ? 4   DC  A C6    1 
ATOM   83  P P     . DG  A 1 5  ? -15.938 4.920   -5.830  1.00 94.26  ? 5   DG  A P     1 
ATOM   84  O OP1   . DG  A 1 5  ? -16.100 4.329   -7.181  1.00 90.35  ? 5   DG  A OP1   1 
ATOM   85  O OP2   . DG  A 1 5  ? -17.043 5.704   -5.228  1.00 91.36  ? 5   DG  A OP2   1 
ATOM   86  O "O5'" . DG  A 1 5  ? -15.524 3.756   -4.782  1.00 91.60  ? 5   DG  A "O5'" 1 
ATOM   87  C "C5'" . DG  A 1 5  ? -14.792 2.570   -5.203  1.00 80.57  ? 5   DG  A "C5'" 1 
ATOM   88  C "C4'" . DG  A 1 5  ? -13.611 2.954   -6.078  1.00 71.19  ? 5   DG  A "C4'" 1 
ATOM   89  O "O4'" . DG  A 1 5  ? -12.784 3.921   -5.394  1.00 65.26  ? 5   DG  A "O4'" 1 
ATOM   90  C "C3'" . DG  A 1 5  ? -12.676 1.830   -6.532  1.00 67.28  ? 5   DG  A "C3'" 1 
ATOM   91  O "O3'" . DG  A 1 5  ? -12.358 2.068   -7.929  1.00 67.92  ? 5   DG  A "O3'" 1 
ATOM   92  C "C2'" . DG  A 1 5  ? -11.458 2.023   -5.614  1.00 61.40  ? 5   DG  A "C2'" 1 
ATOM   93  C "C1'" . DG  A 1 5  ? -11.435 3.540   -5.491  1.00 57.79  ? 5   DG  A "C1'" 1 
ATOM   94  N N9    . DG  A 1 5  ? -10.754 4.088   -4.320  1.00 47.56  ? 5   DG  A N9    1 
ATOM   95  C C8    . DG  A 1 5  ? -9.977  5.221   -4.292  1.00 49.61  ? 5   DG  A C8    1 
ATOM   96  N N7    . DG  A 1 5  ? -9.575  5.553   -3.091  1.00 48.83  ? 5   DG  A N7    1 
ATOM   97  C C5    . DG  A 1 5  ? -10.136 4.590   -2.262  1.00 42.67  ? 5   DG  A C5    1 
ATOM   98  C C6    . DG  A 1 5  ? -10.022 4.419   -0.862  1.00 41.90  ? 5   DG  A C6    1 
ATOM   99  O O6    . DG  A 1 5  ? -9.365  5.092   -0.051  1.00 41.82  ? 5   DG  A O6    1 
ATOM   100 N N1    . DG  A 1 5  ? -10.736 3.320   -0.425  1.00 39.79  ? 5   DG  A N1    1 
ATOM   101 C C2    . DG  A 1 5  ? -11.472 2.486   -1.233  1.00 48.01  ? 5   DG  A C2    1 
ATOM   102 N N2    . DG  A 1 5  ? -12.089 1.464   -0.619  1.00 49.04  ? 5   DG  A N2    1 
ATOM   103 N N3    . DG  A 1 5  ? -11.579 2.624   -2.547  1.00 46.53  ? 5   DG  A N3    1 
ATOM   104 C C4    . DG  A 1 5  ? -10.883 3.692   -2.996  1.00 46.97  ? 5   DG  A C4    1 
ATOM   105 P P     . DG  A 1 6  ? -11.248 1.212   -8.716  1.00 71.36  ? 6   DG  A P     1 
ATOM   106 O OP1   . DG  A 1 6  ? -11.577 1.228   -10.160 1.00 73.52  ? 6   DG  A OP1   1 
ATOM   107 O OP2   . DG  A 1 6  ? -11.069 -0.078  -8.008  1.00 72.42  ? 6   DG  A OP2   1 
ATOM   108 O "O5'" . DG  A 1 6  ? -9.941  2.088   -8.521  1.00 71.28  ? 6   DG  A "O5'" 1 
ATOM   109 C "C5'" . DG  A 1 6  ? -10.027 3.468   -8.740  1.00 66.05  ? 6   DG  A "C5'" 1 
ATOM   110 C "C4'" . DG  A 1 6  ? -8.699  4.110   -8.455  1.00 64.76  ? 6   DG  A "C4'" 1 
ATOM   111 O "O4'" . DG  A 1 6  ? -8.499  4.218   -7.022  1.00 61.74  ? 6   DG  A "O4'" 1 
ATOM   112 C "C3'" . DG  A 1 6  ? -7.492  3.344   -8.983  1.00 63.31  ? 6   DG  A "C3'" 1 
ATOM   113 O "O3'" . DG  A 1 6  ? -6.534  4.307   -9.388  1.00 69.26  ? 6   DG  A "O3'" 1 
ATOM   114 C "C2'" . DG  A 1 6  ? -7.027  2.575   -7.748  1.00 56.22  ? 6   DG  A "C2'" 1 
ATOM   115 C "C1'" . DG  A 1 6  ? -7.248  3.656   -6.708  1.00 53.83  ? 6   DG  A "C1'" 1 
ATOM   116 N N9    . DG  A 1 6  ? -7.268  3.226   -5.316  1.00 42.57  ? 6   DG  A N9    1 
ATOM   117 C C8    . DG  A 1 6  ? -7.808  2.082   -4.775  1.00 42.45  ? 6   DG  A C8    1 
ATOM   118 N N7    . DG  A 1 6  ? -7.709  2.036   -3.465  1.00 39.35  ? 6   DG  A N7    1 
ATOM   119 C C5    . DG  A 1 6  ? -7.073  3.231   -3.140  1.00 34.23  ? 6   DG  A C5    1 
ATOM   120 C C6    . DG  A 1 6  ? -6.659  3.736   -1.885  1.00 30.60  ? 6   DG  A C6    1 
ATOM   121 O O6    . DG  A 1 6  ? -6.804  3.212   -0.774  1.00 35.35  ? 6   DG  A O6    1 
ATOM   122 N N1    . DG  A 1 6  ? -6.059  4.990   -2.004  1.00 31.31  ? 6   DG  A N1    1 
ATOM   123 C C2    . DG  A 1 6  ? -5.858  5.653   -3.197  1.00 33.82  ? 6   DG  A C2    1 
ATOM   124 N N2    . DG  A 1 6  ? -5.278  6.858   -3.134  1.00 35.50  ? 6   DG  A N2    1 
ATOM   125 N N3    . DG  A 1 6  ? -6.212  5.172   -4.375  1.00 32.37  ? 6   DG  A N3    1 
ATOM   126 C C4    . DG  A 1 6  ? -6.830  3.976   -4.266  1.00 34.48  ? 6   DG  A C4    1 
ATOM   127 P P     . DG  A 1 7  ? -5.189  3.868   -10.110 1.00 69.89  ? 7   DG  A P     1 
ATOM   128 O OP1   . DG  A 1 7  ? -5.258  4.341   -11.508 1.00 71.08  ? 7   DG  A OP1   1 
ATOM   129 O OP2   . DG  A 1 7  ? -4.978  2.430   -9.826  1.00 77.85  ? 7   DG  A OP2   1 
ATOM   130 O "O5'" . DG  A 1 7  ? -4.079  4.725   -9.320  1.00 69.33  ? 7   DG  A "O5'" 1 
ATOM   131 C "C5'" . DG  A 1 7  ? -4.221  6.141   -9.246  1.00 64.56  ? 7   DG  A "C5'" 1 
ATOM   132 C "C4'" . DG  A 1 7  ? -3.233  6.771   -8.273  1.00 61.16  ? 7   DG  A "C4'" 1 
ATOM   133 O "O4'" . DG  A 1 7  ? -3.528  6.392   -6.902  1.00 55.35  ? 7   DG  A "O4'" 1 
ATOM   134 C "C3'" . DG  A 1 7  ? -1.753  6.474   -8.511  1.00 55.05  ? 7   DG  A "C3'" 1 
ATOM   135 O "O3'" . DG  A 1 7  ? -1.037  7.715   -8.454  1.00 53.12  ? 7   DG  A "O3'" 1 
ATOM   136 C "C2'" . DG  A 1 7  ? -1.395  5.549   -7.343  1.00 52.08  ? 7   DG  A "C2'" 1 
ATOM   137 C "C1'" . DG  A 1 7  ? -2.334  6.038   -6.249  1.00 41.96  ? 7   DG  A "C1'" 1 
ATOM   138 N N9    . DG  A 1 7  ? -2.663  5.013   -5.271  1.00 41.76  ? 7   DG  A N9    1 
ATOM   139 C C8    . DG  A 1 7  ? -3.267  3.800   -5.521  1.00 35.22  ? 7   DG  A C8    1 
ATOM   140 N N7    . DG  A 1 7  ? -3.460  3.086   -4.436  1.00 38.91  ? 7   DG  A N7    1 
ATOM   141 C C5    . DG  A 1 7  ? -2.964  3.893   -3.409  1.00 32.86  ? 7   DG  A C5    1 
ATOM   142 C C6    . DG  A 1 7  ? -2.882  3.645   -2.021  1.00 33.07  ? 7   DG  A C6    1 
ATOM   143 O O6    . DG  A 1 7  ? -3.272  2.645   -1.415  1.00 32.77  ? 7   DG  A O6    1 
ATOM   144 N N1    . DG  A 1 7  ? -2.278  4.705   -1.322  1.00 28.73  ? 7   DG  A N1    1 
ATOM   145 C C2    . DG  A 1 7  ? -1.813  5.857   -1.911  1.00 31.92  ? 7   DG  A C2    1 
ATOM   146 N N2    . DG  A 1 7  ? -1.259  6.766   -1.087  1.00 28.34  ? 7   DG  A N2    1 
ATOM   147 N N3    . DG  A 1 7  ? -1.884  6.100   -3.220  1.00 39.49  ? 7   DG  A N3    1 
ATOM   148 C C4    . DG  A 1 7  ? -2.466  5.076   -3.906  1.00 34.28  ? 7   DG  A C4    1 
ATOM   149 P P     . DG  A 1 8  ? 0.555   7.781   -8.507  1.00 56.40  ? 8   DG  A P     1 
ATOM   150 O OP1   . DG  A 1 8  ? 0.931   9.104   -9.044  1.00 59.51  ? 8   DG  A OP1   1 
ATOM   151 O OP2   . DG  A 1 8  ? 1.052   6.551   -9.150  1.00 50.55  ? 8   DG  A OP2   1 
ATOM   152 O "O5'" . DG  A 1 8  ? 0.958   7.743   -6.959  1.00 55.69  ? 8   DG  A "O5'" 1 
ATOM   153 C "C5'" . DG  A 1 8  ? 0.675   8.867   -6.151  1.00 50.29  ? 8   DG  A "C5'" 1 
ATOM   154 C "C4'" . DG  A 1 8  ? 1.581   8.912   -4.933  1.00 46.70  ? 8   DG  A "C4'" 1 
ATOM   155 O "O4'" . DG  A 1 8  ? 1.194   7.870   -4.008  1.00 45.31  ? 8   DG  A "O4'" 1 
ATOM   156 C "C3'" . DG  A 1 8  ? 3.062   8.685   -5.195  1.00 41.85  ? 8   DG  A "C3'" 1 
ATOM   157 O "O3'" . DG  A 1 8  ? 3.816   9.436   -4.243  1.00 58.68  ? 8   DG  A "O3'" 1 
ATOM   158 C "C2'" . DG  A 1 8  ? 3.213   7.179   -4.955  1.00 39.33  ? 8   DG  A "C2'" 1 
ATOM   159 C "C1'" . DG  A 1 8  ? 2.290   7.015   -3.768  1.00 36.74  ? 8   DG  A "C1'" 1 
ATOM   160 N N9    . DG  A 1 8  ? 1.745   5.689   -3.562  1.00 32.80  ? 8   DG  A N9    1 
ATOM   161 C C8    . DG  A 1 8  ? 1.116   4.880   -4.487  1.00 33.55  ? 8   DG  A C8    1 
ATOM   162 N N7    . DG  A 1 8  ? 0.653   3.774   -3.966  1.00 31.99  ? 8   DG  A N7    1 
ATOM   163 C C5    . DG  A 1 8  ? 0.984   3.879   -2.607  1.00 29.37  ? 8   DG  A C5    1 
ATOM   164 C C6    . DG  A 1 8  ? 0.695   3.010   -1.520  1.00 30.78  ? 8   DG  A C6    1 
ATOM   165 O O6    . DG  A 1 8  ? 0.123   1.905   -1.550  1.00 33.15  ? 8   DG  A O6    1 
ATOM   166 N N1    . DG  A 1 8  ? 1.198   3.502   -0.310  1.00 30.43  ? 8   DG  A N1    1 
ATOM   167 C C2    . DG  A 1 8  ? 1.864   4.695   -0.159  1.00 32.05  ? 8   DG  A C2    1 
ATOM   168 N N2    . DG  A 1 8  ? 2.290   4.994   1.087   1.00 34.59  ? 8   DG  A N2    1 
ATOM   169 N N3    . DG  A 1 8  ? 2.091   5.540   -1.155  1.00 31.91  ? 8   DG  A N3    1 
ATOM   170 C C4    . DG  A 1 8  ? 1.617   5.064   -2.347  1.00 33.27  ? 8   DG  A C4    1 
ATOM   171 P P     . DA  A 1 9  ? 4.122   10.990  -4.504  1.00 60.65  ? 9   DA  A P     1 
ATOM   172 O OP1   . DA  A 1 9  ? 3.498   11.354  -5.797  1.00 52.65  ? 9   DA  A OP1   1 
ATOM   173 O OP2   . DA  A 1 9  ? 5.573   11.207  -4.284  1.00 59.73  ? 9   DA  A OP2   1 
ATOM   174 O "O5'" . DA  A 1 9  ? 3.350   11.733  -3.318  1.00 61.35  ? 9   DA  A "O5'" 1 
ATOM   175 C "C5'" . DA  A 1 9  ? 4.056   12.638  -2.466  1.00 62.30  ? 9   DA  A "C5'" 1 
ATOM   176 C "C4'" . DA  A 1 9  ? 3.173   13.059  -1.310  1.00 61.41  ? 9   DA  A "C4'" 1 
ATOM   177 O "O4'" . DA  A 1 9  ? 1.877   13.405  -1.831  1.00 59.47  ? 9   DA  A "O4'" 1 
ATOM   178 C "C3'" . DA  A 1 9  ? 2.953   11.966  -0.280  1.00 61.80  ? 9   DA  A "C3'" 1 
ATOM   179 O "O3'" . DA  A 1 9  ? 3.704   12.259  0.883   1.00 64.14  ? 9   DA  A "O3'" 1 
ATOM   180 C "C2'" . DA  A 1 9  ? 1.440   11.937  -0.009  1.00 61.04  ? 9   DA  A "C2'" 1 
ATOM   181 C "C1'" . DA  A 1 9  ? 0.848   12.964  -0.970  1.00 63.31  ? 9   DA  A "C1'" 1 
ATOM   182 N N9    . DA  A 1 9  ? -0.250  12.470  -1.817  1.00 60.55  ? 9   DA  A N9    1 
ATOM   183 C C8    . DA  A 1 9  ? -1.198  13.234  -2.458  1.00 63.20  ? 9   DA  A C8    1 
ATOM   184 N N7    . DA  A 1 9  ? -2.033  12.543  -3.206  1.00 57.76  ? 9   DA  A N7    1 
ATOM   185 C C5    . DA  A 1 9  ? -1.593  11.243  -3.066  1.00 59.62  ? 9   DA  A C5    1 
ATOM   186 C C6    . DA  A 1 9  ? -2.060  10.031  -3.596  1.00 55.58  ? 9   DA  A C6    1 
ATOM   187 N N6    . DA  A 1 9  ? -3.101  9.938   -4.422  1.00 62.96  ? 9   DA  A N6    1 
ATOM   188 N N1    . DA  A 1 9  ? -1.396  8.914   -3.259  1.00 65.13  ? 9   DA  A N1    1 
ATOM   189 C C2    . DA  A 1 9  ? -0.343  9.005   -2.429  1.00 56.21  ? 9   DA  A C2    1 
ATOM   190 N N3    . DA  A 1 9  ? 0.180   10.081  -1.851  1.00 57.50  ? 9   DA  A N3    1 
ATOM   191 C C4    . DA  A 1 9  ? -0.496  11.178  -2.211  1.00 57.94  ? 9   DA  A C4    1 
ATOM   192 P P     . DG  A 1 10 ? 4.703   11.167  1.494   1.00 66.87  ? 10  DG  A P     1 
ATOM   193 O OP1   . DG  A 1 10 ? 5.650   11.866  2.404   1.00 71.80  ? 10  DG  A OP1   1 
ATOM   194 O OP2   . DG  A 1 10 ? 5.220   10.335  0.382   1.00 65.90  ? 10  DG  A OP2   1 
ATOM   195 O "O5'" . DG  A 1 10 ? 3.736   10.254  2.389   1.00 65.28  ? 10  DG  A "O5'" 1 
ATOM   196 C "C5'" . DG  A 1 10 ? 3.427   10.660  3.714   1.00 64.04  ? 10  DG  A "C5'" 1 
ATOM   197 C "C4'" . DG  A 1 10 ? 2.714   9.562   4.475   1.00 59.39  ? 10  DG  A "C4'" 1 
ATOM   198 O "O4'" . DG  A 1 10 ? 1.529   9.167   3.768   1.00 53.83  ? 10  DG  A "O4'" 1 
ATOM   199 C "C3'" . DG  A 1 10 ? 3.480   8.263   4.631   1.00 58.37  ? 10  DG  A "C3'" 1 
ATOM   200 O "O3'" . DG  A 1 10 ? 4.300   8.318   5.793   1.00 60.11  ? 10  DG  A "O3'" 1 
ATOM   201 C "C2'" . DG  A 1 10 ? 2.359   7.228   4.801   1.00 59.98  ? 10  DG  A "C2'" 1 
ATOM   202 C "C1'" . DG  A 1 10 ? 1.096   7.963   4.347   1.00 50.59  ? 10  DG  A "C1'" 1 
ATOM   203 N N9    . DG  A 1 10 ? 0.321   7.210   3.363   1.00 43.58  ? 10  DG  A N9    1 
ATOM   204 C C8    . DG  A 1 10 ? 0.057   7.569   2.065   1.00 41.19  ? 10  DG  A C8    1 
ATOM   205 N N7    . DG  A 1 10 ? -0.640  6.683   1.413   1.00 41.28  ? 10  DG  A N7    1 
ATOM   206 C C5    . DG  A 1 10 ? -0.881  5.692   2.352   1.00 39.47  ? 10  DG  A C5    1 
ATOM   207 C C6    . DG  A 1 10 ? -1.593  4.490   2.224   1.00 32.12  ? 10  DG  A C6    1 
ATOM   208 O O6    . DG  A 1 10 ? -2.195  4.065   1.227   1.00 43.35  ? 10  DG  A O6    1 
ATOM   209 N N1    . DG  A 1 10 ? -1.585  3.750   3.415   1.00 36.66  ? 10  DG  A N1    1 
ATOM   210 C C2    . DG  A 1 10 ? -0.961  4.142   4.577   1.00 34.55  ? 10  DG  A C2    1 
ATOM   211 N N2    . DG  A 1 10 ? -1.072  3.315   5.626   1.00 36.97  ? 10  DG  A N2    1 
ATOM   212 N N3    . DG  A 1 10 ? -0.288  5.277   4.707   1.00 39.42  ? 10  DG  A N3    1 
ATOM   213 C C4    . DG  A 1 10 ? -0.300  6.005   3.559   1.00 37.87  ? 10  DG  A C4    1 
ATOM   214 P P     . DG  A 1 11 ? 5.386   7.168   6.083   1.00 64.70  ? 11  DG  A P     1 
ATOM   215 O OP1   . DG  A 1 11 ? 6.228   7.621   7.208   1.00 65.95  ? 11  DG  A OP1   1 
ATOM   216 O OP2   . DG  A 1 11 ? 6.016   6.779   4.800   1.00 64.19  ? 11  DG  A OP2   1 
ATOM   217 O "O5'" . DG  A 1 11 ? 4.496   5.931   6.583   1.00 63.34  ? 11  DG  A "O5'" 1 
ATOM   218 C "C5'" . DG  A 1 11 ? 3.722   6.036   7.769   1.00 57.59  ? 11  DG  A "C5'" 1 
ATOM   219 C "C4'" . DG  A 1 11 ? 3.501   4.668   8.377   1.00 49.91  ? 11  DG  A "C4'" 1 
ATOM   220 O "O4'" . DG  A 1 11 ? 2.515   3.938   7.600   1.00 51.46  ? 11  DG  A "O4'" 1 
ATOM   221 C "C3'" . DG  A 1 11 ? 4.732   3.786   8.426   1.00 48.58  ? 11  DG  A "C3'" 1 
ATOM   222 O "O3'" . DG  A 1 11 ? 4.675   2.982   9.587   1.00 50.29  ? 11  DG  A "O3'" 1 
ATOM   223 C "C2'" . DG  A 1 11 ? 4.619   2.954   7.148   1.00 48.24  ? 11  DG  A "C2'" 1 
ATOM   224 C "C1'" . DG  A 1 11 ? 3.109   2.812   6.979   1.00 47.67  ? 11  DG  A "C1'" 1 
ATOM   225 N N9    . DG  A 1 11 ? 2.656   2.750   5.574   1.00 36.38  ? 11  DG  A N9    1 
ATOM   226 C C8    . DG  A 1 11 ? 2.923   3.644   4.569   1.00 36.17  ? 11  DG  A C8    1 
ATOM   227 N N7    . DG  A 1 11 ? 2.363   3.339   3.425   1.00 36.55  ? 11  DG  A N7    1 
ATOM   228 C C5    . DG  A 1 11 ? 1.697   2.143   3.684   1.00 31.91  ? 11  DG  A C5    1 
ATOM   229 C C6    . DG  A 1 11 ? 0.902   1.334   2.837   1.00 35.08  ? 11  DG  A C6    1 
ATOM   230 O O6    . DG  A 1 11 ? 0.646   1.518   1.639   1.00 32.58  ? 11  DG  A O6    1 
ATOM   231 N N1    . DG  A 1 11 ? 0.380   0.219   3.515   1.00 24.97  ? 11  DG  A N1    1 
ATOM   232 C C2    . DG  A 1 11 ? 0.607   -0.050  4.857   1.00 34.78  ? 11  DG  A C2    1 
ATOM   233 N N2    . DG  A 1 11 ? 0.061   -1.170  5.367   1.00 31.21  ? 11  DG  A N2    1 
ATOM   234 N N3    . DG  A 1 11 ? 1.355   0.705   5.645   1.00 28.46  ? 11  DG  A N3    1 
ATOM   235 C C4    . DG  A 1 11 ? 1.851   1.784   5.008   1.00 37.64  ? 11  DG  A C4    1 
ATOM   236 P P     . DG  A 1 12 ? 5.915   2.055   10.003  1.00 60.13  ? 12  DG  A P     1 
ATOM   237 O OP1   . DG  A 1 12 ? 5.925   1.972   11.480  1.00 65.83  ? 12  DG  A OP1   1 
ATOM   238 O OP2   . DG  A 1 12 ? 7.128   2.497   9.270   1.00 52.35  ? 12  DG  A OP2   1 
ATOM   239 O "O5'" . DG  A 1 12 ? 5.486   0.631   9.427   1.00 58.84  ? 12  DG  A "O5'" 1 
ATOM   240 C "C5'" . DG  A 1 12 ? 4.335   0.009   9.945   1.00 48.49  ? 12  DG  A "C5'" 1 
ATOM   241 C "C4'" . DG  A 1 12 ? 4.211   -1.393  9.398   1.00 49.65  ? 12  DG  A "C4'" 1 
ATOM   242 O "O4'" . DG  A 1 12 ? 3.652   -1.340  8.055   1.00 44.06  ? 12  DG  A "O4'" 1 
ATOM   243 C "C3'" . DG  A 1 12 ? 5.519   -2.184  9.279   1.00 43.19  ? 12  DG  A "C3'" 1 
ATOM   244 O "O3'" . DG  A 1 12 ? 5.207   -3.555  9.534   1.00 50.78  ? 12  DG  A "O3'" 1 
ATOM   245 C "C2'" . DG  A 1 12 ? 5.882   -1.967  7.811   1.00 42.63  ? 12  DG  A "C2'" 1 
ATOM   246 C "C1'" . DG  A 1 12 ? 4.496   -2.063  7.202   1.00 37.04  ? 12  DG  A "C1'" 1 
ATOM   247 N N9    . DG  A 1 12 ? 4.351   -1.531  5.860   1.00 31.84  ? 12  DG  A N9    1 
ATOM   248 C C8    . DG  A 1 12 ? 4.884   -0.389  5.318   1.00 26.08  ? 12  DG  A C8    1 
ATOM   249 N N7    . DG  A 1 12 ? 4.524   -0.211  4.055   1.00 35.41  ? 12  DG  A N7    1 
ATOM   250 C C5    . DG  A 1 12 ? 3.714   -1.310  3.773   1.00 20.08  ? 12  DG  A C5    1 
ATOM   251 C C6    . DG  A 1 12 ? 3.001   -1.660  2.584   1.00 30.91  ? 12  DG  A C6    1 
ATOM   252 O O6    . DG  A 1 12 ? 2.986   -1.055  1.522   1.00 24.80  ? 12  DG  A O6    1 
ATOM   253 N N1    . DG  A 1 12 ? 2.258   -2.820  2.740   1.00 19.01  ? 12  DG  A N1    1 
ATOM   254 C C2    . DG  A 1 12 ? 2.203   -3.549  3.910   1.00 27.73  ? 12  DG  A C2    1 
ATOM   255 N N2    . DG  A 1 12 ? 1.480   -4.671  3.897   1.00 20.36  ? 12  DG  A N2    1 
ATOM   256 N N3    . DG  A 1 12 ? 2.836   -3.212  5.028   1.00 28.99  ? 12  DG  A N3    1 
ATOM   257 C C4    . DG  A 1 12 ? 3.543   -2.080  4.889   1.00 24.68  ? 12  DG  A C4    1 
ATOM   258 P P     . DG  A 1 13 ? 6.317   -4.636  9.928   1.00 58.81  ? 13  DG  A P     1 
ATOM   259 O OP1   . DG  A 1 13 ? 6.100   -4.973  11.346  1.00 59.59  ? 13  DG  A OP1   1 
ATOM   260 O OP2   . DG  A 1 13 ? 7.631   -4.161  9.453   1.00 60.91  ? 13  DG  A OP2   1 
ATOM   261 O "O5'" . DG  A 1 13 ? 5.916   -5.907  9.039   1.00 57.94  ? 13  DG  A "O5'" 1 
ATOM   262 C "C5'" . DG  A 1 13 ? 4.559   -6.291  8.953   1.00 51.28  ? 13  DG  A "C5'" 1 
ATOM   263 C "C4'" . DG  A 1 13 ? 4.371   -7.340  7.874   1.00 45.33  ? 13  DG  A "C4'" 1 
ATOM   264 O "O4'" . DG  A 1 13 ? 4.112   -6.679  6.608   1.00 42.05  ? 13  DG  A "O4'" 1 
ATOM   265 C "C3'" . DG  A 1 13 ? 5.572   -8.268  7.666   1.00 42.74  ? 13  DG  A "C3'" 1 
ATOM   266 O "O3'" . DG  A 1 13 ? 5.123   -9.643  7.711   1.00 43.67  ? 13  DG  A "O3'" 1 
ATOM   267 C "C2'" . DG  A 1 13 ? 6.132   -7.843  6.296   1.00 45.40  ? 13  DG  A "C2'" 1 
ATOM   268 C "C1'" . DG  A 1 13 ? 4.902   -7.253  5.602   1.00 29.76  ? 13  DG  A "C1'" 1 
ATOM   269 N N9    . DG  A 1 13 ? 5.186   -6.213  4.627   1.00 30.73  ? 13  DG  A N9    1 
ATOM   270 C C8    . DG  A 1 13 ? 5.862   -5.027  4.798   1.00 25.22  ? 13  DG  A C8    1 
ATOM   271 N N7    . DG  A 1 13 ? 5.905   -4.300  3.691   1.00 30.81  ? 13  DG  A N7    1 
ATOM   272 C C5    . DG  A 1 13 ? 5.196   -5.055  2.761   1.00 17.69  ? 13  DG  A C5    1 
ATOM   273 C C6    . DG  A 1 13 ? 4.827   -4.759  1.410   1.00 22.17  ? 13  DG  A C6    1 
ATOM   274 O O6    . DG  A 1 13 ? 5.163   -3.791  0.746   1.00 20.42  ? 13  DG  A O6    1 
ATOM   275 N N1    . DG  A 1 13 ? 4.090   -5.785  0.830   1.00 16.45  ? 13  DG  A N1    1 
ATOM   276 C C2    . DG  A 1 13 ? 3.700   -6.922  1.481   1.00 20.70  ? 13  DG  A C2    1 
ATOM   277 N N2    . DG  A 1 13 ? 3.005   -7.837  0.768   1.00 22.94  ? 13  DG  A N2    1 
ATOM   278 N N3    . DG  A 1 13 ? 3.985   -7.179  2.755   1.00 28.85  ? 13  DG  A N3    1 
ATOM   279 C C4    . DG  A 1 13 ? 4.734   -6.206  3.318   1.00 21.75  ? 13  DG  A C4    1 
ATOM   280 P P     . DG  A 1 14 ? 6.124   -10.887 7.516   1.00 45.04  ? 14  DG  A P     1 
ATOM   281 O OP1   . DG  A 1 14 ? 5.578   -12.032 8.272   1.00 45.37  ? 14  DG  A OP1   1 
ATOM   282 O OP2   . DG  A 1 14 ? 7.504   -10.423 7.729   1.00 46.29  ? 14  DG  A OP2   1 
ATOM   283 O "O5'" . DG  A 1 14 ? 5.977   -11.220 5.951   1.00 46.57  ? 14  DG  A "O5'" 1 
ATOM   284 C "C5'" . DG  A 1 14 ? 4.855   -11.963 5.485   1.00 34.97  ? 14  DG  A "C5'" 1 
ATOM   285 C "C4'" . DG  A 1 14 ? 5.133   -12.450 4.075   1.00 29.56  ? 14  DG  A "C4'" 1 
ATOM   286 O "O4'" . DG  A 1 14 ? 5.204   -11.275 3.236   1.00 34.00  ? 14  DG  A "O4'" 1 
ATOM   287 C "C3'" . DG  A 1 14 ? 6.477   -13.174 3.904   1.00 35.45  ? 14  DG  A "C3'" 1 
ATOM   288 O "O3'" . DG  A 1 14 ? 6.306   -14.367 3.122   1.00 35.53  ? 14  DG  A "O3'" 1 
ATOM   289 C "C2'" . DG  A 1 14 ? 7.346   -12.160 3.179   1.00 32.59  ? 14  DG  A "C2'" 1 
ATOM   290 C "C1'" . DG  A 1 14 ? 6.304   -11.383 2.389   1.00 28.47  ? 14  DG  A "C1'" 1 
ATOM   291 N N9    . DG  A 1 14 ? 6.714   -10.026 2.035   1.00 37.45  ? 14  DG  A N9    1 
ATOM   292 C C8    . DG  A 1 14 ? 7.296   -9.081  2.856   1.00 31.32  ? 14  DG  A C8    1 
ATOM   293 N N7    . DG  A 1 14 ? 7.544   -7.950  2.251   1.00 29.29  ? 14  DG  A N7    1 
ATOM   294 C C5    . DG  A 1 14 ? 7.056   -8.146  0.953   1.00 33.51  ? 14  DG  A C5    1 
ATOM   295 C C6    . DG  A 1 14 ? 7.013   -7.264  -0.160  1.00 31.53  ? 14  DG  A C6    1 
ATOM   296 O O6    . DG  A 1 14 ? 7.436   -6.098  -0.228  1.00 32.70  ? 14  DG  A O6    1 
ATOM   297 N N1    . DG  A 1 14 ? 6.415   -7.869  -1.286  1.00 33.13  ? 14  DG  A N1    1 
ATOM   298 C C2    . DG  A 1 14 ? 5.928   -9.164  -1.309  1.00 37.16  ? 14  DG  A C2    1 
ATOM   299 N N2    . DG  A 1 14 ? 5.411   -9.598  -2.463  1.00 31.23  ? 14  DG  A N2    1 
ATOM   300 N N3    . DG  A 1 14 ? 5.953   -9.984  -0.270  1.00 33.61  ? 14  DG  A N3    1 
ATOM   301 C C4    . DG  A 1 14 ? 6.525   -9.410  0.819   1.00 32.07  ? 14  DG  A C4    1 
ATOM   302 P P     . DA  A 1 15 ? 7.002   -15.724 3.548   1.00 40.09  ? 15  DA  A P     1 
ATOM   303 O OP1   . DA  A 1 15 ? 8.330   -15.414 4.121   1.00 48.51  ? 15  DA  A OP1   1 
ATOM   304 O OP2   . DA  A 1 15 ? 6.896   -16.669 2.422   1.00 47.77  ? 15  DA  A OP2   1 
ATOM   305 O "O5'" . DA  A 1 15 ? 6.041   -16.249 4.709   1.00 35.27  ? 15  DA  A "O5'" 1 
ATOM   306 C "C5'" . DA  A 1 15 ? 4.672   -16.434 4.430   1.00 38.10  ? 15  DA  A "C5'" 1 
ATOM   307 C "C4'" . DA  A 1 15 ? 3.993   -17.162 5.560   1.00 37.78  ? 15  DA  A "C4'" 1 
ATOM   308 O "O4'" . DA  A 1 15 ? 4.359   -18.563 5.515   1.00 37.33  ? 15  DA  A "O4'" 1 
ATOM   309 C "C3'" . DA  A 1 15 ? 4.395   -16.650 6.934   1.00 38.41  ? 15  DA  A "C3'" 1 
ATOM   310 O "O3'" . DA  A 1 15 ? 3.273   -16.627 7.774   1.00 49.47  ? 15  DA  A "O3'" 1 
ATOM   311 C "C2'" . DA  A 1 15 ? 5.425   -17.661 7.399   1.00 36.96  ? 15  DA  A "C2'" 1 
ATOM   312 C "C1'" . DA  A 1 15 ? 4.945   -18.949 6.747   1.00 39.52  ? 15  DA  A "C1'" 1 
ATOM   313 N N9    . DA  A 1 15 ? 6.051   -19.847 6.448   1.00 35.04  ? 15  DA  A N9    1 
ATOM   314 C C8    . DA  A 1 15 ? 7.344   -19.485 6.159   1.00 34.25  ? 15  DA  A C8    1 
ATOM   315 N N7    . DA  A 1 15 ? 8.133   -20.497 5.904   1.00 38.25  ? 15  DA  A N7    1 
ATOM   316 C C5    . DA  A 1 15 ? 7.304   -21.597 6.072   1.00 35.80  ? 15  DA  A C5    1 
ATOM   317 C C6    . DA  A 1 15 ? 7.547   -22.970 5.973   1.00 43.11  ? 15  DA  A C6    1 
ATOM   318 N N6    . DA  A 1 15 ? 8.749   -23.474 5.667   1.00 45.94  ? 15  DA  A N6    1 
ATOM   319 N N1    . DA  A 1 15 ? 6.512   -23.807 6.193   1.00 41.40  ? 15  DA  A N1    1 
ATOM   320 C C2    . DA  A 1 15 ? 5.314   -23.284 6.492   1.00 43.64  ? 15  DA  A C2    1 
ATOM   321 N N3    . DA  A 1 15 ? 4.964   -22.005 6.620   1.00 42.88  ? 15  DA  A N3    1 
ATOM   322 C C4    . DA  A 1 15 ? 6.019   -21.210 6.398   1.00 35.90  ? 15  DA  A C4    1 
ATOM   323 P P     . DA  A 1 16 ? 2.705   -15.224 8.293   1.00 54.03  ? 16  DA  A P     1 
ATOM   324 O OP1   . DA  A 1 16 ? 3.794   -14.516 9.016   1.00 59.01  ? 16  DA  A OP1   1 
ATOM   325 O OP2   . DA  A 1 16 ? 1.409   -15.486 8.955   1.00 48.86  ? 16  DA  A OP2   1 
ATOM   326 O "O5'" . DA  A 1 16 ? 2.413   -14.428 6.937   1.00 52.46  ? 16  DA  A "O5'" 1 
ATOM   327 C "C5'" . DA  A 1 16 ? 1.102   -14.431 6.379   1.00 48.04  ? 16  DA  A "C5'" 1 
ATOM   328 C "C4'" . DA  A 1 16 ? 1.071   -13.579 5.135   1.00 42.01  ? 16  DA  A "C4'" 1 
ATOM   329 O "O4'" . DA  A 1 16 ? 1.859   -14.202 4.109   1.00 44.53  ? 16  DA  A "O4'" 1 
ATOM   330 C "C3'" . DA  A 1 16 ? -0.291  -13.392 4.500   1.00 48.35  ? 16  DA  A "C3'" 1 
ATOM   331 O "O3'" . DA  A 1 16 ? -0.241  -12.232 3.652   1.00 46.31  ? 16  DA  A "O3'" 1 
ATOM   332 C "C2'" . DA  A 1 16 ? -0.391  -14.669 3.664   1.00 44.52  ? 16  DA  A "C2'" 1 
ATOM   333 C "C1'" . DA  A 1 16 ? 1.012   -14.726 3.087   1.00 47.36  ? 16  DA  A "C1'" 1 
ATOM   334 N N9    . DA  A 1 16 ? 1.506   -16.064 2.793   1.00 43.78  ? 16  DA  A N9    1 
ATOM   335 C C8    . DA  A 1 16 ? 2.405   -16.412 1.822   1.00 45.23  ? 16  DA  A C8    1 
ATOM   336 N N7    . DA  A 1 16 ? 2.772   -17.679 1.867   1.00 43.19  ? 16  DA  A N7    1 
ATOM   337 C C5    . DA  A 1 16 ? 2.082   -18.179 2.954   1.00 38.37  ? 16  DA  A C5    1 
ATOM   338 C C6    . DA  A 1 16 ? 2.036   -19.453 3.529   1.00 41.60  ? 16  DA  A C6    1 
ATOM   339 N N6    . DA  A 1 16 ? 2.726   -20.488 3.057   1.00 41.52  ? 16  DA  A N6    1 
ATOM   340 N N1    . DA  A 1 16 ? 1.270   -19.616 4.628   1.00 44.91  ? 16  DA  A N1    1 
ATOM   341 C C2    . DA  A 1 16 ? 0.578   -18.569 5.098   1.00 39.48  ? 16  DA  A C2    1 
ATOM   342 N N3    . DA  A 1 16 ? 0.535   -17.325 4.637   1.00 41.94  ? 16  DA  A N3    1 
ATOM   343 C C4    . DA  A 1 16 ? 1.307   -17.199 3.545   1.00 41.12  ? 16  DA  A C4    1 
ATOM   344 P P     . DG  A 1 17 ? -0.487  -10.750 4.212   1.00 36.91  ? 17  DG  A P     1 
ATOM   345 O OP1   . DG  A 1 17 ? 0.845   -10.134 4.464   1.00 40.42  ? 17  DG  A OP1   1 
ATOM   346 O OP2   . DG  A 1 17 ? -1.507  -10.812 5.254   1.00 38.34  ? 17  DG  A OP2   1 
ATOM   347 O "O5'" . DG  A 1 17 ? -1.135  -10.027 2.947   1.00 36.79  ? 17  DG  A "O5'" 1 
ATOM   348 C "C5'" . DG  A 1 17 ? -2.393  -10.494 2.448   1.00 36.03  ? 17  DG  A "C5'" 1 
ATOM   349 C "C4'" . DG  A 1 17 ? -2.450  -10.313 0.950   1.00 33.87  ? 17  DG  A "C4'" 1 
ATOM   350 O "O4'" . DG  A 1 17 ? -2.413  -8.898  0.657   1.00 34.70  ? 17  DG  A "O4'" 1 
ATOM   351 C "C3'" . DG  A 1 17 ? -1.278  -10.932 0.211   1.00 39.67  ? 17  DG  A "C3'" 1 
ATOM   352 O "O3'" . DG  A 1 17 ? -1.726  -11.479 -1.049  1.00 40.65  ? 17  DG  A "O3'" 1 
ATOM   353 C "C2'" . DG  A 1 17 ? -0.352  -9.741  0.013   1.00 28.05  ? 17  DG  A "C2'" 1 
ATOM   354 C "C1'" . DG  A 1 17 ? -1.331  -8.608  -0.170  1.00 33.11  ? 17  DG  A "C1'" 1 
ATOM   355 N N9    . DG  A 1 17 ? -0.747  -7.330  0.208   1.00 33.82  ? 17  DG  A N9    1 
ATOM   356 C C8    . DG  A 1 17 ? -0.305  -6.952  1.459   1.00 33.22  ? 17  DG  A C8    1 
ATOM   357 N N7    . DG  A 1 17 ? 0.258   -5.772  1.480   1.00 31.15  ? 17  DG  A N7    1 
ATOM   358 C C5    . DG  A 1 17 ? 0.227   -5.370  0.138   1.00 28.03  ? 17  DG  A C5    1 
ATOM   359 C C6    . DG  A 1 17 ? 0.719   -4.197  -0.467  1.00 24.83  ? 17  DG  A C6    1 
ATOM   360 O O6    . DG  A 1 17 ? 1.280   -3.212  0.075   1.00 33.66  ? 17  DG  A O6    1 
ATOM   361 N N1    . DG  A 1 17 ? 0.455   -4.174  -1.849  1.00 27.94  ? 17  DG  A N1    1 
ATOM   362 C C2    . DG  A 1 17 ? -0.177  -5.186  -2.549  1.00 25.54  ? 17  DG  A C2    1 
ATOM   363 N N2    . DG  A 1 17 ? -0.313  -5.002  -3.880  1.00 24.80  ? 17  DG  A N2    1 
ATOM   364 N N3    . DG  A 1 17 ? -0.631  -6.295  -1.987  1.00 27.33  ? 17  DG  A N3    1 
ATOM   365 C C4    . DG  A 1 17 ? -0.387  -6.324  -0.647  1.00 30.68  ? 17  DG  A C4    1 
ATOM   366 P P     . DG  A 1 18 ? -0.789  -12.414 -1.956  1.00 42.87  ? 18  DG  A P     1 
ATOM   367 O OP1   . DG  A 1 18 ? -1.657  -13.490 -2.499  1.00 47.74  ? 18  DG  A OP1   1 
ATOM   368 O OP2   . DG  A 1 18 ? 0.445   -12.778 -1.243  1.00 41.47  ? 18  DG  A OP2   1 
ATOM   369 O "O5'" . DG  A 1 18 ? -0.351  -11.443 -3.149  1.00 43.85  ? 18  DG  A "O5'" 1 
ATOM   370 C "C5'" . DG  A 1 18 ? -1.335  -10.805 -3.953  1.00 43.95  ? 18  DG  A "C5'" 1 
ATOM   371 C "C4'" . DG  A 1 18 ? -0.716  -10.278 -5.231  1.00 39.19  ? 18  DG  A "C4'" 1 
ATOM   372 O "O4'" . DG  A 1 18 ? -0.110  -8.981  -5.001  1.00 32.72  ? 18  DG  A "O4'" 1 
ATOM   373 C "C3'" . DG  A 1 18 ? 0.376   -11.131 -5.855  1.00 46.01  ? 18  DG  A "C3'" 1 
ATOM   374 O "O3'" . DG  A 1 18 ? 0.281   -10.984 -7.272  1.00 52.05  ? 18  DG  A "O3'" 1 
ATOM   375 C "C2'" . DG  A 1 18 ? 1.662   -10.492 -5.313  1.00 32.47  ? 18  DG  A "C2'" 1 
ATOM   376 C "C1'" . DG  A 1 18 ? 1.279   -9.024  -5.260  1.00 36.81  ? 18  DG  A "C1'" 1 
ATOM   377 N N9    . DG  A 1 18 ? 1.918   -8.263  -4.178  1.00 31.56  ? 18  DG  A N9    1 
ATOM   378 C C8    . DG  A 1 18 ? 1.943   -8.582  -2.839  1.00 31.90  ? 18  DG  A C8    1 
ATOM   379 N N7    . DG  A 1 18 ? 2.514   -7.673  -2.098  1.00 30.96  ? 18  DG  A N7    1 
ATOM   380 C C5    . DG  A 1 18 ? 2.867   -6.682  -3.006  1.00 24.66  ? 18  DG  A C5    1 
ATOM   381 C C6    . DG  A 1 18 ? 3.471   -5.431  -2.792  1.00 23.91  ? 18  DG  A C6    1 
ATOM   382 O O6    . DG  A 1 18 ? 3.888   -4.940  -1.695  1.00 25.65  ? 18  DG  A O6    1 
ATOM   383 N N1    . DG  A 1 18 ? 3.621   -4.719  -3.997  1.00 25.10  ? 18  DG  A N1    1 
ATOM   384 C C2    . DG  A 1 18 ? 3.183   -5.172  -5.246  1.00 28.28  ? 18  DG  A C2    1 
ATOM   385 N N2    . DG  A 1 18 ? 3.413   -4.379  -6.317  1.00 30.16  ? 18  DG  A N2    1 
ATOM   386 N N3    . DG  A 1 18 ? 2.588   -6.329  -5.428  1.00 24.96  ? 18  DG  A N3    1 
ATOM   387 C C4    . DG  A 1 18 ? 2.460   -7.027  -4.283  1.00 30.15  ? 18  DG  A C4    1 
ATOM   388 P P     . DG  A 1 19 ? 1.173   -11.856 -8.276  1.00 56.22  ? 19  DG  A P     1 
ATOM   389 O OP1   . DG  A 1 19 ? 0.327   -12.097 -9.474  1.00 59.83  ? 19  DG  A OP1   1 
ATOM   390 O OP2   . DG  A 1 19 ? 1.770   -12.998 -7.552  1.00 49.04  ? 19  DG  A OP2   1 
ATOM   391 O "O5'" . DG  A 1 19 ? 2.359   -10.857 -8.681  1.00 53.30  ? 19  DG  A "O5'" 1 
ATOM   392 C "C5'" . DG  A 1 19 ? 2.039   -9.633  -9.334  1.00 53.17  ? 19  DG  A "C5'" 1 
ATOM   393 C "C4'" . DG  A 1 19 ? 3.279   -8.996  -9.907  1.00 52.84  ? 19  DG  A "C4'" 1 
ATOM   394 O "O4'" . DG  A 1 19 ? 3.859   -8.086  -8.929  1.00 49.19  ? 19  DG  A "O4'" 1 
ATOM   395 C "C3'" . DG  A 1 19 ? 4.394   -9.969  -10.271 1.00 57.35  ? 19  DG  A "C3'" 1 
ATOM   396 O "O3'" . DG  A 1 19 ? 5.109   -9.462  -11.405 1.00 69.43  ? 19  DG  A "O3'" 1 
ATOM   397 C "C2'" . DG  A 1 19 ? 5.270   -9.938  -9.021  1.00 48.32  ? 19  DG  A "C2'" 1 
ATOM   398 C "C1'" . DG  A 1 19 ? 5.202   -8.463  -8.690  1.00 44.77  ? 19  DG  A "C1'" 1 
ATOM   399 N N9    . DG  A 1 19 ? 5.484   -8.164  -7.301  1.00 40.37  ? 19  DG  A N9    1 
ATOM   400 C C8    . DG  A 1 19 ? 5.168   -8.928  -6.203  1.00 35.38  ? 19  DG  A C8    1 
ATOM   401 N N7    . DG  A 1 19 ? 5.521   -8.375  -5.070  1.00 29.16  ? 19  DG  A N7    1 
ATOM   402 C C5    . DG  A 1 19 ? 6.098   -7.173  -5.452  1.00 27.54  ? 19  DG  A C5    1 
ATOM   403 C C6    . DG  A 1 19 ? 6.622   -6.131  -4.669  1.00 31.83  ? 19  DG  A C6    1 
ATOM   404 O O6    . DG  A 1 19 ? 6.710   -6.074  -3.423  1.00 33.70  ? 19  DG  A O6    1 
ATOM   405 N N1    . DG  A 1 19 ? 7.091   -5.084  -5.463  1.00 33.52  ? 19  DG  A N1    1 
ATOM   406 C C2    . DG  A 1 19 ? 7.012   -5.029  -6.837  1.00 33.90  ? 19  DG  A C2    1 
ATOM   407 N N2    . DG  A 1 19 ? 7.520   -3.937  -7.429  1.00 34.04  ? 19  DG  A N2    1 
ATOM   408 N N3    . DG  A 1 19 ? 6.506   -5.988  -7.573  1.00 32.34  ? 19  DG  A N3    1 
ATOM   409 C C4    . DG  A 1 19 ? 6.045   -7.015  -6.822  1.00 33.47  ? 19  DG  A C4    1 
ATOM   410 P P     . DA  A 1 20 ? 5.448   -10.418 -12.642 1.00 76.01  ? 20  DA  A P     1 
ATOM   411 O OP1   . DA  A 1 20 ? 4.426   -10.170 -13.681 1.00 76.94  ? 20  DA  A OP1   1 
ATOM   412 O OP2   . DA  A 1 20 ? 5.657   -11.790 -12.114 1.00 77.21  ? 20  DA  A OP2   1 
ATOM   413 O "O5'" . DA  A 1 20 ? 6.867   -9.875  -13.147 1.00 85.25  ? 20  DA  A "O5'" 1 
ATOM   414 C "C5'" . DA  A 1 20 ? 8.054   -10.212 -12.415 1.00 96.72  ? 20  DA  A "C5'" 1 
ATOM   415 C "C4'" . DA  A 1 20 ? 8.920   -11.211 -13.173 1.00 105.10 ? 20  DA  A "C4'" 1 
ATOM   416 O "O4'" . DA  A 1 20 ? 10.260  -11.191 -12.610 1.00 110.06 ? 20  DA  A "O4'" 1 
ATOM   417 C "C3'" . DA  A 1 20 ? 8.471   -12.673 -13.094 1.00 107.69 ? 20  DA  A "C3'" 1 
ATOM   418 O "O3'" . DA  A 1 20 ? 8.861   -13.376 -14.280 1.00 104.51 ? 20  DA  A "O3'" 1 
ATOM   419 C "C2'" . DA  A 1 20 ? 9.234   -13.178 -11.874 1.00 108.54 ? 20  DA  A "C2'" 1 
ATOM   420 C "C1'" . DA  A 1 20 ? 10.566  -12.457 -12.053 1.00 110.40 ? 20  DA  A "C1'" 1 
ATOM   421 N N9    . DA  A 1 20 ? 11.315  -12.263 -10.809 1.00 111.34 ? 20  DA  A N9    1 
ATOM   422 C C8    . DA  A 1 20 ? 11.033  -12.806 -9.584  1.00 110.10 ? 20  DA  A C8    1 
ATOM   423 N N7    . DA  A 1 20 ? 11.892  -12.477 -8.647  1.00 110.38 ? 20  DA  A N7    1 
ATOM   424 C C5    . DA  A 1 20 ? 12.810  -11.663 -9.299  1.00 110.19 ? 20  DA  A C5    1 
ATOM   425 C C6    . DA  A 1 20 ? 13.972  -10.986 -8.855  1.00 106.50 ? 20  DA  A C6    1 
ATOM   426 N N6    . DA  A 1 20 ? 14.413  -11.031 -7.595  1.00 100.71 ? 20  DA  A N6    1 
ATOM   427 N N1    . DA  A 1 20 ? 14.659  -10.254 -9.764  1.00 106.47 ? 20  DA  A N1    1 
ATOM   428 C C2    . DA  A 1 20 ? 14.213  -10.210 -11.029 1.00 108.03 ? 20  DA  A C2    1 
ATOM   429 N N3    . DA  A 1 20 ? 13.140  -10.802 -11.564 1.00 110.06 ? 20  DA  A N3    1 
ATOM   430 C C4    . DA  A 1 20 ? 12.472  -11.520 -10.636 1.00 111.70 ? 20  DA  A C4    1 
ATOM   431 O "O5'" . DG  B 1 1  ? -11.341 -2.574  -1.276  1.00 62.02  ? 1   DG  B "O5'" 1 
ATOM   432 C "C5'" . DG  B 1 1  ? -11.194 -3.979  -1.115  1.00 59.69  ? 1   DG  B "C5'" 1 
ATOM   433 C "C4'" . DG  B 1 1  ? -11.332 -4.341  0.350   1.00 58.25  ? 1   DG  B "C4'" 1 
ATOM   434 O "O4'" . DG  B 1 1  ? -10.212 -3.790  1.111   1.00 50.87  ? 1   DG  B "O4'" 1 
ATOM   435 C "C3'" . DG  B 1 1  ? -12.588 -3.787  1.002   1.00 57.34  ? 1   DG  B "C3'" 1 
ATOM   436 O "O3'" . DG  B 1 1  ? -13.062 -4.717  1.955   1.00 63.79  ? 1   DG  B "O3'" 1 
ATOM   437 C "C2'" . DG  B 1 1  ? -12.078 -2.509  1.665   1.00 48.88  ? 1   DG  B "C2'" 1 
ATOM   438 C "C1'" . DG  B 1 1  ? -10.710 -2.970  2.149   1.00 43.73  ? 1   DG  B "C1'" 1 
ATOM   439 N N9    . DG  B 1 1  ? -9.779  -1.871  2.401   1.00 39.53  ? 1   DG  B N9    1 
ATOM   440 C C8    . DG  B 1 1  ? -9.307  -1.454  3.629   1.00 46.18  ? 1   DG  B C8    1 
ATOM   441 N N7    . DG  B 1 1  ? -8.523  -0.405  3.563   1.00 40.78  ? 1   DG  B N7    1 
ATOM   442 C C5    . DG  B 1 1  ? -8.480  -0.097  2.209   1.00 35.29  ? 1   DG  B C5    1 
ATOM   443 C C6    . DG  B 1 1  ? -7.784  0.932   1.536   1.00 37.88  ? 1   DG  B C6    1 
ATOM   444 O O6    . DG  B 1 1  ? -7.035  1.798   2.021   1.00 33.62  ? 1   DG  B O6    1 
ATOM   445 N N1    . DG  B 1 1  ? -8.033  0.913   0.163   1.00 38.22  ? 1   DG  B N1    1 
ATOM   446 C C2    . DG  B 1 1  ? -8.831  -0.017  -0.475  1.00 38.70  ? 1   DG  B C2    1 
ATOM   447 N N2    . DG  B 1 1  ? -8.916  0.077   -1.811  1.00 33.33  ? 1   DG  B N2    1 
ATOM   448 N N3    . DG  B 1 1  ? -9.462  -0.999  0.145   1.00 39.85  ? 1   DG  B N3    1 
ATOM   449 C C4    . DG  B 1 1  ? -9.260  -0.973  1.482   1.00 35.91  ? 1   DG  B C4    1 
ATOM   450 P P     . DG  B 1 2  ? -14.596 -4.712  2.412   1.00 67.40  ? 2   DG  B P     1 
ATOM   451 O OP1   . DG  B 1 2  ? -14.923 -6.094  2.846   1.00 62.45  ? 2   DG  B OP1   1 
ATOM   452 O OP2   . DG  B 1 2  ? -15.392 -4.054  1.351   1.00 61.46  ? 2   DG  B OP2   1 
ATOM   453 O "O5'" . DG  B 1 2  ? -14.566 -3.745  3.693   1.00 60.33  ? 2   DG  B "O5'" 1 
ATOM   454 C "C5'" . DG  B 1 2  ? -13.827 -4.147  4.837   1.00 56.76  ? 2   DG  B "C5'" 1 
ATOM   455 C "C4'" . DG  B 1 2  ? -13.546 -2.980  5.760   1.00 58.89  ? 2   DG  B "C4'" 1 
ATOM   456 O "O4'" . DG  B 1 2  ? -12.666 -2.026  5.120   1.00 49.29  ? 2   DG  B "O4'" 1 
ATOM   457 C "C3'" . DG  B 1 2  ? -14.761 -2.174  6.241   1.00 65.30  ? 2   DG  B "C3'" 1 
ATOM   458 O "O3'" . DG  B 1 2  ? -14.574 -1.907  7.661   1.00 79.60  ? 2   DG  B "O3'" 1 
ATOM   459 C "C2'" . DG  B 1 2  ? -14.666 -0.897  5.394   1.00 55.74  ? 2   DG  B "C2'" 1 
ATOM   460 C "C1'" . DG  B 1 2  ? -13.159 -0.731  5.384   1.00 53.51  ? 2   DG  B "C1'" 1 
ATOM   461 N N9    . DG  B 1 2  ? -12.607 0.194   4.395   1.00 45.84  ? 2   DG  B N9    1 
ATOM   462 C C8    . DG  B 1 2  ? -12.901 0.268   3.057   1.00 44.71  ? 2   DG  B C8    1 
ATOM   463 N N7    . DG  B 1 2  ? -12.189 1.160   2.420   1.00 38.20  ? 2   DG  B N7    1 
ATOM   464 C C5    . DG  B 1 2  ? -11.358 1.692   3.398   1.00 38.34  ? 2   DG  B C5    1 
ATOM   465 C C6    . DG  B 1 2  ? -10.352 2.677   3.301   1.00 43.18  ? 2   DG  B C6    1 
ATOM   466 O O6    . DG  B 1 2  ? -10.003 3.324   2.295   1.00 49.34  ? 2   DG  B O6    1 
ATOM   467 N N1    . DG  B 1 2  ? -9.740  2.917   4.534   1.00 43.60  ? 2   DG  B N1    1 
ATOM   468 C C2    . DG  B 1 2  ? -10.043 2.257   5.701   1.00 42.87  ? 2   DG  B C2    1 
ATOM   469 N N2    . DG  B 1 2  ? -9.350  2.621   6.792   1.00 43.32  ? 2   DG  B N2    1 
ATOM   470 N N3    . DG  B 1 2  ? -10.970 1.318   5.797   1.00 41.10  ? 2   DG  B N3    1 
ATOM   471 C C4    . DG  B 1 2  ? -11.591 1.095   4.612   1.00 40.01  ? 2   DG  B C4    1 
ATOM   472 P P     . DG  B 1 3  ? -15.376 -0.745  8.442   1.00 91.92  ? 3   DG  B P     1 
ATOM   473 O OP1   . DG  B 1 3  ? -15.227 -1.009  9.893   1.00 88.33  ? 3   DG  B OP1   1 
ATOM   474 O OP2   . DG  B 1 3  ? -16.736 -0.647  7.840   1.00 87.85  ? 3   DG  B OP2   1 
ATOM   475 O "O5'" . DG  B 1 3  ? -14.558 0.606   8.089   1.00 87.72  ? 3   DG  B "O5'" 1 
ATOM   476 C "C5'" . DG  B 1 3  ? -13.666 1.185   9.061   1.00 84.12  ? 3   DG  B "C5'" 1 
ATOM   477 C "C4'" . DG  B 1 3  ? -13.359 2.654   8.764   1.00 83.62  ? 3   DG  B "C4'" 1 
ATOM   478 O "O4'" . DG  B 1 3  ? -13.304 2.870   7.330   1.00 81.83  ? 3   DG  B "O4'" 1 
ATOM   479 C "C3'" . DG  B 1 3  ? -14.390 3.668   9.279   1.00 83.37  ? 3   DG  B "C3'" 1 
ATOM   480 O "O3'" . DG  B 1 3  ? -13.760 4.947   9.550   1.00 85.62  ? 3   DG  B "O3'" 1 
ATOM   481 C "C2'" . DG  B 1 3  ? -15.309 3.785   8.067   1.00 80.40  ? 3   DG  B "C2'" 1 
ATOM   482 C "C1'" . DG  B 1 3  ? -14.240 3.871   6.992   1.00 77.26  ? 3   DG  B "C1'" 1 
ATOM   483 N N9    . DG  B 1 3  ? -14.696 3.658   5.624   1.00 73.17  ? 3   DG  B N9    1 
ATOM   484 C C8    . DG  B 1 3  ? -15.824 2.987   5.198   1.00 74.56  ? 3   DG  B C8    1 
ATOM   485 N N7    . DG  B 1 3  ? -15.955 2.968   3.896   1.00 73.31  ? 3   DG  B N7    1 
ATOM   486 C C5    . DG  B 1 3  ? -14.841 3.670   3.431   1.00 71.91  ? 3   DG  B C5    1 
ATOM   487 C C6    . DG  B 1 3  ? -14.433 3.979   2.105   1.00 71.88  ? 3   DG  B C6    1 
ATOM   488 O O6    . DG  B 1 3  ? -14.996 3.684   1.038   1.00 74.60  ? 3   DG  B O6    1 
ATOM   489 N N1    . DG  B 1 3  ? -13.240 4.713   2.086   1.00 67.84  ? 3   DG  B N1    1 
ATOM   490 C C2    . DG  B 1 3  ? -12.527 5.096   3.210   1.00 66.54  ? 3   DG  B C2    1 
ATOM   491 N N2    . DG  B 1 3  ? -11.399 5.809   3.000   1.00 64.24  ? 3   DG  B N2    1 
ATOM   492 N N3    . DG  B 1 3  ? -12.896 4.806   4.453   1.00 62.87  ? 3   DG  B N3    1 
ATOM   493 C C4    . DG  B 1 3  ? -14.059 4.098   4.486   1.00 70.67  ? 3   DG  B C4    1 
ATOM   494 P P     . DC  B 1 4  ? -12.304 5.066   10.232  1.00 86.72  ? 4   DC  B P     1 
ATOM   495 O OP1   . DC  B 1 4  ? -11.518 3.865   9.866   1.00 89.26  ? 4   DC  B OP1   1 
ATOM   496 O OP2   . DC  B 1 4  ? -12.500 5.412   11.659  1.00 86.39  ? 4   DC  B OP2   1 
ATOM   497 O "O5'" . DC  B 1 4  ? -11.659 6.343   9.501   1.00 82.43  ? 4   DC  B "O5'" 1 
ATOM   498 C "C5'" . DC  B 1 4  ? -10.481 6.202   8.713   1.00 72.51  ? 4   DC  B "C5'" 1 
ATOM   499 C "C4'" . DC  B 1 4  ? -10.489 7.153   7.527   1.00 73.32  ? 4   DC  B "C4'" 1 
ATOM   500 O "O4'" . DC  B 1 4  ? -11.594 6.841   6.635   1.00 71.36  ? 4   DC  B "O4'" 1 
ATOM   501 C "C3'" . DC  B 1 4  ? -10.626 8.646   7.873   1.00 75.22  ? 4   DC  B "C3'" 1 
ATOM   502 O "O3'" . DC  B 1 4  ? -9.626  9.399   7.158   1.00 75.39  ? 4   DC  B "O3'" 1 
ATOM   503 C "C2'" . DC  B 1 4  ? -12.043 8.994   7.398   1.00 73.91  ? 4   DC  B "C2'" 1 
ATOM   504 C "C1'" . DC  B 1 4  ? -12.167 8.063   6.200   1.00 78.31  ? 4   DC  B "C1'" 1 
ATOM   505 N N1    . DC  B 1 4  ? -13.579 7.814   5.722   1.00 79.42  ? 4   DC  B N1    1 
ATOM   506 C C2    . DC  B 1 4  ? -13.927 8.065   4.371   1.00 80.09  ? 4   DC  B C2    1 
ATOM   507 O O2    . DC  B 1 4  ? -13.080 8.527   3.589   1.00 79.62  ? 4   DC  B O2    1 
ATOM   508 N N3    . DC  B 1 4  ? -15.193 7.791   3.956   1.00 76.56  ? 4   DC  B N3    1 
ATOM   509 C C4    . DC  B 1 4  ? -16.085 7.291   4.819   1.00 76.24  ? 4   DC  B C4    1 
ATOM   510 N N4    . DC  B 1 4  ? -17.318 7.039   4.364   1.00 73.63  ? 4   DC  B N4    1 
ATOM   511 C C5    . DC  B 1 4  ? -15.754 7.033   6.188   1.00 75.71  ? 4   DC  B C5    1 
ATOM   512 C C6    . DC  B 1 4  ? -14.504 7.301   6.590   1.00 78.01  ? 4   DC  B C6    1 
ATOM   513 P P     . DG  B 1 5  ? -9.126  10.834  7.694   1.00 75.02  ? 5   DG  B P     1 
ATOM   514 O OP1   . DG  B 1 5  ? -10.326 11.581  8.139   1.00 75.54  ? 5   DG  B OP1   1 
ATOM   515 O OP2   . DG  B 1 5  ? -8.231  11.421  6.665   1.00 69.77  ? 5   DG  B OP2   1 
ATOM   516 O "O5'" . DG  B 1 5  ? -8.231  10.468  8.981   1.00 68.52  ? 5   DG  B "O5'" 1 
ATOM   517 C "C5'" . DG  B 1 5  ? -6.859  10.096  8.828   1.00 63.00  ? 5   DG  B "C5'" 1 
ATOM   518 C "C4'" . DG  B 1 5  ? -6.378  9.263   10.007  1.00 57.35  ? 5   DG  B "C4'" 1 
ATOM   519 O "O4'" . DG  B 1 5  ? -6.931  7.922   9.950   1.00 55.13  ? 5   DG  B "O4'" 1 
ATOM   520 C "C3'" . DG  B 1 5  ? -4.881  9.044   10.068  1.00 59.82  ? 5   DG  B "C3'" 1 
ATOM   521 O "O3'" . DG  B 1 5  ? -4.514  8.774   11.436  1.00 62.20  ? 5   DG  B "O3'" 1 
ATOM   522 C "C2'" . DG  B 1 5  ? -4.701  7.834   9.144   1.00 53.06  ? 5   DG  B "C2'" 1 
ATOM   523 C "C1'" . DG  B 1 5  ? -5.974  7.026   9.411   1.00 52.52  ? 5   DG  B "C1'" 1 
ATOM   524 N N9    . DG  B 1 5  ? -6.559  6.372   8.226   1.00 50.64  ? 5   DG  B N9    1 
ATOM   525 C C8    . DG  B 1 5  ? -7.123  5.114   8.189   1.00 48.39  ? 5   DG  B C8    1 
ATOM   526 N N7    . DG  B 1 5  ? -7.604  4.787   7.021   1.00 48.85  ? 5   DG  B N7    1 
ATOM   527 C C5    . DG  B 1 5  ? -7.357  5.901   6.218   1.00 44.34  ? 5   DG  B C5    1 
ATOM   528 C C6    . DG  B 1 5  ? -7.622  6.114   4.835   1.00 48.31  ? 5   DG  B C6    1 
ATOM   529 O O6    . DG  B 1 5  ? -8.170  5.351   4.030   1.00 46.43  ? 5   DG  B O6    1 
ATOM   530 N N1    . DG  B 1 5  ? -7.178  7.359   4.404   1.00 43.02  ? 5   DG  B N1    1 
ATOM   531 C C2    . DG  B 1 5  ? -6.555  8.285   5.204   1.00 45.92  ? 5   DG  B C2    1 
ATOM   532 N N2    . DG  B 1 5  ? -6.224  9.440   4.613   1.00 47.21  ? 5   DG  B N2    1 
ATOM   533 N N3    . DG  B 1 5  ? -6.281  8.100   6.493   1.00 47.71  ? 5   DG  B N3    1 
ATOM   534 C C4    . DG  B 1 5  ? -6.711  6.888   6.939   1.00 49.59  ? 5   DG  B C4    1 
ATOM   535 P P     . DG  B 1 6  ? -3.206  7.921   11.795  1.00 69.63  ? 6   DG  B P     1 
ATOM   536 O OP1   . DG  B 1 6  ? -2.868  8.149   13.220  1.00 68.69  ? 6   DG  B OP1   1 
ATOM   537 O OP2   . DG  B 1 6  ? -2.185  8.173   10.754  1.00 73.09  ? 6   DG  B OP2   1 
ATOM   538 O "O5'" . DG  B 1 6  ? -3.726  6.423   11.632  1.00 64.00  ? 6   DG  B "O5'" 1 
ATOM   539 C "C5'" . DG  B 1 6  ? -2.801  5.376   11.567  1.00 57.27  ? 6   DG  B "C5'" 1 
ATOM   540 C "C4'" . DG  B 1 6  ? -3.496  4.098   11.176  1.00 55.35  ? 6   DG  B "C4'" 1 
ATOM   541 O "O4'" . DG  B 1 6  ? -4.211  4.282   9.925   1.00 53.50  ? 6   DG  B "O4'" 1 
ATOM   542 C "C3'" . DG  B 1 6  ? -2.563  2.911   10.983  1.00 56.95  ? 6   DG  B "C3'" 1 
ATOM   543 O "O3'" . DG  B 1 6  ? -3.076  1.806   11.721  1.00 58.73  ? 6   DG  B "O3'" 1 
ATOM   544 C "C2'" . DG  B 1 6  ? -2.596  2.668   9.470   1.00 52.15  ? 6   DG  B "C2'" 1 
ATOM   545 C "C1'" . DG  B 1 6  ? -3.992  3.153   9.106   1.00 47.99  ? 6   DG  B "C1'" 1 
ATOM   546 N N9    . DG  B 1 6  ? -4.131  3.559   7.705   1.00 39.55  ? 6   DG  B N9    1 
ATOM   547 C C8    . DG  B 1 6  ? -3.507  4.624   7.085   1.00 36.64  ? 6   DG  B C8    1 
ATOM   548 N N7    . DG  B 1 6  ? -3.836  4.765   5.826   1.00 39.45  ? 6   DG  B N7    1 
ATOM   549 C C5    . DG  B 1 6  ? -4.700  3.705   5.589   1.00 35.21  ? 6   DG  B C5    1 
ATOM   550 C C6    . DG  B 1 6  ? -5.370  3.345   4.403   1.00 40.35  ? 6   DG  B C6    1 
ATOM   551 O O6    . DG  B 1 6  ? -5.290  3.901   3.306   1.00 41.42  ? 6   DG  B O6    1 
ATOM   552 N N1    . DG  B 1 6  ? -6.194  2.226   4.580   1.00 31.30  ? 6   DG  B N1    1 
ATOM   553 C C2    . DG  B 1 6  ? -6.330  1.533   5.771   1.00 38.22  ? 6   DG  B C2    1 
ATOM   554 N N2    . DG  B 1 6  ? -7.132  0.456   5.745   1.00 31.39  ? 6   DG  B N2    1 
ATOM   555 N N3    . DG  B 1 6  ? -5.692  1.858   6.899   1.00 32.69  ? 6   DG  B N3    1 
ATOM   556 C C4    . DG  B 1 6  ? -4.909  2.960   6.737   1.00 33.02  ? 6   DG  B C4    1 
ATOM   557 P P     . DG  B 1 7  ? -2.199  0.489   11.940  1.00 62.37  ? 7   DG  B P     1 
ATOM   558 O OP1   . DG  B 1 7  ? -2.561  -0.058  13.261  1.00 67.46  ? 7   DG  B OP1   1 
ATOM   559 O OP2   . DG  B 1 7  ? -0.787  0.798   11.626  1.00 64.62  ? 7   DG  B OP2   1 
ATOM   560 O "O5'" . DG  B 1 7  ? -2.754  -0.495  10.803  1.00 66.37  ? 7   DG  B "O5'" 1 
ATOM   561 C "C5'" . DG  B 1 7  ? -3.883  -1.305  11.084  1.00 61.82  ? 7   DG  B "C5'" 1 
ATOM   562 C "C4'" . DG  B 1 7  ? -4.252  -2.199  9.909   1.00 51.92  ? 7   DG  B "C4'" 1 
ATOM   563 O "O4'" . DG  B 1 7  ? -4.386  -1.412  8.702   1.00 47.90  ? 7   DG  B "O4'" 1 
ATOM   564 C "C3'" . DG  B 1 7  ? -3.275  -3.330  9.581   1.00 48.52  ? 7   DG  B "C3'" 1 
ATOM   565 O "O3'" . DG  B 1 7  ? -4.034  -4.516  9.327   1.00 47.46  ? 7   DG  B "O3'" 1 
ATOM   566 C "C2'" . DG  B 1 7  ? -2.596  -2.823  8.310   1.00 41.15  ? 7   DG  B "C2'" 1 
ATOM   567 C "C1'" . DG  B 1 7  ? -3.771  -2.114  7.652   1.00 37.22  ? 7   DG  B "C1'" 1 
ATOM   568 N N9    . DG  B 1 7  ? -3.415  -1.144  6.633   1.00 29.68  ? 7   DG  B N9    1 
ATOM   569 C C8    . DG  B 1 7  ? -2.669  -0.005  6.805   1.00 30.20  ? 7   DG  B C8    1 
ATOM   570 N N7    . DG  B 1 7  ? -2.561  0.711   5.716   1.00 34.37  ? 7   DG  B N7    1 
ATOM   571 C C5    . DG  B 1 7  ? -3.344  0.025   4.786   1.00 28.07  ? 7   DG  B C5    1 
ATOM   572 C C6    . DG  B 1 7  ? -3.607  0.321   3.432   1.00 23.56  ? 7   DG  B C6    1 
ATOM   573 O O6    . DG  B 1 7  ? -3.185  1.276   2.786   1.00 28.91  ? 7   DG  B O6    1 
ATOM   574 N N1    . DG  B 1 7  ? -4.418  -0.645  2.823   1.00 22.22  ? 7   DG  B N1    1 
ATOM   575 C C2    . DG  B 1 7  ? -4.933  -1.740  3.465   1.00 30.46  ? 7   DG  B C2    1 
ATOM   576 N N2    . DG  B 1 7  ? -5.676  -2.576  2.711   1.00 30.07  ? 7   DG  B N2    1 
ATOM   577 N N3    . DG  B 1 7  ? -4.679  -2.038  4.743   1.00 30.03  ? 7   DG  B N3    1 
ATOM   578 C C4    . DG  B 1 7  ? -3.881  -1.109  5.335   1.00 28.55  ? 7   DG  B C4    1 
ATOM   579 P P     . DG  B 1 8  ? -3.312  -5.922  9.107   1.00 52.28  ? 8   DG  B P     1 
ATOM   580 O OP1   . DG  B 1 8  ? -4.019  -6.927  9.932   1.00 58.65  ? 8   DG  B OP1   1 
ATOM   581 O OP2   . DG  B 1 8  ? -1.859  -5.732  9.256   1.00 51.43  ? 8   DG  B OP2   1 
ATOM   582 O "O5'" . DG  B 1 8  ? -3.608  -6.227  7.564   1.00 45.07  ? 8   DG  B "O5'" 1 
ATOM   583 C "C5'" . DG  B 1 8  ? -4.938  -6.262  7.112   1.00 41.44  ? 8   DG  B "C5'" 1 
ATOM   584 C "C4'" . DG  B 1 8  ? -4.991  -6.697  5.660   1.00 30.58  ? 8   DG  B "C4'" 1 
ATOM   585 O "O4'" . DG  B 1 8  ? -4.517  -5.634  4.813   1.00 32.56  ? 8   DG  B "O4'" 1 
ATOM   586 C "C3'" . DG  B 1 8  ? -4.147  -7.907  5.289   1.00 35.90  ? 8   DG  B "C3'" 1 
ATOM   587 O "O3'" . DG  B 1 8  ? -4.885  -8.640  4.292   1.00 47.83  ? 8   DG  B "O3'" 1 
ATOM   588 C "C2'" . DG  B 1 8  ? -2.871  -7.261  4.706   1.00 30.14  ? 8   DG  B "C2'" 1 
ATOM   589 C "C1'" . DG  B 1 8  ? -3.502  -6.116  3.960   1.00 26.60  ? 8   DG  B "C1'" 1 
ATOM   590 N N9    . DG  B 1 8  ? -2.668  -4.974  3.651   1.00 32.47  ? 8   DG  B N9    1 
ATOM   591 C C8    . DG  B 1 8  ? -1.963  -4.174  4.535   1.00 31.87  ? 8   DG  B C8    1 
ATOM   592 N N7    . DG  B 1 8  ? -1.451  -3.110  3.971   1.00 32.69  ? 8   DG  B N7    1 
ATOM   593 C C5    . DG  B 1 8  ? -1.860  -3.207  2.640   1.00 29.38  ? 8   DG  B C5    1 
ATOM   594 C C6    . DG  B 1 8  ? -1.615  -2.358  1.537   1.00 30.35  ? 8   DG  B C6    1 
ATOM   595 O O6    . DG  B 1 8  ? -0.963  -1.308  1.500   1.00 22.32  ? 8   DG  B O6    1 
ATOM   596 N N1    . DG  B 1 8  ? -2.251  -2.815  0.374   1.00 27.72  ? 8   DG  B N1    1 
ATOM   597 C C2    . DG  B 1 8  ? -3.005  -3.959  0.280   1.00 31.53  ? 8   DG  B C2    1 
ATOM   598 N N2    . DG  B 1 8  ? -3.485  -4.260  -0.939  1.00 29.66  ? 8   DG  B N2    1 
ATOM   599 N N3    . DG  B 1 8  ? -3.246  -4.762  1.300   1.00 31.49  ? 8   DG  B N3    1 
ATOM   600 C C4    . DG  B 1 8  ? -2.629  -4.334  2.442   1.00 29.29  ? 8   DG  B C4    1 
ATOM   601 P P     . DA  B 1 9  ? -6.046  -9.670  4.729   1.00 44.45  ? 9   DA  B P     1 
ATOM   602 O OP1   . DA  B 1 9  ? -6.177  -9.606  6.200   1.00 39.95  ? 9   DA  B OP1   1 
ATOM   603 O OP2   . DA  B 1 9  ? -5.733  -10.954 4.071   1.00 40.09  ? 9   DA  B OP2   1 
ATOM   604 O "O5'" . DA  B 1 9  ? -7.366  -9.072  4.065   1.00 41.80  ? 9   DA  B "O5'" 1 
ATOM   605 C "C5'" . DA  B 1 9  ? -8.185  -9.915  3.259   1.00 45.57  ? 9   DA  B "C5'" 1 
ATOM   606 C "C4'" . DA  B 1 9  ? -9.283  -9.117  2.587   1.00 45.86  ? 9   DA  B "C4'" 1 
ATOM   607 O "O4'" . DA  B 1 9  ? -9.960  -8.347  3.593   1.00 52.84  ? 9   DA  B "O4'" 1 
ATOM   608 C "C3'" . DA  B 1 9  ? -8.824  -8.136  1.516   1.00 52.54  ? 9   DA  B "C3'" 1 
ATOM   609 O "O3'" . DA  B 1 9  ? -9.042  -8.701  0.213   1.00 59.14  ? 9   DA  B "O3'" 1 
ATOM   610 C "C2'" . DA  B 1 9  ? -9.696  -6.890  1.733   1.00 54.57  ? 9   DA  B "C2'" 1 
ATOM   611 C "C1'" . DA  B 1 9  ? -10.359 -7.092  3.102   1.00 54.53  ? 9   DA  B "C1'" 1 
ATOM   612 N N9    . DA  B 1 9  ? -9.974  -6.111  4.117   1.00 61.23  ? 9   DA  B N9    1 
ATOM   613 C C8    . DA  B 1 9  ? -10.665 -5.760  5.256   1.00 65.40  ? 9   DA  B C8    1 
ATOM   614 N N7    . DA  B 1 9  ? -10.036 -4.892  6.020   1.00 57.26  ? 9   DA  B N7    1 
ATOM   615 C C5    . DA  B 1 9  ? -8.844  -4.686  5.346   1.00 58.08  ? 9   DA  B C5    1 
ATOM   616 C C6    . DA  B 1 9  ? -7.732  -3.882  5.618   1.00 52.89  ? 9   DA  B C6    1 
ATOM   617 N N6    . DA  B 1 9  ? -7.625  -3.094  6.688   1.00 44.94  ? 9   DA  B N6    1 
ATOM   618 N N1    . DA  B 1 9  ? -6.713  -3.923  4.741   1.00 64.16  ? 9   DA  B N1    1 
ATOM   619 C C2    . DA  B 1 9  ? -6.808  -4.705  3.661   1.00 58.10  ? 9   DA  B C2    1 
ATOM   620 N N3    . DA  B 1 9  ? -7.800  -5.497  3.293   1.00 58.64  ? 9   DA  B N3    1 
ATOM   621 C C4    . DA  B 1 9  ? -8.793  -5.440  4.182   1.00 58.87  ? 9   DA  B C4    1 
ATOM   622 P P     . DG  B 1 10 ? -7.810  -9.070  -0.752  1.00 59.98  ? 10  DG  B P     1 
ATOM   623 O OP1   . DG  B 1 10 ? -8.237  -10.165 -1.652  1.00 63.12  ? 10  DG  B OP1   1 
ATOM   624 O OP2   . DG  B 1 10 ? -6.607  -9.249  0.089   1.00 63.18  ? 10  DG  B OP2   1 
ATOM   625 O "O5'" . DG  B 1 10 ? -7.610  -7.725  -1.618  1.00 65.55  ? 10  DG  B "O5'" 1 
ATOM   626 C "C5'" . DG  B 1 10 ? -8.688  -7.202  -2.417  1.00 63.97  ? 10  DG  B "C5'" 1 
ATOM   627 C "C4'" . DG  B 1 10 ? -8.227  -6.063  -3.323  1.00 52.90  ? 10  DG  B "C4'" 1 
ATOM   628 O "O4'" . DG  B 1 10 ? -8.216  -4.819  -2.587  1.00 49.61  ? 10  DG  B "O4'" 1 
ATOM   629 C "C3'" . DG  B 1 10 ? -6.837  -6.217  -3.933  1.00 55.25  ? 10  DG  B "C3'" 1 
ATOM   630 O "O3'" . DG  B 1 10 ? -6.917  -6.287  -5.357  1.00 61.36  ? 10  DG  B "O3'" 1 
ATOM   631 C "C2'" . DG  B 1 10 ? -6.096  -4.954  -3.516  1.00 50.57  ? 10  DG  B "C2'" 1 
ATOM   632 C "C1'" . DG  B 1 10 ? -7.202  -3.995  -3.101  1.00 47.86  ? 10  DG  B "C1'" 1 
ATOM   633 N N9    . DG  B 1 10 ? -6.714  -3.092  -2.050  1.00 43.08  ? 10  DG  B N9    1 
ATOM   634 C C8    . DG  B 1 10 ? -6.668  -3.333  -0.692  1.00 39.43  ? 10  DG  B C8    1 
ATOM   635 N N7    . DG  B 1 10 ? -6.083  -2.379  -0.013  1.00 33.86  ? 10  DG  B N7    1 
ATOM   636 C C5    . DG  B 1 10 ? -5.672  -1.473  -0.985  1.00 33.81  ? 10  DG  B C5    1 
ATOM   637 C C6    . DG  B 1 10 ? -4.971  -0.255  -0.863  1.00 32.72  ? 10  DG  B C6    1 
ATOM   638 O O6    . DG  B 1 10 ? -4.554  0.296   0.176   1.00 37.76  ? 10  DG  B O6    1 
ATOM   639 N N1    . DG  B 1 10 ? -4.783  0.360   -2.106  1.00 29.52  ? 10  DG  B N1    1 
ATOM   640 C C2    . DG  B 1 10 ? -5.207  -0.170  -3.314  1.00 31.57  ? 10  DG  B C2    1 
ATOM   641 N N2    . DG  B 1 10 ? -4.918  0.524   -4.426  1.00 33.81  ? 10  DG  B N2    1 
ATOM   642 N N3    . DG  B 1 10 ? -5.843  -1.312  -3.432  1.00 28.51  ? 10  DG  B N3    1 
ATOM   643 C C4    . DG  B 1 10 ? -6.056  -1.903  -2.242  1.00 35.28  ? 10  DG  B C4    1 
ATOM   644 P P     . DG  B 1 11 ? -5.657  -6.808  -6.202  1.00 59.23  ? 11  DG  B P     1 
ATOM   645 O OP1   . DG  B 1 11 ? -6.161  -7.688  -7.276  1.00 68.32  ? 11  DG  B OP1   1 
ATOM   646 O OP2   . DG  B 1 11 ? -4.639  -7.315  -5.255  1.00 64.21  ? 11  DG  B OP2   1 
ATOM   647 O "O5'" . DG  B 1 11 ? -5.072  -5.488  -6.862  1.00 54.50  ? 11  DG  B "O5'" 1 
ATOM   648 C "C5'" . DG  B 1 11 ? -5.926  -4.427  -7.183  1.00 50.79  ? 11  DG  B "C5'" 1 
ATOM   649 C "C4'" . DG  B 1 11 ? -5.169  -3.433  -8.025  1.00 47.71  ? 11  DG  B "C4'" 1 
ATOM   650 O "O4'" . DG  B 1 11 ? -4.613  -2.408  -7.167  1.00 40.83  ? 11  DG  B "O4'" 1 
ATOM   651 C "C3'" . DG  B 1 11 ? -3.980  -4.010  -8.767  1.00 51.43  ? 11  DG  B "C3'" 1 
ATOM   652 O "O3'" . DG  B 1 11 ? -3.731  -3.232  -9.936  1.00 52.09  ? 11  DG  B "O3'" 1 
ATOM   653 C "C2'" . DG  B 1 11 ? -2.850  -3.860  -7.739  1.00 39.15  ? 11  DG  B "C2'" 1 
ATOM   654 C "C1'" . DG  B 1 11 ? -3.212  -2.532  -7.090  1.00 38.08  ? 11  DG  B "C1'" 1 
ATOM   655 N N9    . DG  B 1 11 ? -2.857  -2.421  -5.668  1.00 36.02  ? 11  DG  B N9    1 
ATOM   656 C C8    . DG  B 1 11 ? -3.211  -3.274  -4.651  1.00 30.68  ? 11  DG  B C8    1 
ATOM   657 N N7    . DG  B 1 11 ? -2.817  -2.864  -3.472  1.00 36.63  ? 11  DG  B N7    1 
ATOM   658 C C5    . DG  B 1 11 ? -2.211  -1.642  -3.724  1.00 31.04  ? 11  DG  B C5    1 
ATOM   659 C C6    . DG  B 1 11 ? -1.602  -0.728  -2.844  1.00 33.71  ? 11  DG  B C6    1 
ATOM   660 O O6    . DG  B 1 11 ? -1.464  -0.830  -1.616  1.00 37.66  ? 11  DG  B O6    1 
ATOM   661 N N1    . DG  B 1 11 ? -1.137  0.401   -3.516  1.00 29.10  ? 11  DG  B N1    1 
ATOM   662 C C2    . DG  B 1 11 ? -1.234  0.591   -4.894  1.00 30.35  ? 11  DG  B C2    1 
ATOM   663 N N2    . DG  B 1 11 ? -0.680  1.693   -5.410  1.00 28.66  ? 11  DG  B N2    1 
ATOM   664 N N3    . DG  B 1 11 ? -1.805  -0.261  -5.710  1.00 26.99  ? 11  DG  B N3    1 
ATOM   665 C C4    . DG  B 1 11 ? -2.279  -1.340  -5.067  1.00 30.79  ? 11  DG  B C4    1 
ATOM   666 P P     . DG  B 1 12 ? -2.666  -3.745  -11.010 1.00 63.38  ? 12  DG  B P     1 
ATOM   667 O OP1   . DG  B 1 12 ? -3.137  -3.320  -12.350 1.00 68.32  ? 12  DG  B OP1   1 
ATOM   668 O OP2   . DG  B 1 12 ? -2.397  -5.176  -10.729 1.00 60.50  ? 12  DG  B OP2   1 
ATOM   669 O "O5'" . DG  B 1 12 ? -1.356  -2.899  -10.653 1.00 56.14  ? 12  DG  B "O5'" 1 
ATOM   670 C "C5'" . DG  B 1 12 ? -1.385  -1.501  -10.843 1.00 51.13  ? 12  DG  B "C5'" 1 
ATOM   671 C "C4'" . DG  B 1 12 ? -0.055  -0.871  -10.483 1.00 51.22  ? 12  DG  B "C4'" 1 
ATOM   672 O "O4'" . DG  B 1 12 ? 0.067   -0.747  -9.041  1.00 48.62  ? 12  DG  B "O4'" 1 
ATOM   673 C "C3'" . DG  B 1 12 ? 1.204   -1.600  -10.958 1.00 51.60  ? 12  DG  B "C3'" 1 
ATOM   674 O "O3'" . DG  B 1 12 ? 2.099   -0.604  -11.404 1.00 60.63  ? 12  DG  B "O3'" 1 
ATOM   675 C "C2'" . DG  B 1 12 ? 1.721   -2.265  -9.672  1.00 38.06  ? 12  DG  B "C2'" 1 
ATOM   676 C "C1'" . DG  B 1 12 ? 1.334   -1.204  -8.657  1.00 37.94  ? 12  DG  B "C1'" 1 
ATOM   677 N N9    . DG  B 1 12 ? 1.269   -1.641  -7.262  1.00 35.73  ? 12  DG  B N9    1 
ATOM   678 C C8    . DG  B 1 12 ? 0.720   -2.793  -6.739  1.00 30.70  ? 12  DG  B C8    1 
ATOM   679 N N7    . DG  B 1 12 ? 0.816   -2.856  -5.419  1.00 33.75  ? 12  DG  B N7    1 
ATOM   680 C C5    . DG  B 1 12 ? 1.455   -1.664  -5.075  1.00 24.62  ? 12  DG  B C5    1 
ATOM   681 C C6    . DG  B 1 12 ? 1.856   -1.175  -3.806  1.00 26.79  ? 12  DG  B C6    1 
ATOM   682 O O6    . DG  B 1 12 ? 1.687   -1.724  -2.715  1.00 21.44  ? 12  DG  B O6    1 
ATOM   683 N N1    . DG  B 1 12 ? 2.441   0.088   -3.892  1.00 18.02  ? 12  DG  B N1    1 
ATOM   684 C C2    . DG  B 1 12 ? 2.679   0.760   -5.090  1.00 27.17  ? 12  DG  B C2    1 
ATOM   685 N N2    . DG  B 1 12 ? 3.302   1.930   -5.017  1.00 27.47  ? 12  DG  B N2    1 
ATOM   686 N N3    . DG  B 1 12 ? 2.318   0.304   -6.280  1.00 28.70  ? 12  DG  B N3    1 
ATOM   687 C C4    . DG  B 1 12 ? 1.715   -0.907  -6.195  1.00 28.99  ? 12  DG  B C4    1 
ATOM   688 P P     . DG  B 1 13 ? 3.369   -0.945  -12.310 1.00 66.71  ? 13  DG  B P     1 
ATOM   689 O OP1   . DG  B 1 13 ? 3.135   -0.333  -13.632 1.00 71.45  ? 13  DG  B OP1   1 
ATOM   690 O OP2   . DG  B 1 13 ? 3.655   -2.389  -12.214 1.00 68.45  ? 13  DG  B OP2   1 
ATOM   691 O "O5'" . DG  B 1 13 ? 4.539   -0.144  -11.560 1.00 61.85  ? 13  DG  B "O5'" 1 
ATOM   692 C "C5'" . DG  B 1 13 ? 4.362   1.226   -11.255 1.00 56.45  ? 13  DG  B "C5'" 1 
ATOM   693 C "C4'" . DG  B 1 13 ? 5.475   1.717   -10.351 1.00 53.54  ? 13  DG  B "C4'" 1 
ATOM   694 O "O4'" . DG  B 1 13 ? 5.191   1.322   -8.983  1.00 51.71  ? 13  DG  B "O4'" 1 
ATOM   695 C "C3'" . DG  B 1 13 ? 6.866   1.171   -10.682 1.00 56.26  ? 13  DG  B "C3'" 1 
ATOM   696 O "O3'" . DG  B 1 13 ? 7.826   2.232   -10.667 1.00 57.05  ? 13  DG  B "O3'" 1 
ATOM   697 C "C2'" . DG  B 1 13 ? 7.128   0.154   -9.567  1.00 47.53  ? 13  DG  B "C2'" 1 
ATOM   698 C "C1'" . DG  B 1 13 ? 6.348   0.764   -8.417  1.00 39.86  ? 13  DG  B "C1'" 1 
ATOM   699 N N9    . DG  B 1 13 ? 5.940   -0.203  -7.412  1.00 39.32  ? 13  DG  B N9    1 
ATOM   700 C C8    . DG  B 1 13 ? 5.278   -1.397  -7.606  1.00 28.75  ? 13  DG  B C8    1 
ATOM   701 N N7    . DG  B 1 13 ? 5.026   -2.037  -6.476  1.00 31.67  ? 13  DG  B N7    1 
ATOM   702 C C5    . DG  B 1 13 ? 5.596   -1.216  -5.494  1.00 26.20  ? 13  DG  B C5    1 
ATOM   703 C C6    . DG  B 1 13 ? 5.647   -1.372  -4.082  1.00 29.12  ? 13  DG  B C6    1 
ATOM   704 O O6    . DG  B 1 13 ? 5.215   -2.316  -3.422  1.00 25.47  ? 13  DG  B O6    1 
ATOM   705 N N1    . DG  B 1 13 ? 6.331   -0.325  -3.448  1.00 26.20  ? 13  DG  B N1    1 
ATOM   706 C C2    . DG  B 1 13 ? 6.847   0.773   -4.102  1.00 32.23  ? 13  DG  B C2    1 
ATOM   707 N N2    . DG  B 1 13 ? 7.436   1.706   -3.336  1.00 29.68  ? 13  DG  B N2    1 
ATOM   708 N N3    . DG  B 1 13 ? 6.758   0.959   -5.425  1.00 31.62  ? 13  DG  B N3    1 
ATOM   709 C C4    . DG  B 1 13 ? 6.156   -0.089  -6.053  1.00 30.93  ? 13  DG  B C4    1 
ATOM   710 P P     . DG  B 1 14 ? 9.273   2.029   -11.328 1.00 59.05  ? 14  DG  B P     1 
ATOM   711 O OP1   . DG  B 1 14 ? 9.596   3.255   -12.100 1.00 57.29  ? 14  DG  B OP1   1 
ATOM   712 O OP2   . DG  B 1 14 ? 9.302   0.705   -11.985 1.00 57.74  ? 14  DG  B OP2   1 
ATOM   713 O "O5'" . DG  B 1 14 ? 10.240  1.960   -10.054 1.00 60.97  ? 14  DG  B "O5'" 1 
ATOM   714 C "C5'" . DG  B 1 14 ? 10.385  3.103   -9.220  1.00 55.27  ? 14  DG  B "C5'" 1 
ATOM   715 C "C4'" . DG  B 1 14 ? 11.428  2.852   -8.150  1.00 52.64  ? 14  DG  B "C4'" 1 
ATOM   716 O "O4'" . DG  B 1 14 ? 10.806  2.162   -7.027  1.00 50.83  ? 14  DG  B "O4'" 1 
ATOM   717 C "C3'" . DG  B 1 14 ? 12.589  1.965   -8.585  1.00 50.61  ? 14  DG  B "C3'" 1 
ATOM   718 O "O3'" . DG  B 1 14 ? 13.729  2.312   -7.831  1.00 54.25  ? 14  DG  B "O3'" 1 
ATOM   719 C "C2'" . DG  B 1 14 ? 12.091  0.587   -8.171  1.00 49.82  ? 14  DG  B "C2'" 1 
ATOM   720 C "C1'" . DG  B 1 14 ? 11.461  0.933   -6.828  1.00 41.81  ? 14  DG  B "C1'" 1 
ATOM   721 N N9    . DG  B 1 14 ? 10.512  -0.064  -6.355  1.00 39.05  ? 14  DG  B N9    1 
ATOM   722 C C8    . DG  B 1 14 ? 9.731   -0.893  -7.124  1.00 31.95  ? 14  DG  B C8    1 
ATOM   723 N N7    . DG  B 1 14 ? 9.054   -1.759  -6.418  1.00 36.29  ? 14  DG  B N7    1 
ATOM   724 C C5    . DG  B 1 14 ? 9.421   -1.493  -5.096  1.00 34.55  ? 14  DG  B C5    1 
ATOM   725 C C6    . DG  B 1 14 ? 8.995   -2.093  -3.876  1.00 40.73  ? 14  DG  B C6    1 
ATOM   726 O O6    . DG  B 1 14 ? 8.199   -3.035  -3.711  1.00 34.34  ? 14  DG  B O6    1 
ATOM   727 N N1    . DG  B 1 14 ? 9.612   -1.507  -2.768  1.00 36.88  ? 14  DG  B N1    1 
ATOM   728 C C2    . DG  B 1 14 ? 10.529  -0.479  -2.832  1.00 39.23  ? 14  DG  B C2    1 
ATOM   729 N N2    . DG  B 1 14 ? 11.047  -0.055  -1.664  1.00 38.13  ? 14  DG  B N2    1 
ATOM   730 N N3    . DG  B 1 14 ? 10.924  0.083   -3.961  1.00 33.43  ? 14  DG  B N3    1 
ATOM   731 C C4    . DG  B 1 14 ? 10.327  -0.465  -5.047  1.00 30.88  ? 14  DG  B C4    1 
ATOM   732 P P     . DA  B 1 15 ? 15.142  2.620   -8.529  1.00 51.53  ? 15  DA  B P     1 
ATOM   733 O OP1   . DA  B 1 15 ? 15.363  1.662   -9.633  1.00 44.17  ? 15  DA  B OP1   1 
ATOM   734 O OP2   . DA  B 1 15 ? 16.132  2.738   -7.441  1.00 49.97  ? 15  DA  B OP2   1 
ATOM   735 O "O5'" . DA  B 1 15 ? 14.901  4.069   -9.152  1.00 48.74  ? 15  DA  B "O5'" 1 
ATOM   736 C "C5'" . DA  B 1 15 ? 15.175  5.239   -8.410  1.00 44.78  ? 15  DA  B "C5'" 1 
ATOM   737 C "C4'" . DA  B 1 15 ? 14.938  6.453   -9.282  1.00 41.68  ? 15  DA  B "C4'" 1 
ATOM   738 O "O4'" . DA  B 1 15 ? 16.118  6.679   -10.099 1.00 40.78  ? 15  DA  B "O4'" 1 
ATOM   739 C "C3'" . DA  B 1 15 ? 13.788  6.273   -10.267 1.00 42.86  ? 15  DA  B "C3'" 1 
ATOM   740 O "O3'" . DA  B 1 15 ? 13.175  7.517   -10.493 1.00 49.16  ? 15  DA  B "O3'" 1 
ATOM   741 C "C2'" . DA  B 1 15 ? 14.492  5.734   -11.522 1.00 39.71  ? 15  DA  B "C2'" 1 
ATOM   742 C "C1'" . DA  B 1 15 ? 15.793  6.538   -11.476 1.00 35.75  ? 15  DA  B "C1'" 1 
ATOM   743 N N9    . DA  B 1 15 ? 16.952  5.968   -12.191 1.00 34.22  ? 15  DA  B N9    1 
ATOM   744 C C8    . DA  B 1 15 ? 17.490  4.720   -12.071 1.00 32.83  ? 15  DA  B C8    1 
ATOM   745 N N7    . DA  B 1 15 ? 18.564  4.528   -12.806 1.00 36.09  ? 15  DA  B N7    1 
ATOM   746 C C5    . DA  B 1 15 ? 18.744  5.733   -13.454 1.00 31.06  ? 15  DA  B C5    1 
ATOM   747 C C6    . DA  B 1 15 ? 19.696  6.182   -14.389 1.00 30.94  ? 15  DA  B C6    1 
ATOM   748 N N6    . DA  B 1 15 ? 20.712  5.442   -14.834 1.00 33.89  ? 15  DA  B N6    1 
ATOM   749 N N1    . DA  B 1 15 ? 19.597  7.453   -14.817 1.00 30.35  ? 15  DA  B N1    1 
ATOM   750 C C2    . DA  B 1 15 ? 18.581  8.203   -14.392 1.00 32.09  ? 15  DA  B C2    1 
ATOM   751 N N3    . DA  B 1 15 ? 17.630  7.899   -13.512 1.00 38.14  ? 15  DA  B N3    1 
ATOM   752 C C4    . DA  B 1 15 ? 17.763  6.630   -13.089 1.00 30.09  ? 15  DA  B C4    1 
ATOM   753 P P     . DA  B 1 16 ? 11.586  7.613   -10.660 1.00 56.42  ? 16  DA  B P     1 
ATOM   754 O OP1   . DA  B 1 16 ? 11.143  6.421   -11.415 1.00 58.97  ? 16  DA  B OP1   1 
ATOM   755 O OP2   . DA  B 1 16 ? 11.269  8.971   -11.152 1.00 58.91  ? 16  DA  B OP2   1 
ATOM   756 O "O5'" . DA  B 1 16 ? 11.092  7.539   -9.131  1.00 60.37  ? 16  DA  B "O5'" 1 
ATOM   757 C "C5'" . DA  B 1 16 ? 10.044  6.684   -8.724  1.00 61.25  ? 16  DA  B "C5'" 1 
ATOM   758 C "C4'" . DA  B 1 16 ? 10.210  6.284   -7.258  1.00 59.44  ? 16  DA  B "C4'" 1 
ATOM   759 O "O4'" . DA  B 1 16 ? 11.585  5.922   -6.990  1.00 55.68  ? 16  DA  B "O4'" 1 
ATOM   760 C "C3'" . DA  B 1 16 ? 9.845   7.350   -6.207  1.00 59.20  ? 16  DA  B "C3'" 1 
ATOM   761 O "O3'" . DA  B 1 16 ? 8.865   6.838   -5.297  1.00 59.13  ? 16  DA  B "O3'" 1 
ATOM   762 C "C2'" . DA  B 1 16 ? 11.161  7.580   -5.453  1.00 55.05  ? 16  DA  B "C2'" 1 
ATOM   763 C "C1'" . DA  B 1 16 ? 11.839  6.236   -5.651  1.00 55.94  ? 16  DA  B "C1'" 1 
ATOM   764 N N9    . DA  B 1 16 ? 13.274  6.249   -5.420  1.00 55.66  ? 16  DA  B N9    1 
ATOM   765 C C8    . DA  B 1 16 ? 14.037  5.206   -4.989  1.00 60.05  ? 16  DA  B C8    1 
ATOM   766 N N7    . DA  B 1 16 ? 15.302  5.507   -4.824  1.00 61.78  ? 16  DA  B N7    1 
ATOM   767 C C5    . DA  B 1 16 ? 15.373  6.845   -5.170  1.00 62.49  ? 16  DA  B C5    1 
ATOM   768 C C6    . DA  B 1 16 ? 16.448  7.763   -5.213  1.00 62.16  ? 16  DA  B C6    1 
ATOM   769 N N6    . DA  B 1 16 ? 17.704  7.443   -4.881  1.00 59.93  ? 16  DA  B N6    1 
ATOM   770 N N1    . DA  B 1 16 ? 16.176  9.030   -5.606  1.00 64.26  ? 16  DA  B N1    1 
ATOM   771 C C2    . DA  B 1 16 ? 14.915  9.350   -5.931  1.00 59.42  ? 16  DA  B C2    1 
ATOM   772 N N3    . DA  B 1 16 ? 13.828  8.574   -5.929  1.00 57.84  ? 16  DA  B N3    1 
ATOM   773 C C4    . DA  B 1 16 ? 14.128  7.322   -5.535  1.00 60.97  ? 16  DA  B C4    1 
ATOM   774 P P     . DG  B 1 17 ? 7.310   6.711   -5.678  1.00 53.61  ? 17  DG  B P     1 
ATOM   775 O OP1   . DG  B 1 17 ? 7.087   5.346   -6.195  1.00 53.29  ? 17  DG  B OP1   1 
ATOM   776 O OP2   . DG  B 1 17 ? 6.885   7.894   -6.469  1.00 46.58  ? 17  DG  B OP2   1 
ATOM   777 O "O5'" . DG  B 1 17 ? 6.632   6.830   -4.240  1.00 57.21  ? 17  DG  B "O5'" 1 
ATOM   778 C "C5'" . DG  B 1 17 ? 6.849   8.001   -3.472  1.00 53.81  ? 17  DG  B "C5'" 1 
ATOM   779 C "C4'" . DG  B 1 17 ? 7.156   7.642   -2.037  1.00 50.05  ? 17  DG  B "C4'" 1 
ATOM   780 O "O4'" . DG  B 1 17 ? 6.088   6.808   -1.514  1.00 49.80  ? 17  DG  B "O4'" 1 
ATOM   781 C "C3'" . DG  B 1 17 ? 8.459   6.874   -1.823  1.00 47.42  ? 17  DG  B "C3'" 1 
ATOM   782 O "O3'" . DG  B 1 17 ? 9.099   7.339   -0.645  1.00 54.62  ? 17  DG  B "O3'" 1 
ATOM   783 C "C2'" . DG  B 1 17 ? 7.989   5.437   -1.654  1.00 42.18  ? 17  DG  B "C2'" 1 
ATOM   784 C "C1'" . DG  B 1 17 ? 6.618   5.608   -1.013  1.00 44.17  ? 17  DG  B "C1'" 1 
ATOM   785 N N9    . DG  B 1 17 ? 5.726   4.519   -1.375  1.00 40.77  ? 17  DG  B N9    1 
ATOM   786 C C8    . DG  B 1 17 ? 5.211   4.246   -2.623  1.00 43.32  ? 17  DG  B C8    1 
ATOM   787 N N7    . DG  B 1 17 ? 4.508   3.146   -2.667  1.00 39.35  ? 17  DG  B N7    1 
ATOM   788 C C5    . DG  B 1 17 ? 4.572   2.663   -1.362  1.00 33.62  ? 17  DG  B C5    1 
ATOM   789 C C6    . DG  B 1 17 ? 4.008   1.508   -0.797  1.00 30.63  ? 17  DG  B C6    1 
ATOM   790 O O6    . DG  B 1 17 ? 3.284   0.654   -1.346  1.00 32.47  ? 17  DG  B O6    1 
ATOM   791 N N1    . DG  B 1 17 ? 4.320   1.390   0.559   1.00 36.75  ? 17  DG  B N1    1 
ATOM   792 C C2    . DG  B 1 17 ? 5.097   2.282   1.281   1.00 35.55  ? 17  DG  B C2    1 
ATOM   793 N N2    . DG  B 1 17 ? 5.326   1.980   2.582   1.00 30.19  ? 17  DG  B N2    1 
ATOM   794 N N3    . DG  B 1 17 ? 5.623   3.383   0.763   1.00 34.07  ? 17  DG  B N3    1 
ATOM   795 C C4    . DG  B 1 17 ? 5.326   3.502   -0.563  1.00 39.53  ? 17  DG  B C4    1 
ATOM   796 P P     . DG  B 1 18 ? 10.614  6.937   -0.322  1.00 63.02  ? 18  DG  B P     1 
ATOM   797 O OP1   . DG  B 1 18 ? 11.226  8.080   0.389   1.00 65.26  ? 18  DG  B OP1   1 
ATOM   798 O OP2   . DG  B 1 18 ? 11.232  6.398   -1.553  1.00 58.65  ? 18  DG  B OP2   1 
ATOM   799 O "O5'" . DG  B 1 18 ? 10.458  5.739   0.712   1.00 62.36  ? 18  DG  B "O5'" 1 
ATOM   800 C "C5'" . DG  B 1 18 ? 9.929   6.012   1.990   1.00 60.05  ? 18  DG  B "C5'" 1 
ATOM   801 C "C4'" . DG  B 1 18 ? 10.180  4.849   2.919   1.00 55.06  ? 18  DG  B "C4'" 1 
ATOM   802 O "O4'" . DG  B 1 18 ? 9.231   3.787   2.648   1.00 47.98  ? 18  DG  B "O4'" 1 
ATOM   803 C "C3'" . DG  B 1 18 ? 11.557  4.203   2.809   1.00 56.36  ? 18  DG  B "C3'" 1 
ATOM   804 O "O3'" . DG  B 1 18 ? 11.875  3.673   4.082   1.00 63.34  ? 18  DG  B "O3'" 1 
ATOM   805 C "C2'" . DG  B 1 18 ? 11.308  3.087   1.799   1.00 49.67  ? 18  DG  B "C2'" 1 
ATOM   806 C "C1'" . DG  B 1 18 ? 9.927   2.624   2.254   1.00 47.14  ? 18  DG  B "C1'" 1 
ATOM   807 N N9    . DG  B 1 18 ? 9.126   1.909   1.251   1.00 40.16  ? 18  DG  B N9    1 
ATOM   808 C C8    . DG  B 1 18 ? 8.900   2.259   -0.061  1.00 40.66  ? 18  DG  B C8    1 
ATOM   809 N N7    . DG  B 1 18 ? 8.121   1.421   -0.696  1.00 34.91  ? 18  DG  B N7    1 
ATOM   810 C C5    . DG  B 1 18 ? 7.806   0.459   0.257   1.00 28.37  ? 18  DG  B C5    1 
ATOM   811 C C6    . DG  B 1 18 ? 6.975   -0.686  0.156   1.00 40.79  ? 18  DG  B C6    1 
ATOM   812 O O6    . DG  B 1 18 ? 6.349   -1.108  -0.860  1.00 36.58  ? 18  DG  B O6    1 
ATOM   813 N N1    . DG  B 1 18 ? 6.922   -1.384  1.376   1.00 36.53  ? 18  DG  B N1    1 
ATOM   814 C C2    . DG  B 1 18 ? 7.578   -0.988  2.543   1.00 38.03  ? 18  DG  B C2    1 
ATOM   815 N N2    . DG  B 1 18 ? 7.431   -1.760  3.626   1.00 29.53  ? 18  DG  B N2    1 
ATOM   816 N N3    . DG  B 1 18 ? 8.342   0.086   2.631   1.00 30.73  ? 18  DG  B N3    1 
ATOM   817 C C4    . DG  B 1 18 ? 8.403   0.764   1.463   1.00 37.73  ? 18  DG  B C4    1 
ATOM   818 P P     . DG  B 1 19 ? 13.361  3.231   4.440   1.00 66.75  ? 19  DG  B P     1 
ATOM   819 O OP1   . DG  B 1 19 ? 13.736  3.947   5.684   1.00 65.10  ? 19  DG  B OP1   1 
ATOM   820 O OP2   . DG  B 1 19 ? 14.191  3.361   3.217   1.00 63.75  ? 19  DG  B OP2   1 
ATOM   821 O "O5'" . DG  B 1 19 ? 13.194  1.672   4.776   1.00 62.11  ? 19  DG  B "O5'" 1 
ATOM   822 C "C5'" . DG  B 1 19 ? 12.328  1.265   5.834   1.00 62.62  ? 19  DG  B "C5'" 1 
ATOM   823 C "C4'" . DG  B 1 19 ? 12.396  -0.237  6.034   1.00 56.34  ? 19  DG  B "C4'" 1 
ATOM   824 O "O4'" . DG  B 1 19 ? 11.467  -0.893  5.120   1.00 54.94  ? 19  DG  B "O4'" 1 
ATOM   825 C "C3'" . DG  B 1 19 ? 13.754  -0.865  5.739   1.00 61.11  ? 19  DG  B "C3'" 1 
ATOM   826 O "O3'" . DG  B 1 19 ? 13.909  -2.047  6.525   1.00 66.71  ? 19  DG  B "O3'" 1 
ATOM   827 C "C2'" . DG  B 1 19 ? 13.607  -1.231  4.266   1.00 59.75  ? 19  DG  B "C2'" 1 
ATOM   828 C "C1'" . DG  B 1 19 ? 12.195  -1.786  4.299   1.00 48.74  ? 19  DG  B "C1'" 1 
ATOM   829 N N9    . DG  B 1 19 ? 11.534  -1.872  3.001   1.00 45.95  ? 19  DG  B N9    1 
ATOM   830 C C8    . DG  B 1 19 ? 11.643  -1.008  1.933   1.00 44.32  ? 19  DG  B C8    1 
ATOM   831 N N7    . DG  B 1 19 ? 10.905  -1.364  0.908   1.00 45.78  ? 19  DG  B N7    1 
ATOM   832 C C5    . DG  B 1 19 ? 10.268  -2.533  1.338   1.00 40.57  ? 19  DG  B C5    1 
ATOM   833 C C6    . DG  B 1 19 ? 9.331   -3.372  0.670   1.00 37.16  ? 19  DG  B C6    1 
ATOM   834 O O6    . DG  B 1 19 ? 8.869   -3.226  -0.476  1.00 29.94  ? 19  DG  B O6    1 
ATOM   835 N N1    . DG  B 1 19 ? 8.949   -4.465  1.462   1.00 29.33  ? 19  DG  B N1    1 
ATOM   836 C C2    . DG  B 1 19 ? 9.394   -4.680  2.763   1.00 36.80  ? 19  DG  B C2    1 
ATOM   837 N N2    . DG  B 1 19 ? 8.915   -5.750  3.415   1.00 33.48  ? 19  DG  B N2    1 
ATOM   838 N N3    . DG  B 1 19 ? 10.261  -3.898  3.382   1.00 37.53  ? 19  DG  B N3    1 
ATOM   839 C C4    . DG  B 1 19 ? 10.647  -2.848  2.619   1.00 38.74  ? 19  DG  B C4    1 
ATOM   840 P P     . DA  B 1 20 ? 14.637  -1.995  7.947   1.00 66.40  ? 20  DA  B P     1 
ATOM   841 O OP1   . DA  B 1 20 ? 14.307  -3.237  8.671   1.00 63.99  ? 20  DA  B OP1   1 
ATOM   842 O OP2   . DA  B 1 20 ? 14.351  -0.678  8.566   1.00 55.07  ? 20  DA  B OP2   1 
ATOM   843 O "O5'" . DA  B 1 20 ? 16.174  -2.052  7.527   1.00 67.29  ? 20  DA  B "O5'" 1 
ATOM   844 C "C5'" . DA  B 1 20 ? 16.994  -3.075  8.064   1.00 76.82  ? 20  DA  B "C5'" 1 
ATOM   845 C "C4'" . DA  B 1 20 ? 17.730  -3.821  6.973   1.00 78.00  ? 20  DA  B "C4'" 1 
ATOM   846 O "O4'" . DA  B 1 20 ? 18.607  -4.791  7.587   1.00 81.03  ? 20  DA  B "O4'" 1 
ATOM   847 C "C3'" . DA  B 1 20 ? 16.831  -4.609  6.020   1.00 83.63  ? 20  DA  B "C3'" 1 
ATOM   848 O "O3'" . DA  B 1 20 ? 16.908  -4.047  4.713   1.00 87.87  ? 20  DA  B "O3'" 1 
ATOM   849 C "C2'" . DA  B 1 20 ? 17.399  -6.033  6.057   1.00 79.77  ? 20  DA  B "C2'" 1 
ATOM   850 C "C1'" . DA  B 1 20 ? 18.051  -6.069  7.428   1.00 77.14  ? 20  DA  B "C1'" 1 
ATOM   851 N N9    . DA  B 1 20 ? 17.102  -6.281  8.513   1.00 68.98  ? 20  DA  B N9    1 
ATOM   852 C C8    . DA  B 1 20 ? 15.991  -5.535  8.781   1.00 69.11  ? 20  DA  B C8    1 
ATOM   853 N N7    . DA  B 1 20 ? 15.311  -5.952  9.820   1.00 66.32  ? 20  DA  B N7    1 
ATOM   854 C C5    . DA  B 1 20 ? 16.024  -7.052  10.265  1.00 67.45  ? 20  DA  B C5    1 
ATOM   855 C C6    . DA  B 1 20 ? 15.827  -7.936  11.345  1.00 71.69  ? 20  DA  B C6    1 
ATOM   856 N N6    . DA  B 1 20 ? 14.789  -7.841  12.188  1.00 74.67  ? 20  DA  B N6    1 
ATOM   857 N N1    . DA  B 1 20 ? 16.736  -8.927  11.521  1.00 69.91  ? 20  DA  B N1    1 
ATOM   858 C C2    . DA  B 1 20 ? 17.766  -9.017  10.668  1.00 66.81  ? 20  DA  B C2    1 
ATOM   859 N N3    . DA  B 1 20 ? 18.052  -8.246  9.618   1.00 66.39  ? 20  DA  B N3    1 
ATOM   860 C C4    . DA  B 1 20 ? 17.133  -7.272  9.471   1.00 67.86  ? 20  DA  B C4    1 
HETATM 861 K K     . K   C 2 .  ? 0.957   -0.526  -0.286  1.00 30.86  ? 101 K   A K     1 
HETATM 862 K K     . K   D 2 .  ? 3.762   -2.176  -0.970  1.00 32.30  ? 102 K   A K     1 
HETATM 863 K K     . K   E 2 .  ? 6.756   -3.993  -1.647  1.00 31.97  ? 103 K   A K     1 
HETATM 864 K K     . K   F 2 .  ? -1.888  1.146   0.348   1.00 33.16  ? 104 K   A K     1 
HETATM 865 K K     . K   G 2 .  ? -4.802  2.936   1.029   1.00 36.78  ? 101 K   B K     1 
HETATM 866 K K     . K   H 2 .  ? -7.715  4.665   1.759   1.00 47.12  ? 102 K   B K     1 
HETATM 867 O O     . HOH I 3 .  ? 5.589   5.966   2.184   1.00 47.71  ? 201 HOH A O     1 
HETATM 868 O O     . HOH I 3 .  ? 6.850   8.228   1.454   1.00 44.12  ? 202 HOH A O     1 
HETATM 869 O O     . HOH I 3 .  ? 2.634   8.464   -0.008  1.00 47.29  ? 203 HOH A O     1 
HETATM 870 O O     . HOH I 3 .  ? 0.805   -2.092  8.056   1.00 45.04  ? 204 HOH A O     1 
HETATM 871 O O     . HOH I 3 .  ? 1.612   -4.186  7.077   1.00 50.21  ? 205 HOH A O     1 
HETATM 872 O O     . HOH I 3 .  ? 2.623   -10.411 2.062   1.00 36.15  ? 206 HOH A O     1 
HETATM 873 O O     . HOH I 3 .  ? 2.180   -12.739 0.606   1.00 36.99  ? 207 HOH A O     1 
HETATM 874 O O     . HOH I 3 .  ? 7.626   10.424  -5.741  1.00 51.73  ? 208 HOH A O     1 
HETATM 875 O O     . HOH I 3 .  ? -4.646  4.385   -14.614 1.00 56.03  ? 209 HOH A O     1 
HETATM 876 O O     . HOH I 3 .  ? -3.300  -7.128  -2.701  1.00 35.34  ? 210 HOH A O     1 
HETATM 877 O O     . HOH I 3 .  ? 0.505   -5.988  -7.509  1.00 56.81  ? 211 HOH A O     1 
HETATM 878 O O     . HOH I 3 .  ? 2.889   -5.539  -9.116  1.00 50.13  ? 212 HOH A O     1 
HETATM 879 O O     . HOH I 3 .  ? -0.269  5.597   7.754   1.00 59.80  ? 213 HOH A O     1 
HETATM 880 O O     . HOH I 3 .  ? -3.553  -12.413 5.795   1.00 46.99  ? 214 HOH A O     1 
HETATM 881 O O     . HOH I 3 .  ? 2.312   -22.058 6.197   1.00 64.88  ? 215 HOH A O     1 
HETATM 882 O O     . HOH I 3 .  ? 5.275   -18.034 0.013   0.50 36.07  ? 216 HOH A O     1 
HETATM 883 O O     . HOH I 3 .  ? 6.069   -15.461 0.165   1.00 43.52  ? 217 HOH A O     1 
HETATM 884 O O     . HOH I 3 .  ? 10.318  -19.128 5.151   1.00 64.95  ? 218 HOH A O     1 
HETATM 885 O O     . HOH I 3 .  ? 3.770   6.978   -11.813 1.00 60.05  ? 219 HOH A O     1 
HETATM 886 O O     . HOH I 3 .  ? -1.445  -6.989  -5.636  1.00 43.47  ? 220 HOH A O     1 
HETATM 887 O O     . HOH I 3 .  ? 7.218   -3.929  -10.301 1.00 49.79  ? 221 HOH A O     1 
HETATM 888 O O     . HOH J 3 .  ? 9.083   -1.559  6.180   1.00 44.28  ? 201 HOH B O     1 
HETATM 889 O O     . HOH J 3 .  ? 7.065   3.797   4.365   1.00 45.60  ? 202 HOH B O     1 
HETATM 890 O O     . HOH J 3 .  ? -5.606  -6.409  0.791   1.00 40.27  ? 203 HOH B O     1 
HETATM 891 O O     . HOH J 3 .  ? 0.149   2.387   -8.316  1.00 60.99  ? 204 HOH B O     1 
HETATM 892 O O     . HOH J 3 .  ? -6.155  0.903   9.778   1.00 59.24  ? 205 HOH B O     1 
HETATM 893 O O     . HOH J 3 .  ? -6.736  -13.513 4.986   1.00 40.74  ? 206 HOH B O     1 
HETATM 894 O O     . HOH J 3 .  ? 9.335   3.450   -4.753  1.00 44.06  ? 207 HOH B O     1 
HETATM 895 O O     . HOH J 3 .  ? 9.881   -6.663  6.131   1.00 44.45  ? 208 HOH B O     1 
HETATM 896 O O     . HOH J 3 .  ? 13.932  2.832   -12.212 1.00 61.70  ? 209 HOH B O     1 
HETATM 897 O O     . HOH J 3 .  ? -17.983 0.042   1.742   1.00 54.16  ? 210 HOH B O     1 
HETATM 898 O O     . HOH J 3 .  ? 10.997  4.020   -2.600  1.00 46.01  ? 211 HOH B O     1 
# 
